data_2L7X
# 
_entry.id   2L7X 
# 
_audit_conform.dict_name       mmcif_pdbx.dic 
_audit_conform.dict_version    5.391 
_audit_conform.dict_location   http://mmcif.pdb.org/dictionaries/ascii/mmcif_pdbx.dic 
# 
loop_
_database_2.database_id 
_database_2.database_code 
_database_2.pdbx_database_accession 
_database_2.pdbx_DOI 
PDB   2L7X         pdb_00002l7x 10.2210/pdb2l7x/pdb 
RCSB  RCSB102068   ?            ?                   
BMRB  17383        ?            10.13018/BMR17383   
WWPDB D_1000102068 ?            ?                   
# 
loop_
_pdbx_audit_revision_history.ordinal 
_pdbx_audit_revision_history.data_content_type 
_pdbx_audit_revision_history.major_revision 
_pdbx_audit_revision_history.minor_revision 
_pdbx_audit_revision_history.revision_date 
1 'Structure model' 1 0 2011-04-20 
2 'Structure model' 1 1 2011-07-13 
3 'Structure model' 1 2 2024-05-01 
# 
_pdbx_audit_revision_details.ordinal             1 
_pdbx_audit_revision_details.revision_ordinal    1 
_pdbx_audit_revision_details.data_content_type   'Structure model' 
_pdbx_audit_revision_details.provider            repository 
_pdbx_audit_revision_details.type                'Initial release' 
_pdbx_audit_revision_details.description         ? 
_pdbx_audit_revision_details.details             ? 
# 
loop_
_pdbx_audit_revision_group.ordinal 
_pdbx_audit_revision_group.revision_ordinal 
_pdbx_audit_revision_group.data_content_type 
_pdbx_audit_revision_group.group 
1 2 'Structure model' 'Version format compliance' 
2 3 'Structure model' 'Data collection'           
3 3 'Structure model' 'Database references'       
4 3 'Structure model' 'Derived calculations'      
# 
loop_
_pdbx_audit_revision_category.ordinal 
_pdbx_audit_revision_category.revision_ordinal 
_pdbx_audit_revision_category.data_content_type 
_pdbx_audit_revision_category.category 
1 3 'Structure model' chem_comp_atom         
2 3 'Structure model' chem_comp_bond         
3 3 'Structure model' database_2             
4 3 'Structure model' pdbx_nmr_software      
5 3 'Structure model' pdbx_nmr_spectrometer  
6 3 'Structure model' pdbx_struct_conn_angle 
7 3 'Structure model' struct_conn            
8 3 'Structure model' struct_site            
# 
loop_
_pdbx_audit_revision_item.ordinal 
_pdbx_audit_revision_item.revision_ordinal 
_pdbx_audit_revision_item.data_content_type 
_pdbx_audit_revision_item.item 
1  3 'Structure model' '_database_2.pdbx_DOI'                        
2  3 'Structure model' '_database_2.pdbx_database_accession'         
3  3 'Structure model' '_pdbx_nmr_software.name'                     
4  3 'Structure model' '_pdbx_nmr_spectrometer.model'                
5  3 'Structure model' '_pdbx_struct_conn_angle.ptnr1_auth_comp_id'  
6  3 'Structure model' '_pdbx_struct_conn_angle.ptnr1_auth_seq_id'   
7  3 'Structure model' '_pdbx_struct_conn_angle.ptnr1_label_atom_id' 
8  3 'Structure model' '_pdbx_struct_conn_angle.ptnr1_label_comp_id' 
9  3 'Structure model' '_pdbx_struct_conn_angle.ptnr1_label_seq_id'  
10 3 'Structure model' '_pdbx_struct_conn_angle.ptnr3_auth_comp_id'  
11 3 'Structure model' '_pdbx_struct_conn_angle.ptnr3_auth_seq_id'   
12 3 'Structure model' '_pdbx_struct_conn_angle.ptnr3_label_atom_id' 
13 3 'Structure model' '_pdbx_struct_conn_angle.ptnr3_label_comp_id' 
14 3 'Structure model' '_pdbx_struct_conn_angle.ptnr3_label_seq_id'  
15 3 'Structure model' '_pdbx_struct_conn_angle.value'               
16 3 'Structure model' '_struct_conn.pdbx_dist_value'                
17 3 'Structure model' '_struct_conn.ptnr1_auth_comp_id'             
18 3 'Structure model' '_struct_conn.ptnr1_auth_seq_id'              
19 3 'Structure model' '_struct_conn.ptnr1_label_atom_id'            
20 3 'Structure model' '_struct_conn.ptnr1_label_comp_id'            
21 3 'Structure model' '_struct_conn.ptnr1_label_seq_id'             
22 3 'Structure model' '_struct_conn.ptnr2_auth_seq_id'              
23 3 'Structure model' '_struct_conn.ptnr2_label_asym_id'            
24 3 'Structure model' '_struct_site.pdbx_auth_asym_id'              
25 3 'Structure model' '_struct_site.pdbx_auth_comp_id'              
26 3 'Structure model' '_struct_site.pdbx_auth_seq_id'               
# 
_pdbx_database_status.deposit_site                    BMRB 
_pdbx_database_status.entry_id                        2L7X 
_pdbx_database_status.process_site                    RCSB 
_pdbx_database_status.recvd_initial_deposition_date   2010-12-27 
_pdbx_database_status.SG_entry                        ? 
_pdbx_database_status.status_code                     REL 
_pdbx_database_status.status_code_mr                  REL 
_pdbx_database_status.status_code_sf                  ? 
_pdbx_database_status.status_code_cs                  REL 
_pdbx_database_status.pdb_format_compatible           Y 
_pdbx_database_status.status_code_nmr_data            ? 
_pdbx_database_status.methods_development_category    ? 
# 
_pdbx_database_related.db_id          17383 
_pdbx_database_related.db_name        BMRB 
_pdbx_database_related.content_type   unspecified 
_pdbx_database_related.details        . 
# 
loop_
_audit_author.name 
_audit_author.pdbx_ordinal 
'Estrada, D.F.'   1 
'De Guzman, R.N.' 2 
# 
_citation.id                        primary 
_citation.title                     
'Structural characterization of the crimean-congo hemorrhagic Fever virus gn tail provides insight into virus assembly.' 
_citation.journal_abbrev            J.Biol.Chem. 
_citation.journal_volume            286 
_citation.page_first                21678 
_citation.page_last                 21686 
_citation.year                      2011 
_citation.journal_id_ASTM           JBCHA3 
_citation.country                   US 
_citation.journal_id_ISSN           0021-9258 
_citation.journal_id_CSD            0071 
_citation.book_publisher            ? 
_citation.pdbx_database_id_PubMed   21507948 
_citation.pdbx_database_id_DOI      10.1074/jbc.M110.216515 
# 
loop_
_citation_author.citation_id 
_citation_author.name 
_citation_author.ordinal 
_citation_author.identifier_ORCID 
primary 'Estrada, D.F.'   1 ? 
primary 'De Guzman, R.N.' 2 ? 
# 
loop_
_entity.id 
_entity.type 
_entity.src_method 
_entity.pdbx_description 
_entity.formula_weight 
_entity.pdbx_number_of_molecules 
_entity.pdbx_ec 
_entity.pdbx_mutation 
_entity.pdbx_fragment 
_entity.details 
1 polymer     man 'Envelope glycoprotein' 8936.283 1 ? ? 'sequence database residues 734-810' ? 
2 non-polymer syn 'ZINC ION'              65.409   2 ? ? ?                                    ? 
# 
_entity_poly.entity_id                      1 
_entity_poly.type                           'polypeptide(L)' 
_entity_poly.nstd_linkage                   no 
_entity_poly.nstd_monomer                   no 
_entity_poly.pdbx_seq_one_letter_code       RELKPQTCTICETTPVNAIDAEMHDLNCSYNICPYCASRLTSDGLARHVTQCPKRKEKVEETELYLNLERIPWVVRK 
_entity_poly.pdbx_seq_one_letter_code_can   RELKPQTCTICETTPVNAIDAEMHDLNCSYNICPYCASRLTSDGLARHVTQCPKRKEKVEETELYLNLERIPWVVRK 
_entity_poly.pdbx_strand_id                 A 
_entity_poly.pdbx_target_identifier         ? 
# 
_pdbx_entity_nonpoly.entity_id   2 
_pdbx_entity_nonpoly.name        'ZINC ION' 
_pdbx_entity_nonpoly.comp_id     ZN 
# 
loop_
_entity_poly_seq.entity_id 
_entity_poly_seq.num 
_entity_poly_seq.mon_id 
_entity_poly_seq.hetero 
1 1  ARG n 
1 2  GLU n 
1 3  LEU n 
1 4  LYS n 
1 5  PRO n 
1 6  GLN n 
1 7  THR n 
1 8  CYS n 
1 9  THR n 
1 10 ILE n 
1 11 CYS n 
1 12 GLU n 
1 13 THR n 
1 14 THR n 
1 15 PRO n 
1 16 VAL n 
1 17 ASN n 
1 18 ALA n 
1 19 ILE n 
1 20 ASP n 
1 21 ALA n 
1 22 GLU n 
1 23 MET n 
1 24 HIS n 
1 25 ASP n 
1 26 LEU n 
1 27 ASN n 
1 28 CYS n 
1 29 SER n 
1 30 TYR n 
1 31 ASN n 
1 32 ILE n 
1 33 CYS n 
1 34 PRO n 
1 35 TYR n 
1 36 CYS n 
1 37 ALA n 
1 38 SER n 
1 39 ARG n 
1 40 LEU n 
1 41 THR n 
1 42 SER n 
1 43 ASP n 
1 44 GLY n 
1 45 LEU n 
1 46 ALA n 
1 47 ARG n 
1 48 HIS n 
1 49 VAL n 
1 50 THR n 
1 51 GLN n 
1 52 CYS n 
1 53 PRO n 
1 54 LYS n 
1 55 ARG n 
1 56 LYS n 
1 57 GLU n 
1 58 LYS n 
1 59 VAL n 
1 60 GLU n 
1 61 GLU n 
1 62 THR n 
1 63 GLU n 
1 64 LEU n 
1 65 TYR n 
1 66 LEU n 
1 67 ASN n 
1 68 LEU n 
1 69 GLU n 
1 70 ARG n 
1 71 ILE n 
1 72 PRO n 
1 73 TRP n 
1 74 VAL n 
1 75 VAL n 
1 76 ARG n 
1 77 LYS n 
# 
_entity_src_gen.entity_id                          1 
_entity_src_gen.pdbx_src_id                        1 
_entity_src_gen.pdbx_alt_source_flag               sample 
_entity_src_gen.pdbx_seq_type                      ? 
_entity_src_gen.pdbx_beg_seq_num                   ? 
_entity_src_gen.pdbx_end_seq_num                   ? 
_entity_src_gen.gene_src_common_name               ? 
_entity_src_gen.gene_src_genus                     ? 
_entity_src_gen.pdbx_gene_src_gene                 GPC 
_entity_src_gen.gene_src_species                   ? 
_entity_src_gen.gene_src_strain                    SPU103/87 
_entity_src_gen.gene_src_tissue                    ? 
_entity_src_gen.gene_src_tissue_fraction           ? 
_entity_src_gen.gene_src_details                   ? 
_entity_src_gen.pdbx_gene_src_fragment             ? 
_entity_src_gen.pdbx_gene_src_scientific_name      'Crimean-Congo hemorrhagic fever virus' 
_entity_src_gen.pdbx_gene_src_ncbi_taxonomy_id     11593 
_entity_src_gen.pdbx_gene_src_variant              ? 
_entity_src_gen.pdbx_gene_src_cell_line            ? 
_entity_src_gen.pdbx_gene_src_atcc                 ? 
_entity_src_gen.pdbx_gene_src_organ                ? 
_entity_src_gen.pdbx_gene_src_organelle            ? 
_entity_src_gen.pdbx_gene_src_cell                 ? 
_entity_src_gen.pdbx_gene_src_cellular_location    ? 
_entity_src_gen.host_org_common_name               ? 
_entity_src_gen.pdbx_host_org_scientific_name      'Escherichia coli' 
_entity_src_gen.pdbx_host_org_ncbi_taxonomy_id     511693 
_entity_src_gen.host_org_genus                     ? 
_entity_src_gen.pdbx_host_org_gene                 ? 
_entity_src_gen.pdbx_host_org_organ                ? 
_entity_src_gen.host_org_species                   ? 
_entity_src_gen.pdbx_host_org_tissue               ? 
_entity_src_gen.pdbx_host_org_tissue_fraction      ? 
_entity_src_gen.pdbx_host_org_strain               BL21 
_entity_src_gen.pdbx_host_org_variant              ? 
_entity_src_gen.pdbx_host_org_cell_line            ? 
_entity_src_gen.pdbx_host_org_atcc                 ? 
_entity_src_gen.pdbx_host_org_culture_collection   ? 
_entity_src_gen.pdbx_host_org_cell                 ? 
_entity_src_gen.pdbx_host_org_organelle            ? 
_entity_src_gen.pdbx_host_org_cellular_location    ? 
_entity_src_gen.pdbx_host_org_vector_type          ? 
_entity_src_gen.pdbx_host_org_vector               pET21a 
_entity_src_gen.host_org_details                   ? 
_entity_src_gen.expression_system_id               ? 
_entity_src_gen.plasmid_name                       ? 
_entity_src_gen.plasmid_details                    ? 
_entity_src_gen.pdbx_description                   'modified to include GB1 solubility enhancement tag at N terminus' 
# 
loop_
_chem_comp.id 
_chem_comp.type 
_chem_comp.mon_nstd_flag 
_chem_comp.name 
_chem_comp.pdbx_synonyms 
_chem_comp.formula 
_chem_comp.formula_weight 
ALA 'L-peptide linking' y ALANINE         ? 'C3 H7 N O2'     89.093  
ARG 'L-peptide linking' y ARGININE        ? 'C6 H15 N4 O2 1' 175.209 
ASN 'L-peptide linking' y ASPARAGINE      ? 'C4 H8 N2 O3'    132.118 
ASP 'L-peptide linking' y 'ASPARTIC ACID' ? 'C4 H7 N O4'     133.103 
CYS 'L-peptide linking' y CYSTEINE        ? 'C3 H7 N O2 S'   121.158 
GLN 'L-peptide linking' y GLUTAMINE       ? 'C5 H10 N2 O3'   146.144 
GLU 'L-peptide linking' y 'GLUTAMIC ACID' ? 'C5 H9 N O4'     147.129 
GLY 'peptide linking'   y GLYCINE         ? 'C2 H5 N O2'     75.067  
HIS 'L-peptide linking' y HISTIDINE       ? 'C6 H10 N3 O2 1' 156.162 
ILE 'L-peptide linking' y ISOLEUCINE      ? 'C6 H13 N O2'    131.173 
LEU 'L-peptide linking' y LEUCINE         ? 'C6 H13 N O2'    131.173 
LYS 'L-peptide linking' y LYSINE          ? 'C6 H15 N2 O2 1' 147.195 
MET 'L-peptide linking' y METHIONINE      ? 'C5 H11 N O2 S'  149.211 
PRO 'L-peptide linking' y PROLINE         ? 'C5 H9 N O2'     115.130 
SER 'L-peptide linking' y SERINE          ? 'C3 H7 N O3'     105.093 
THR 'L-peptide linking' y THREONINE       ? 'C4 H9 N O3'     119.119 
TRP 'L-peptide linking' y TRYPTOPHAN      ? 'C11 H12 N2 O2'  204.225 
TYR 'L-peptide linking' y TYROSINE        ? 'C9 H11 N O3'    181.189 
VAL 'L-peptide linking' y VALINE          ? 'C5 H11 N O2'    117.146 
ZN  non-polymer         . 'ZINC ION'      ? 'Zn 2'           65.409  
# 
loop_
_pdbx_poly_seq_scheme.asym_id 
_pdbx_poly_seq_scheme.entity_id 
_pdbx_poly_seq_scheme.seq_id 
_pdbx_poly_seq_scheme.mon_id 
_pdbx_poly_seq_scheme.ndb_seq_num 
_pdbx_poly_seq_scheme.pdb_seq_num 
_pdbx_poly_seq_scheme.auth_seq_num 
_pdbx_poly_seq_scheme.pdb_mon_id 
_pdbx_poly_seq_scheme.auth_mon_id 
_pdbx_poly_seq_scheme.pdb_strand_id 
_pdbx_poly_seq_scheme.pdb_ins_code 
_pdbx_poly_seq_scheme.hetero 
A 1 1  ARG 1  29  29  ARG ARG A . n 
A 1 2  GLU 2  30  30  GLU GLU A . n 
A 1 3  LEU 3  31  31  LEU LEU A . n 
A 1 4  LYS 4  32  32  LYS LYS A . n 
A 1 5  PRO 5  33  33  PRO PRO A . n 
A 1 6  GLN 6  34  34  GLN GLN A . n 
A 1 7  THR 7  35  35  THR THR A . n 
A 1 8  CYS 8  36  36  CYS CYS A . n 
A 1 9  THR 9  37  37  THR THR A . n 
A 1 10 ILE 10 38  38  ILE ILE A . n 
A 1 11 CYS 11 39  39  CYS CYS A . n 
A 1 12 GLU 12 40  40  GLU GLU A . n 
A 1 13 THR 13 41  41  THR THR A . n 
A 1 14 THR 14 42  42  THR THR A . n 
A 1 15 PRO 15 43  43  PRO PRO A . n 
A 1 16 VAL 16 44  44  VAL VAL A . n 
A 1 17 ASN 17 45  45  ASN ASN A . n 
A 1 18 ALA 18 46  46  ALA ALA A . n 
A 1 19 ILE 19 47  47  ILE ILE A . n 
A 1 20 ASP 20 48  48  ASP ASP A . n 
A 1 21 ALA 21 49  49  ALA ALA A . n 
A 1 22 GLU 22 50  50  GLU GLU A . n 
A 1 23 MET 23 51  51  MET MET A . n 
A 1 24 HIS 24 52  52  HIS HIS A . n 
A 1 25 ASP 25 53  53  ASP ASP A . n 
A 1 26 LEU 26 54  54  LEU LEU A . n 
A 1 27 ASN 27 55  55  ASN ASN A . n 
A 1 28 CYS 28 56  56  CYS CYS A . n 
A 1 29 SER 29 57  57  SER SER A . n 
A 1 30 TYR 30 58  58  TYR TYR A . n 
A 1 31 ASN 31 59  59  ASN ASN A . n 
A 1 32 ILE 32 60  60  ILE ILE A . n 
A 1 33 CYS 33 61  61  CYS CYS A . n 
A 1 34 PRO 34 62  62  PRO PRO A . n 
A 1 35 TYR 35 63  63  TYR TYR A . n 
A 1 36 CYS 36 64  64  CYS CYS A . n 
A 1 37 ALA 37 65  65  ALA ALA A . n 
A 1 38 SER 38 66  66  SER SER A . n 
A 1 39 ARG 39 67  67  ARG ARG A . n 
A 1 40 LEU 40 68  68  LEU LEU A . n 
A 1 41 THR 41 69  69  THR THR A . n 
A 1 42 SER 42 70  70  SER SER A . n 
A 1 43 ASP 43 71  71  ASP ASP A . n 
A 1 44 GLY 44 72  72  GLY GLY A . n 
A 1 45 LEU 45 73  73  LEU LEU A . n 
A 1 46 ALA 46 74  74  ALA ALA A . n 
A 1 47 ARG 47 75  75  ARG ARG A . n 
A 1 48 HIS 48 76  76  HIS HIS A . n 
A 1 49 VAL 49 77  77  VAL VAL A . n 
A 1 50 THR 50 78  78  THR THR A . n 
A 1 51 GLN 51 79  79  GLN GLN A . n 
A 1 52 CYS 52 80  80  CYS CYS A . n 
A 1 53 PRO 53 81  81  PRO PRO A . n 
A 1 54 LYS 54 82  82  LYS LYS A . n 
A 1 55 ARG 55 83  83  ARG ARG A . n 
A 1 56 LYS 56 84  84  LYS LYS A . n 
A 1 57 GLU 57 85  85  GLU GLU A . n 
A 1 58 LYS 58 86  86  LYS LYS A . n 
A 1 59 VAL 59 87  87  VAL VAL A . n 
A 1 60 GLU 60 88  88  GLU GLU A . n 
A 1 61 GLU 61 89  89  GLU GLU A . n 
A 1 62 THR 62 90  90  THR THR A . n 
A 1 63 GLU 63 91  91  GLU GLU A . n 
A 1 64 LEU 64 92  92  LEU LEU A . n 
A 1 65 TYR 65 93  93  TYR TYR A . n 
A 1 66 LEU 66 94  94  LEU LEU A . n 
A 1 67 ASN 67 95  95  ASN ASN A . n 
A 1 68 LEU 68 96  96  LEU LEU A . n 
A 1 69 GLU 69 97  97  GLU GLU A . n 
A 1 70 ARG 70 98  98  ARG ARG A . n 
A 1 71 ILE 71 99  99  ILE ILE A . n 
A 1 72 PRO 72 100 100 PRO PRO A . n 
A 1 73 TRP 73 101 101 TRP TRP A . n 
A 1 74 VAL 74 102 102 VAL VAL A . n 
A 1 75 VAL 75 103 103 VAL VAL A . n 
A 1 76 ARG 76 104 104 ARG ARG A . n 
A 1 77 LYS 77 105 105 LYS LYS A . n 
# 
loop_
_pdbx_nonpoly_scheme.asym_id 
_pdbx_nonpoly_scheme.entity_id 
_pdbx_nonpoly_scheme.mon_id 
_pdbx_nonpoly_scheme.ndb_seq_num 
_pdbx_nonpoly_scheme.pdb_seq_num 
_pdbx_nonpoly_scheme.auth_seq_num 
_pdbx_nonpoly_scheme.pdb_mon_id 
_pdbx_nonpoly_scheme.auth_mon_id 
_pdbx_nonpoly_scheme.pdb_strand_id 
_pdbx_nonpoly_scheme.pdb_ins_code 
B 2 ZN 1 106 78 ZN ZN A . 
C 2 ZN 1 107 79 ZN ZN A . 
# 
_exptl.absorpt_coefficient_mu     ? 
_exptl.absorpt_correction_T_max   ? 
_exptl.absorpt_correction_T_min   ? 
_exptl.absorpt_correction_type    ? 
_exptl.absorpt_process_details    ? 
_exptl.crystals_number            ? 
_exptl.details                    'solution nmr structure of the crimean congo hemorrhagic fever cytoplasmic tail' 
_exptl.entry_id                   2L7X 
_exptl.method                     'SOLUTION NMR' 
_exptl.method_details             ? 
# 
_struct.entry_id                  2L7X 
_struct.title                     'Crimean Congo Hemorrhagic Fever Gn zinc finger' 
_struct.pdbx_model_details        'lowest energy, model 1' 
_struct.pdbx_CASP_flag            N 
_struct.pdbx_model_type_details   ? 
# 
_struct_keywords.entry_id        2L7X 
_struct_keywords.pdbx_keywords   'VIRAL PROTEIN' 
_struct_keywords.text            'CYTOPLASMIC TAIL, VIRAL PROTEIN' 
# 
loop_
_struct_asym.id 
_struct_asym.pdbx_blank_PDB_chainid_flag 
_struct_asym.pdbx_modified 
_struct_asym.entity_id 
_struct_asym.details 
A N N 1 ? 
B N N 2 ? 
C N N 2 ? 
# 
_struct_ref.id                         1 
_struct_ref.db_name                    UNP 
_struct_ref.db_code                    Q70UR3_9VIRU 
_struct_ref.pdbx_db_accession          Q70UR3 
_struct_ref.entity_id                  1 
_struct_ref.pdbx_seq_one_letter_code   RELKPQTCTICETTPVNAIDAEMHDLNCSYNICPYCASRLTSDGLARHVTQCPKRKEKVEETELYLNLERIPWVVRK 
_struct_ref.pdbx_align_begin           734 
_struct_ref.pdbx_db_isoform            ? 
# 
_struct_ref_seq.align_id                      1 
_struct_ref_seq.ref_id                        1 
_struct_ref_seq.pdbx_PDB_id_code              2L7X 
_struct_ref_seq.pdbx_strand_id                A 
_struct_ref_seq.seq_align_beg                 1 
_struct_ref_seq.pdbx_seq_align_beg_ins_code   ? 
_struct_ref_seq.seq_align_end                 77 
_struct_ref_seq.pdbx_seq_align_end_ins_code   ? 
_struct_ref_seq.pdbx_db_accession             Q70UR3 
_struct_ref_seq.db_align_beg                  734 
_struct_ref_seq.pdbx_db_align_beg_ins_code    ? 
_struct_ref_seq.db_align_end                  810 
_struct_ref_seq.pdbx_db_align_end_ins_code    ? 
_struct_ref_seq.pdbx_auth_seq_align_beg       29 
_struct_ref_seq.pdbx_auth_seq_align_end       105 
# 
_pdbx_struct_assembly.id                   1 
_pdbx_struct_assembly.details              author_defined_assembly 
_pdbx_struct_assembly.method_details       ? 
_pdbx_struct_assembly.oligomeric_details   monomeric 
_pdbx_struct_assembly.oligomeric_count     1 
# 
_pdbx_struct_assembly_gen.assembly_id       1 
_pdbx_struct_assembly_gen.oper_expression   1 
_pdbx_struct_assembly_gen.asym_id_list      A,B,C 
# 
_pdbx_struct_oper_list.id                   1 
_pdbx_struct_oper_list.type                 'identity operation' 
_pdbx_struct_oper_list.name                 1_555 
_pdbx_struct_oper_list.symmetry_operation   x,y,z 
_pdbx_struct_oper_list.matrix[1][1]         1.0000000000 
_pdbx_struct_oper_list.matrix[1][2]         0.0000000000 
_pdbx_struct_oper_list.matrix[1][3]         0.0000000000 
_pdbx_struct_oper_list.vector[1]            0.0000000000 
_pdbx_struct_oper_list.matrix[2][1]         0.0000000000 
_pdbx_struct_oper_list.matrix[2][2]         1.0000000000 
_pdbx_struct_oper_list.matrix[2][3]         0.0000000000 
_pdbx_struct_oper_list.vector[2]            0.0000000000 
_pdbx_struct_oper_list.matrix[3][1]         0.0000000000 
_pdbx_struct_oper_list.matrix[3][2]         0.0000000000 
_pdbx_struct_oper_list.matrix[3][3]         1.0000000000 
_pdbx_struct_oper_list.vector[3]            0.0000000000 
# 
_struct_biol.id        1 
_struct_biol.details   ? 
# 
loop_
_struct_conf.conf_type_id 
_struct_conf.id 
_struct_conf.pdbx_PDB_helix_id 
_struct_conf.beg_label_comp_id 
_struct_conf.beg_label_asym_id 
_struct_conf.beg_label_seq_id 
_struct_conf.pdbx_beg_PDB_ins_code 
_struct_conf.end_label_comp_id 
_struct_conf.end_label_asym_id 
_struct_conf.end_label_seq_id 
_struct_conf.pdbx_end_PDB_ins_code 
_struct_conf.beg_auth_comp_id 
_struct_conf.beg_auth_asym_id 
_struct_conf.beg_auth_seq_id 
_struct_conf.end_auth_comp_id 
_struct_conf.end_auth_asym_id 
_struct_conf.end_auth_seq_id 
_struct_conf.pdbx_PDB_helix_class 
_struct_conf.details 
_struct_conf.pdbx_PDB_helix_length 
HELX_P HELX_P1 1 ASN A 17 ? SER A 29 ? ASN A 45 SER A 57 1 ? 13 
HELX_P HELX_P2 2 GLY A 44 ? THR A 50 ? GLY A 72 THR A 78 1 ? 7  
HELX_P HELX_P3 3 PRO A 53 ? GLU A 63 ? PRO A 81 GLU A 91 1 ? 11 
# 
_struct_conf_type.id          HELX_P 
_struct_conf_type.criteria    ? 
_struct_conf_type.reference   ? 
# 
loop_
_struct_conn.id 
_struct_conn.conn_type_id 
_struct_conn.pdbx_leaving_atom_flag 
_struct_conn.pdbx_PDB_id 
_struct_conn.ptnr1_label_asym_id 
_struct_conn.ptnr1_label_comp_id 
_struct_conn.ptnr1_label_seq_id 
_struct_conn.ptnr1_label_atom_id 
_struct_conn.pdbx_ptnr1_label_alt_id 
_struct_conn.pdbx_ptnr1_PDB_ins_code 
_struct_conn.pdbx_ptnr1_standard_comp_id 
_struct_conn.ptnr1_symmetry 
_struct_conn.ptnr2_label_asym_id 
_struct_conn.ptnr2_label_comp_id 
_struct_conn.ptnr2_label_seq_id 
_struct_conn.ptnr2_label_atom_id 
_struct_conn.pdbx_ptnr2_label_alt_id 
_struct_conn.pdbx_ptnr2_PDB_ins_code 
_struct_conn.ptnr1_auth_asym_id 
_struct_conn.ptnr1_auth_comp_id 
_struct_conn.ptnr1_auth_seq_id 
_struct_conn.ptnr2_auth_asym_id 
_struct_conn.ptnr2_auth_comp_id 
_struct_conn.ptnr2_auth_seq_id 
_struct_conn.ptnr2_symmetry 
_struct_conn.pdbx_ptnr3_label_atom_id 
_struct_conn.pdbx_ptnr3_label_seq_id 
_struct_conn.pdbx_ptnr3_label_comp_id 
_struct_conn.pdbx_ptnr3_label_asym_id 
_struct_conn.pdbx_ptnr3_label_alt_id 
_struct_conn.pdbx_ptnr3_PDB_ins_code 
_struct_conn.details 
_struct_conn.pdbx_dist_value 
_struct_conn.pdbx_value_order 
_struct_conn.pdbx_role 
metalc1 metalc ? ? A CYS 8  SG  ? ? ? 1_555 B ZN . ZN ? ? A CYS 36 A ZN 106 1_555 ? ? ? ? ? ? ? 2.284 ? ? 
metalc2 metalc ? ? A CYS 11 SG  ? ? ? 1_555 B ZN . ZN ? ? A CYS 39 A ZN 106 1_555 ? ? ? ? ? ? ? 2.267 ? ? 
metalc3 metalc ? ? A HIS 24 ND1 ? ? ? 1_555 B ZN . ZN ? ? A HIS 52 A ZN 106 1_555 ? ? ? ? ? ? ? 2.071 ? ? 
metalc4 metalc ? ? A CYS 28 SG  ? ? ? 1_555 B ZN . ZN ? ? A CYS 56 A ZN 106 1_555 ? ? ? ? ? ? ? 2.289 ? ? 
metalc5 metalc ? ? A CYS 33 SG  ? ? ? 1_555 C ZN . ZN ? ? A CYS 61 A ZN 107 1_555 ? ? ? ? ? ? ? 2.272 ? ? 
metalc6 metalc ? ? A CYS 36 SG  ? ? ? 1_555 C ZN . ZN ? ? A CYS 64 A ZN 107 1_555 ? ? ? ? ? ? ? 2.281 ? ? 
metalc7 metalc ? ? A HIS 48 NE2 ? ? ? 1_555 C ZN . ZN ? ? A HIS 76 A ZN 107 1_555 ? ? ? ? ? ? ? 2.077 ? ? 
metalc8 metalc ? ? A CYS 52 SG  ? ? ? 1_555 C ZN . ZN ? ? A CYS 80 A ZN 107 1_555 ? ? ? ? ? ? ? 2.287 ? ? 
# 
_struct_conn_type.id          metalc 
_struct_conn_type.criteria    ? 
_struct_conn_type.reference   ? 
# 
loop_
_pdbx_struct_conn_angle.id 
_pdbx_struct_conn_angle.ptnr1_label_atom_id 
_pdbx_struct_conn_angle.ptnr1_label_alt_id 
_pdbx_struct_conn_angle.ptnr1_label_asym_id 
_pdbx_struct_conn_angle.ptnr1_label_comp_id 
_pdbx_struct_conn_angle.ptnr1_label_seq_id 
_pdbx_struct_conn_angle.ptnr1_auth_atom_id 
_pdbx_struct_conn_angle.ptnr1_auth_asym_id 
_pdbx_struct_conn_angle.ptnr1_auth_comp_id 
_pdbx_struct_conn_angle.ptnr1_auth_seq_id 
_pdbx_struct_conn_angle.ptnr1_PDB_ins_code 
_pdbx_struct_conn_angle.ptnr1_symmetry 
_pdbx_struct_conn_angle.ptnr2_label_atom_id 
_pdbx_struct_conn_angle.ptnr2_label_alt_id 
_pdbx_struct_conn_angle.ptnr2_label_asym_id 
_pdbx_struct_conn_angle.ptnr2_label_comp_id 
_pdbx_struct_conn_angle.ptnr2_label_seq_id 
_pdbx_struct_conn_angle.ptnr2_auth_atom_id 
_pdbx_struct_conn_angle.ptnr2_auth_asym_id 
_pdbx_struct_conn_angle.ptnr2_auth_comp_id 
_pdbx_struct_conn_angle.ptnr2_auth_seq_id 
_pdbx_struct_conn_angle.ptnr2_PDB_ins_code 
_pdbx_struct_conn_angle.ptnr2_symmetry 
_pdbx_struct_conn_angle.ptnr3_label_atom_id 
_pdbx_struct_conn_angle.ptnr3_label_alt_id 
_pdbx_struct_conn_angle.ptnr3_label_asym_id 
_pdbx_struct_conn_angle.ptnr3_label_comp_id 
_pdbx_struct_conn_angle.ptnr3_label_seq_id 
_pdbx_struct_conn_angle.ptnr3_auth_atom_id 
_pdbx_struct_conn_angle.ptnr3_auth_asym_id 
_pdbx_struct_conn_angle.ptnr3_auth_comp_id 
_pdbx_struct_conn_angle.ptnr3_auth_seq_id 
_pdbx_struct_conn_angle.ptnr3_PDB_ins_code 
_pdbx_struct_conn_angle.ptnr3_symmetry 
_pdbx_struct_conn_angle.value 
_pdbx_struct_conn_angle.value_esd 
1  SG  ? A CYS 8  ? A CYS 36 ? 1_555 ZN ? B ZN . ? A ZN 106 ? 1_555 SG  ? A CYS 11 ? A CYS 39 ? 1_555 108.8 ? 
2  SG  ? A CYS 8  ? A CYS 36 ? 1_555 ZN ? B ZN . ? A ZN 106 ? 1_555 ND1 ? A HIS 24 ? A HIS 52 ? 1_555 112.6 ? 
3  SG  ? A CYS 11 ? A CYS 39 ? 1_555 ZN ? B ZN . ? A ZN 106 ? 1_555 ND1 ? A HIS 24 ? A HIS 52 ? 1_555 103.7 ? 
4  SG  ? A CYS 8  ? A CYS 36 ? 1_555 ZN ? B ZN . ? A ZN 106 ? 1_555 SG  ? A CYS 28 ? A CYS 56 ? 1_555 110.9 ? 
5  SG  ? A CYS 11 ? A CYS 39 ? 1_555 ZN ? B ZN . ? A ZN 106 ? 1_555 SG  ? A CYS 28 ? A CYS 56 ? 1_555 108.7 ? 
6  ND1 ? A HIS 24 ? A HIS 52 ? 1_555 ZN ? B ZN . ? A ZN 106 ? 1_555 SG  ? A CYS 28 ? A CYS 56 ? 1_555 111.8 ? 
7  SG  ? A CYS 33 ? A CYS 61 ? 1_555 ZN ? C ZN . ? A ZN 107 ? 1_555 SG  ? A CYS 36 ? A CYS 64 ? 1_555 108.4 ? 
8  SG  ? A CYS 33 ? A CYS 61 ? 1_555 ZN ? C ZN . ? A ZN 107 ? 1_555 NE2 ? A HIS 48 ? A HIS 76 ? 1_555 110.0 ? 
9  SG  ? A CYS 36 ? A CYS 64 ? 1_555 ZN ? C ZN . ? A ZN 107 ? 1_555 NE2 ? A HIS 48 ? A HIS 76 ? 1_555 108.9 ? 
10 SG  ? A CYS 33 ? A CYS 61 ? 1_555 ZN ? C ZN . ? A ZN 107 ? 1_555 SG  ? A CYS 52 ? A CYS 80 ? 1_555 106.2 ? 
11 SG  ? A CYS 36 ? A CYS 64 ? 1_555 ZN ? C ZN . ? A ZN 107 ? 1_555 SG  ? A CYS 52 ? A CYS 80 ? 1_555 113.2 ? 
12 NE2 ? A HIS 48 ? A HIS 76 ? 1_555 ZN ? C ZN . ? A ZN 107 ? 1_555 SG  ? A CYS 52 ? A CYS 80 ? 1_555 110.2 ? 
# 
loop_
_struct_site.id 
_struct_site.pdbx_evidence_code 
_struct_site.pdbx_auth_asym_id 
_struct_site.pdbx_auth_comp_id 
_struct_site.pdbx_auth_seq_id 
_struct_site.pdbx_auth_ins_code 
_struct_site.pdbx_num_residues 
_struct_site.details 
AC1 Software A ZN 106 ? 4 'BINDING SITE FOR RESIDUE ZN A 106' 
AC2 Software A ZN 107 ? 4 'BINDING SITE FOR RESIDUE ZN A 107' 
# 
loop_
_struct_site_gen.id 
_struct_site_gen.site_id 
_struct_site_gen.pdbx_num_res 
_struct_site_gen.label_comp_id 
_struct_site_gen.label_asym_id 
_struct_site_gen.label_seq_id 
_struct_site_gen.pdbx_auth_ins_code 
_struct_site_gen.auth_comp_id 
_struct_site_gen.auth_asym_id 
_struct_site_gen.auth_seq_id 
_struct_site_gen.label_atom_id 
_struct_site_gen.label_alt_id 
_struct_site_gen.symmetry 
_struct_site_gen.details 
1 AC1 4 CYS A 8  ? CYS A 36 . ? 1_555 ? 
2 AC1 4 CYS A 11 ? CYS A 39 . ? 1_555 ? 
3 AC1 4 HIS A 24 ? HIS A 52 . ? 1_555 ? 
4 AC1 4 CYS A 28 ? CYS A 56 . ? 1_555 ? 
5 AC2 4 CYS A 33 ? CYS A 61 . ? 1_555 ? 
6 AC2 4 CYS A 36 ? CYS A 64 . ? 1_555 ? 
7 AC2 4 HIS A 48 ? HIS A 76 . ? 1_555 ? 
8 AC2 4 CYS A 52 ? CYS A 80 . ? 1_555 ? 
# 
loop_
_pdbx_validate_torsion.id 
_pdbx_validate_torsion.PDB_model_num 
_pdbx_validate_torsion.auth_comp_id 
_pdbx_validate_torsion.auth_asym_id 
_pdbx_validate_torsion.auth_seq_id 
_pdbx_validate_torsion.PDB_ins_code 
_pdbx_validate_torsion.label_alt_id 
_pdbx_validate_torsion.phi 
_pdbx_validate_torsion.psi 
1 1 ILE A 38  ? ? -124.49 -51.22 
2 1 LEU A 68  ? ? -57.43  177.00 
3 1 ARG A 98  ? ? -136.87 -56.40 
4 1 PRO A 100 ? ? -72.84  28.03  
# 
_pdbx_nmr_ensemble.average_constraint_violations_per_residue     ? 
_pdbx_nmr_ensemble.average_constraints_per_residue               ? 
_pdbx_nmr_ensemble.average_distance_constraint_violation         ? 
_pdbx_nmr_ensemble.average_torsion_angle_constraint_violation    ? 
_pdbx_nmr_ensemble.conformer_selection_criteria                  'structures with the lowest energy' 
_pdbx_nmr_ensemble.conformers_calculated_total_number            20 
_pdbx_nmr_ensemble.conformers_submitted_total_number             1 
_pdbx_nmr_ensemble.distance_constraint_violation_method          ? 
_pdbx_nmr_ensemble.entry_id                                      2L7X 
_pdbx_nmr_ensemble.maximum_distance_constraint_violation         ? 
_pdbx_nmr_ensemble.maximum_lower_distance_constraint_violation   ? 
_pdbx_nmr_ensemble.maximum_torsion_angle_constraint_violation    ? 
_pdbx_nmr_ensemble.maximum_upper_distance_constraint_violation   ? 
_pdbx_nmr_ensemble.torsion_angle_constraint_violation_method     ? 
# 
_pdbx_nmr_representative.conformer_id         1 
_pdbx_nmr_representative.entry_id             2L7X 
_pdbx_nmr_representative.selection_criteria   'lowest energy' 
# 
loop_
_pdbx_nmr_sample_details.contents 
_pdbx_nmr_sample_details.solution_id 
_pdbx_nmr_sample_details.solvent_system 

'.7 mM [U-99% 15N] CRIMEAN CONGO GN ZINC FINGER, 20 mM sodium phosphate, 20 mM sodium chloride, 0.1 mM zinc sulfate, 90% H2O/10% D2O' 
1 '90% H2O/10% D2O' 
;.5 mM [U-99% 13C; U-99% 15N] CRIMEAN CONGO GN ZINC FINGER, 20 mM sodium phosphate, 20 mM sodium chloride, 0.1 mM zinc sulfate, 90% H2O/10% D2O
;
2 '90% H2O/10% D2O' 
;.7 mM [U-99% 13C; U-99% 15N] CRIMEAN CONGO GN ZINC FINGER, 20 mM sodium phosphate, 20 mM sodium chloride, 0.1 mM zinc sulfate-12, 100% D2O
;
3 '100% D2O'        
# 
loop_
_pdbx_nmr_exptl_sample.component 
_pdbx_nmr_exptl_sample.concentration 
_pdbx_nmr_exptl_sample.concentration_range 
_pdbx_nmr_exptl_sample.concentration_units 
_pdbx_nmr_exptl_sample.isotopic_labeling 
_pdbx_nmr_exptl_sample.solution_id 
'CRIMEAN CONGO GN ZINC FINGER-1' .7  ? mM '[U-99% 15N]'            1 
'sodium phosphate-2'             20  ? mM ?                        1 
'sodium chloride-3'              20  ? mM ?                        1 
'zinc sulfate-4'                 0.1 ? mM ?                        1 
'CRIMEAN CONGO GN ZINC FINGER-5' .5  ? mM '[U-99% 13C; U-99% 15N]' 2 
'sodium phosphate-6'             20  ? mM ?                        2 
'sodium chloride-7'              20  ? mM ?                        2 
'zinc sulfate-8'                 0.1 ? mM ?                        2 
'CRIMEAN CONGO GN ZINC FINGER-9' .7  ? mM '[U-99% 13C; U-99% 15N]' 3 
'sodium phosphate-10'            20  ? mM ?                        3 
'sodium chloride-11'             20  ? mM ?                        3 
'zinc sulfate-12'                0.1 ? mM ?                        3 
# 
_pdbx_nmr_exptl_sample_conditions.conditions_id       1 
_pdbx_nmr_exptl_sample_conditions.ionic_strength      ? 
_pdbx_nmr_exptl_sample_conditions.pH                  6.9 
_pdbx_nmr_exptl_sample_conditions.pressure            ambient 
_pdbx_nmr_exptl_sample_conditions.pressure_units      ? 
_pdbx_nmr_exptl_sample_conditions.temperature         298 
_pdbx_nmr_exptl_sample_conditions.temperature_units   K 
# 
loop_
_pdbx_nmr_exptl.conditions_id 
_pdbx_nmr_exptl.experiment_id 
_pdbx_nmr_exptl.solution_id 
_pdbx_nmr_exptl.type 
1 1 1 '2D 1H-15N HSQC'              
1 2 1 '3D 1H-15N NOESY'             
1 3 2 '3D HNCA'                     
1 4 2 '3D HNCACB'                   
1 5 2 '3D HBHA(CO)NH'               
1 6 2 '3D CBCA(CO)NH'               
1 7 3 '3D 1H-13C NOESY'             
1 8 3 '2D 1H-13C HSQC aliphatic'    
1 9 1 '2D 1H-15N HeteroNuclear NOE' 
# 
_pdbx_nmr_constraints.disulfide_bond_constraints_total_count        ? 
_pdbx_nmr_constraints.entry_id                                      2L7X 
_pdbx_nmr_constraints.hydrogen_bond_constraints_total_count         ? 
_pdbx_nmr_constraints.NA_alpha-angle_constraints_total_count        ? 
_pdbx_nmr_constraints.NA_beta-angle_constraints_total_count         ? 
_pdbx_nmr_constraints.NA_chi-angle_constraints_total_count          ? 
_pdbx_nmr_constraints.NA_delta-angle_constraints_total_count        ? 
_pdbx_nmr_constraints.NA_epsilon-angle_constraints_total_count      ? 
_pdbx_nmr_constraints.NA_gamma-angle_constraints_total_count        ? 
_pdbx_nmr_constraints.NA_other-angle_constraints_total_count        ? 
_pdbx_nmr_constraints.NA_sugar_pucker_constraints_total_count       ? 
_pdbx_nmr_constraints.NOE_constraints_total                         1193 
_pdbx_nmr_constraints.NOE_interentity_total_count                   ? 
_pdbx_nmr_constraints.NOE_interproton_distance_evaluation           ? 
_pdbx_nmr_constraints.NOE_intraresidue_total_count                  246 
_pdbx_nmr_constraints.NOE_long_range_total_count                    307 
_pdbx_nmr_constraints.NOE_medium_range_total_count                  233 
_pdbx_nmr_constraints.NOE_motional_averaging_correction             ? 
_pdbx_nmr_constraints.NOE_pseudoatom_corrections                    ? 
_pdbx_nmr_constraints.NOE_sequential_total_count                    407 
_pdbx_nmr_constraints.protein_chi_angle_constraints_total_count     ? 
_pdbx_nmr_constraints.protein_other_angle_constraints_total_count   ? 
_pdbx_nmr_constraints.protein_phi_angle_constraints_total_count     ? 
_pdbx_nmr_constraints.protein_psi_angle_constraints_total_count     ? 
# 
_pdbx_nmr_refine.entry_id           2L7X 
_pdbx_nmr_refine.method             'simulated annealing' 
_pdbx_nmr_refine.details            ? 
_pdbx_nmr_refine.software_ordinal   1 
# 
loop_
_pdbx_nmr_software.authors 
_pdbx_nmr_software.classification 
_pdbx_nmr_software.name 
_pdbx_nmr_software.version 
_pdbx_nmr_software.ordinal 
'Guntert P.'                                                          refinement CYANA ? 1 
'Case, Darden, Cheatham, III, Simmerling, Wang, Duke, Luo, and Kollm' refinement Amber 7 2 
# 
loop_
_chem_comp_atom.comp_id 
_chem_comp_atom.atom_id 
_chem_comp_atom.type_symbol 
_chem_comp_atom.pdbx_aromatic_flag 
_chem_comp_atom.pdbx_stereo_config 
_chem_comp_atom.pdbx_ordinal 
ALA N    N  N N 1   
ALA CA   C  N S 2   
ALA C    C  N N 3   
ALA O    O  N N 4   
ALA CB   C  N N 5   
ALA OXT  O  N N 6   
ALA H    H  N N 7   
ALA H2   H  N N 8   
ALA HA   H  N N 9   
ALA HB1  H  N N 10  
ALA HB2  H  N N 11  
ALA HB3  H  N N 12  
ALA HXT  H  N N 13  
ARG N    N  N N 14  
ARG CA   C  N S 15  
ARG C    C  N N 16  
ARG O    O  N N 17  
ARG CB   C  N N 18  
ARG CG   C  N N 19  
ARG CD   C  N N 20  
ARG NE   N  N N 21  
ARG CZ   C  N N 22  
ARG NH1  N  N N 23  
ARG NH2  N  N N 24  
ARG OXT  O  N N 25  
ARG H    H  N N 26  
ARG H2   H  N N 27  
ARG HA   H  N N 28  
ARG HB2  H  N N 29  
ARG HB3  H  N N 30  
ARG HG2  H  N N 31  
ARG HG3  H  N N 32  
ARG HD2  H  N N 33  
ARG HD3  H  N N 34  
ARG HE   H  N N 35  
ARG HH11 H  N N 36  
ARG HH12 H  N N 37  
ARG HH21 H  N N 38  
ARG HH22 H  N N 39  
ARG HXT  H  N N 40  
ASN N    N  N N 41  
ASN CA   C  N S 42  
ASN C    C  N N 43  
ASN O    O  N N 44  
ASN CB   C  N N 45  
ASN CG   C  N N 46  
ASN OD1  O  N N 47  
ASN ND2  N  N N 48  
ASN OXT  O  N N 49  
ASN H    H  N N 50  
ASN H2   H  N N 51  
ASN HA   H  N N 52  
ASN HB2  H  N N 53  
ASN HB3  H  N N 54  
ASN HD21 H  N N 55  
ASN HD22 H  N N 56  
ASN HXT  H  N N 57  
ASP N    N  N N 58  
ASP CA   C  N S 59  
ASP C    C  N N 60  
ASP O    O  N N 61  
ASP CB   C  N N 62  
ASP CG   C  N N 63  
ASP OD1  O  N N 64  
ASP OD2  O  N N 65  
ASP OXT  O  N N 66  
ASP H    H  N N 67  
ASP H2   H  N N 68  
ASP HA   H  N N 69  
ASP HB2  H  N N 70  
ASP HB3  H  N N 71  
ASP HD2  H  N N 72  
ASP HXT  H  N N 73  
CYS N    N  N N 74  
CYS CA   C  N R 75  
CYS C    C  N N 76  
CYS O    O  N N 77  
CYS CB   C  N N 78  
CYS SG   S  N N 79  
CYS OXT  O  N N 80  
CYS H    H  N N 81  
CYS H2   H  N N 82  
CYS HA   H  N N 83  
CYS HB2  H  N N 84  
CYS HB3  H  N N 85  
CYS HG   H  N N 86  
CYS HXT  H  N N 87  
GLN N    N  N N 88  
GLN CA   C  N S 89  
GLN C    C  N N 90  
GLN O    O  N N 91  
GLN CB   C  N N 92  
GLN CG   C  N N 93  
GLN CD   C  N N 94  
GLN OE1  O  N N 95  
GLN NE2  N  N N 96  
GLN OXT  O  N N 97  
GLN H    H  N N 98  
GLN H2   H  N N 99  
GLN HA   H  N N 100 
GLN HB2  H  N N 101 
GLN HB3  H  N N 102 
GLN HG2  H  N N 103 
GLN HG3  H  N N 104 
GLN HE21 H  N N 105 
GLN HE22 H  N N 106 
GLN HXT  H  N N 107 
GLU N    N  N N 108 
GLU CA   C  N S 109 
GLU C    C  N N 110 
GLU O    O  N N 111 
GLU CB   C  N N 112 
GLU CG   C  N N 113 
GLU CD   C  N N 114 
GLU OE1  O  N N 115 
GLU OE2  O  N N 116 
GLU OXT  O  N N 117 
GLU H    H  N N 118 
GLU H2   H  N N 119 
GLU HA   H  N N 120 
GLU HB2  H  N N 121 
GLU HB3  H  N N 122 
GLU HG2  H  N N 123 
GLU HG3  H  N N 124 
GLU HE2  H  N N 125 
GLU HXT  H  N N 126 
GLY N    N  N N 127 
GLY CA   C  N N 128 
GLY C    C  N N 129 
GLY O    O  N N 130 
GLY OXT  O  N N 131 
GLY H    H  N N 132 
GLY H2   H  N N 133 
GLY HA2  H  N N 134 
GLY HA3  H  N N 135 
GLY HXT  H  N N 136 
HIS N    N  N N 137 
HIS CA   C  N S 138 
HIS C    C  N N 139 
HIS O    O  N N 140 
HIS CB   C  N N 141 
HIS CG   C  Y N 142 
HIS ND1  N  Y N 143 
HIS CD2  C  Y N 144 
HIS CE1  C  Y N 145 
HIS NE2  N  Y N 146 
HIS OXT  O  N N 147 
HIS H    H  N N 148 
HIS H2   H  N N 149 
HIS HA   H  N N 150 
HIS HB2  H  N N 151 
HIS HB3  H  N N 152 
HIS HD1  H  N N 153 
HIS HD2  H  N N 154 
HIS HE1  H  N N 155 
HIS HE2  H  N N 156 
HIS HXT  H  N N 157 
ILE N    N  N N 158 
ILE CA   C  N S 159 
ILE C    C  N N 160 
ILE O    O  N N 161 
ILE CB   C  N S 162 
ILE CG1  C  N N 163 
ILE CG2  C  N N 164 
ILE CD1  C  N N 165 
ILE OXT  O  N N 166 
ILE H    H  N N 167 
ILE H2   H  N N 168 
ILE HA   H  N N 169 
ILE HB   H  N N 170 
ILE HG12 H  N N 171 
ILE HG13 H  N N 172 
ILE HG21 H  N N 173 
ILE HG22 H  N N 174 
ILE HG23 H  N N 175 
ILE HD11 H  N N 176 
ILE HD12 H  N N 177 
ILE HD13 H  N N 178 
ILE HXT  H  N N 179 
LEU N    N  N N 180 
LEU CA   C  N S 181 
LEU C    C  N N 182 
LEU O    O  N N 183 
LEU CB   C  N N 184 
LEU CG   C  N N 185 
LEU CD1  C  N N 186 
LEU CD2  C  N N 187 
LEU OXT  O  N N 188 
LEU H    H  N N 189 
LEU H2   H  N N 190 
LEU HA   H  N N 191 
LEU HB2  H  N N 192 
LEU HB3  H  N N 193 
LEU HG   H  N N 194 
LEU HD11 H  N N 195 
LEU HD12 H  N N 196 
LEU HD13 H  N N 197 
LEU HD21 H  N N 198 
LEU HD22 H  N N 199 
LEU HD23 H  N N 200 
LEU HXT  H  N N 201 
LYS N    N  N N 202 
LYS CA   C  N S 203 
LYS C    C  N N 204 
LYS O    O  N N 205 
LYS CB   C  N N 206 
LYS CG   C  N N 207 
LYS CD   C  N N 208 
LYS CE   C  N N 209 
LYS NZ   N  N N 210 
LYS OXT  O  N N 211 
LYS H    H  N N 212 
LYS H2   H  N N 213 
LYS HA   H  N N 214 
LYS HB2  H  N N 215 
LYS HB3  H  N N 216 
LYS HG2  H  N N 217 
LYS HG3  H  N N 218 
LYS HD2  H  N N 219 
LYS HD3  H  N N 220 
LYS HE2  H  N N 221 
LYS HE3  H  N N 222 
LYS HZ1  H  N N 223 
LYS HZ2  H  N N 224 
LYS HZ3  H  N N 225 
LYS HXT  H  N N 226 
MET N    N  N N 227 
MET CA   C  N S 228 
MET C    C  N N 229 
MET O    O  N N 230 
MET CB   C  N N 231 
MET CG   C  N N 232 
MET SD   S  N N 233 
MET CE   C  N N 234 
MET OXT  O  N N 235 
MET H    H  N N 236 
MET H2   H  N N 237 
MET HA   H  N N 238 
MET HB2  H  N N 239 
MET HB3  H  N N 240 
MET HG2  H  N N 241 
MET HG3  H  N N 242 
MET HE1  H  N N 243 
MET HE2  H  N N 244 
MET HE3  H  N N 245 
MET HXT  H  N N 246 
PRO N    N  N N 247 
PRO CA   C  N S 248 
PRO C    C  N N 249 
PRO O    O  N N 250 
PRO CB   C  N N 251 
PRO CG   C  N N 252 
PRO CD   C  N N 253 
PRO OXT  O  N N 254 
PRO H    H  N N 255 
PRO HA   H  N N 256 
PRO HB2  H  N N 257 
PRO HB3  H  N N 258 
PRO HG2  H  N N 259 
PRO HG3  H  N N 260 
PRO HD2  H  N N 261 
PRO HD3  H  N N 262 
PRO HXT  H  N N 263 
SER N    N  N N 264 
SER CA   C  N S 265 
SER C    C  N N 266 
SER O    O  N N 267 
SER CB   C  N N 268 
SER OG   O  N N 269 
SER OXT  O  N N 270 
SER H    H  N N 271 
SER H2   H  N N 272 
SER HA   H  N N 273 
SER HB2  H  N N 274 
SER HB3  H  N N 275 
SER HG   H  N N 276 
SER HXT  H  N N 277 
THR N    N  N N 278 
THR CA   C  N S 279 
THR C    C  N N 280 
THR O    O  N N 281 
THR CB   C  N R 282 
THR OG1  O  N N 283 
THR CG2  C  N N 284 
THR OXT  O  N N 285 
THR H    H  N N 286 
THR H2   H  N N 287 
THR HA   H  N N 288 
THR HB   H  N N 289 
THR HG1  H  N N 290 
THR HG21 H  N N 291 
THR HG22 H  N N 292 
THR HG23 H  N N 293 
THR HXT  H  N N 294 
TRP N    N  N N 295 
TRP CA   C  N S 296 
TRP C    C  N N 297 
TRP O    O  N N 298 
TRP CB   C  N N 299 
TRP CG   C  Y N 300 
TRP CD1  C  Y N 301 
TRP CD2  C  Y N 302 
TRP NE1  N  Y N 303 
TRP CE2  C  Y N 304 
TRP CE3  C  Y N 305 
TRP CZ2  C  Y N 306 
TRP CZ3  C  Y N 307 
TRP CH2  C  Y N 308 
TRP OXT  O  N N 309 
TRP H    H  N N 310 
TRP H2   H  N N 311 
TRP HA   H  N N 312 
TRP HB2  H  N N 313 
TRP HB3  H  N N 314 
TRP HD1  H  N N 315 
TRP HE1  H  N N 316 
TRP HE3  H  N N 317 
TRP HZ2  H  N N 318 
TRP HZ3  H  N N 319 
TRP HH2  H  N N 320 
TRP HXT  H  N N 321 
TYR N    N  N N 322 
TYR CA   C  N S 323 
TYR C    C  N N 324 
TYR O    O  N N 325 
TYR CB   C  N N 326 
TYR CG   C  Y N 327 
TYR CD1  C  Y N 328 
TYR CD2  C  Y N 329 
TYR CE1  C  Y N 330 
TYR CE2  C  Y N 331 
TYR CZ   C  Y N 332 
TYR OH   O  N N 333 
TYR OXT  O  N N 334 
TYR H    H  N N 335 
TYR H2   H  N N 336 
TYR HA   H  N N 337 
TYR HB2  H  N N 338 
TYR HB3  H  N N 339 
TYR HD1  H  N N 340 
TYR HD2  H  N N 341 
TYR HE1  H  N N 342 
TYR HE2  H  N N 343 
TYR HH   H  N N 344 
TYR HXT  H  N N 345 
VAL N    N  N N 346 
VAL CA   C  N S 347 
VAL C    C  N N 348 
VAL O    O  N N 349 
VAL CB   C  N N 350 
VAL CG1  C  N N 351 
VAL CG2  C  N N 352 
VAL OXT  O  N N 353 
VAL H    H  N N 354 
VAL H2   H  N N 355 
VAL HA   H  N N 356 
VAL HB   H  N N 357 
VAL HG11 H  N N 358 
VAL HG12 H  N N 359 
VAL HG13 H  N N 360 
VAL HG21 H  N N 361 
VAL HG22 H  N N 362 
VAL HG23 H  N N 363 
VAL HXT  H  N N 364 
ZN  ZN   ZN N N 365 
# 
loop_
_chem_comp_bond.comp_id 
_chem_comp_bond.atom_id_1 
_chem_comp_bond.atom_id_2 
_chem_comp_bond.value_order 
_chem_comp_bond.pdbx_aromatic_flag 
_chem_comp_bond.pdbx_stereo_config 
_chem_comp_bond.pdbx_ordinal 
ALA N   CA   sing N N 1   
ALA N   H    sing N N 2   
ALA N   H2   sing N N 3   
ALA CA  C    sing N N 4   
ALA CA  CB   sing N N 5   
ALA CA  HA   sing N N 6   
ALA C   O    doub N N 7   
ALA C   OXT  sing N N 8   
ALA CB  HB1  sing N N 9   
ALA CB  HB2  sing N N 10  
ALA CB  HB3  sing N N 11  
ALA OXT HXT  sing N N 12  
ARG N   CA   sing N N 13  
ARG N   H    sing N N 14  
ARG N   H2   sing N N 15  
ARG CA  C    sing N N 16  
ARG CA  CB   sing N N 17  
ARG CA  HA   sing N N 18  
ARG C   O    doub N N 19  
ARG C   OXT  sing N N 20  
ARG CB  CG   sing N N 21  
ARG CB  HB2  sing N N 22  
ARG CB  HB3  sing N N 23  
ARG CG  CD   sing N N 24  
ARG CG  HG2  sing N N 25  
ARG CG  HG3  sing N N 26  
ARG CD  NE   sing N N 27  
ARG CD  HD2  sing N N 28  
ARG CD  HD3  sing N N 29  
ARG NE  CZ   sing N N 30  
ARG NE  HE   sing N N 31  
ARG CZ  NH1  sing N N 32  
ARG CZ  NH2  doub N N 33  
ARG NH1 HH11 sing N N 34  
ARG NH1 HH12 sing N N 35  
ARG NH2 HH21 sing N N 36  
ARG NH2 HH22 sing N N 37  
ARG OXT HXT  sing N N 38  
ASN N   CA   sing N N 39  
ASN N   H    sing N N 40  
ASN N   H2   sing N N 41  
ASN CA  C    sing N N 42  
ASN CA  CB   sing N N 43  
ASN CA  HA   sing N N 44  
ASN C   O    doub N N 45  
ASN C   OXT  sing N N 46  
ASN CB  CG   sing N N 47  
ASN CB  HB2  sing N N 48  
ASN CB  HB3  sing N N 49  
ASN CG  OD1  doub N N 50  
ASN CG  ND2  sing N N 51  
ASN ND2 HD21 sing N N 52  
ASN ND2 HD22 sing N N 53  
ASN OXT HXT  sing N N 54  
ASP N   CA   sing N N 55  
ASP N   H    sing N N 56  
ASP N   H2   sing N N 57  
ASP CA  C    sing N N 58  
ASP CA  CB   sing N N 59  
ASP CA  HA   sing N N 60  
ASP C   O    doub N N 61  
ASP C   OXT  sing N N 62  
ASP CB  CG   sing N N 63  
ASP CB  HB2  sing N N 64  
ASP CB  HB3  sing N N 65  
ASP CG  OD1  doub N N 66  
ASP CG  OD2  sing N N 67  
ASP OD2 HD2  sing N N 68  
ASP OXT HXT  sing N N 69  
CYS N   CA   sing N N 70  
CYS N   H    sing N N 71  
CYS N   H2   sing N N 72  
CYS CA  C    sing N N 73  
CYS CA  CB   sing N N 74  
CYS CA  HA   sing N N 75  
CYS C   O    doub N N 76  
CYS C   OXT  sing N N 77  
CYS CB  SG   sing N N 78  
CYS CB  HB2  sing N N 79  
CYS CB  HB3  sing N N 80  
CYS SG  HG   sing N N 81  
CYS OXT HXT  sing N N 82  
GLN N   CA   sing N N 83  
GLN N   H    sing N N 84  
GLN N   H2   sing N N 85  
GLN CA  C    sing N N 86  
GLN CA  CB   sing N N 87  
GLN CA  HA   sing N N 88  
GLN C   O    doub N N 89  
GLN C   OXT  sing N N 90  
GLN CB  CG   sing N N 91  
GLN CB  HB2  sing N N 92  
GLN CB  HB3  sing N N 93  
GLN CG  CD   sing N N 94  
GLN CG  HG2  sing N N 95  
GLN CG  HG3  sing N N 96  
GLN CD  OE1  doub N N 97  
GLN CD  NE2  sing N N 98  
GLN NE2 HE21 sing N N 99  
GLN NE2 HE22 sing N N 100 
GLN OXT HXT  sing N N 101 
GLU N   CA   sing N N 102 
GLU N   H    sing N N 103 
GLU N   H2   sing N N 104 
GLU CA  C    sing N N 105 
GLU CA  CB   sing N N 106 
GLU CA  HA   sing N N 107 
GLU C   O    doub N N 108 
GLU C   OXT  sing N N 109 
GLU CB  CG   sing N N 110 
GLU CB  HB2  sing N N 111 
GLU CB  HB3  sing N N 112 
GLU CG  CD   sing N N 113 
GLU CG  HG2  sing N N 114 
GLU CG  HG3  sing N N 115 
GLU CD  OE1  doub N N 116 
GLU CD  OE2  sing N N 117 
GLU OE2 HE2  sing N N 118 
GLU OXT HXT  sing N N 119 
GLY N   CA   sing N N 120 
GLY N   H    sing N N 121 
GLY N   H2   sing N N 122 
GLY CA  C    sing N N 123 
GLY CA  HA2  sing N N 124 
GLY CA  HA3  sing N N 125 
GLY C   O    doub N N 126 
GLY C   OXT  sing N N 127 
GLY OXT HXT  sing N N 128 
HIS N   CA   sing N N 129 
HIS N   H    sing N N 130 
HIS N   H2   sing N N 131 
HIS CA  C    sing N N 132 
HIS CA  CB   sing N N 133 
HIS CA  HA   sing N N 134 
HIS C   O    doub N N 135 
HIS C   OXT  sing N N 136 
HIS CB  CG   sing N N 137 
HIS CB  HB2  sing N N 138 
HIS CB  HB3  sing N N 139 
HIS CG  ND1  sing Y N 140 
HIS CG  CD2  doub Y N 141 
HIS ND1 CE1  doub Y N 142 
HIS ND1 HD1  sing N N 143 
HIS CD2 NE2  sing Y N 144 
HIS CD2 HD2  sing N N 145 
HIS CE1 NE2  sing Y N 146 
HIS CE1 HE1  sing N N 147 
HIS NE2 HE2  sing N N 148 
HIS OXT HXT  sing N N 149 
ILE N   CA   sing N N 150 
ILE N   H    sing N N 151 
ILE N   H2   sing N N 152 
ILE CA  C    sing N N 153 
ILE CA  CB   sing N N 154 
ILE CA  HA   sing N N 155 
ILE C   O    doub N N 156 
ILE C   OXT  sing N N 157 
ILE CB  CG1  sing N N 158 
ILE CB  CG2  sing N N 159 
ILE CB  HB   sing N N 160 
ILE CG1 CD1  sing N N 161 
ILE CG1 HG12 sing N N 162 
ILE CG1 HG13 sing N N 163 
ILE CG2 HG21 sing N N 164 
ILE CG2 HG22 sing N N 165 
ILE CG2 HG23 sing N N 166 
ILE CD1 HD11 sing N N 167 
ILE CD1 HD12 sing N N 168 
ILE CD1 HD13 sing N N 169 
ILE OXT HXT  sing N N 170 
LEU N   CA   sing N N 171 
LEU N   H    sing N N 172 
LEU N   H2   sing N N 173 
LEU CA  C    sing N N 174 
LEU CA  CB   sing N N 175 
LEU CA  HA   sing N N 176 
LEU C   O    doub N N 177 
LEU C   OXT  sing N N 178 
LEU CB  CG   sing N N 179 
LEU CB  HB2  sing N N 180 
LEU CB  HB3  sing N N 181 
LEU CG  CD1  sing N N 182 
LEU CG  CD2  sing N N 183 
LEU CG  HG   sing N N 184 
LEU CD1 HD11 sing N N 185 
LEU CD1 HD12 sing N N 186 
LEU CD1 HD13 sing N N 187 
LEU CD2 HD21 sing N N 188 
LEU CD2 HD22 sing N N 189 
LEU CD2 HD23 sing N N 190 
LEU OXT HXT  sing N N 191 
LYS N   CA   sing N N 192 
LYS N   H    sing N N 193 
LYS N   H2   sing N N 194 
LYS CA  C    sing N N 195 
LYS CA  CB   sing N N 196 
LYS CA  HA   sing N N 197 
LYS C   O    doub N N 198 
LYS C   OXT  sing N N 199 
LYS CB  CG   sing N N 200 
LYS CB  HB2  sing N N 201 
LYS CB  HB3  sing N N 202 
LYS CG  CD   sing N N 203 
LYS CG  HG2  sing N N 204 
LYS CG  HG3  sing N N 205 
LYS CD  CE   sing N N 206 
LYS CD  HD2  sing N N 207 
LYS CD  HD3  sing N N 208 
LYS CE  NZ   sing N N 209 
LYS CE  HE2  sing N N 210 
LYS CE  HE3  sing N N 211 
LYS NZ  HZ1  sing N N 212 
LYS NZ  HZ2  sing N N 213 
LYS NZ  HZ3  sing N N 214 
LYS OXT HXT  sing N N 215 
MET N   CA   sing N N 216 
MET N   H    sing N N 217 
MET N   H2   sing N N 218 
MET CA  C    sing N N 219 
MET CA  CB   sing N N 220 
MET CA  HA   sing N N 221 
MET C   O    doub N N 222 
MET C   OXT  sing N N 223 
MET CB  CG   sing N N 224 
MET CB  HB2  sing N N 225 
MET CB  HB3  sing N N 226 
MET CG  SD   sing N N 227 
MET CG  HG2  sing N N 228 
MET CG  HG3  sing N N 229 
MET SD  CE   sing N N 230 
MET CE  HE1  sing N N 231 
MET CE  HE2  sing N N 232 
MET CE  HE3  sing N N 233 
MET OXT HXT  sing N N 234 
PRO N   CA   sing N N 235 
PRO N   CD   sing N N 236 
PRO N   H    sing N N 237 
PRO CA  C    sing N N 238 
PRO CA  CB   sing N N 239 
PRO CA  HA   sing N N 240 
PRO C   O    doub N N 241 
PRO C   OXT  sing N N 242 
PRO CB  CG   sing N N 243 
PRO CB  HB2  sing N N 244 
PRO CB  HB3  sing N N 245 
PRO CG  CD   sing N N 246 
PRO CG  HG2  sing N N 247 
PRO CG  HG3  sing N N 248 
PRO CD  HD2  sing N N 249 
PRO CD  HD3  sing N N 250 
PRO OXT HXT  sing N N 251 
SER N   CA   sing N N 252 
SER N   H    sing N N 253 
SER N   H2   sing N N 254 
SER CA  C    sing N N 255 
SER CA  CB   sing N N 256 
SER CA  HA   sing N N 257 
SER C   O    doub N N 258 
SER C   OXT  sing N N 259 
SER CB  OG   sing N N 260 
SER CB  HB2  sing N N 261 
SER CB  HB3  sing N N 262 
SER OG  HG   sing N N 263 
SER OXT HXT  sing N N 264 
THR N   CA   sing N N 265 
THR N   H    sing N N 266 
THR N   H2   sing N N 267 
THR CA  C    sing N N 268 
THR CA  CB   sing N N 269 
THR CA  HA   sing N N 270 
THR C   O    doub N N 271 
THR C   OXT  sing N N 272 
THR CB  OG1  sing N N 273 
THR CB  CG2  sing N N 274 
THR CB  HB   sing N N 275 
THR OG1 HG1  sing N N 276 
THR CG2 HG21 sing N N 277 
THR CG2 HG22 sing N N 278 
THR CG2 HG23 sing N N 279 
THR OXT HXT  sing N N 280 
TRP N   CA   sing N N 281 
TRP N   H    sing N N 282 
TRP N   H2   sing N N 283 
TRP CA  C    sing N N 284 
TRP CA  CB   sing N N 285 
TRP CA  HA   sing N N 286 
TRP C   O    doub N N 287 
TRP C   OXT  sing N N 288 
TRP CB  CG   sing N N 289 
TRP CB  HB2  sing N N 290 
TRP CB  HB3  sing N N 291 
TRP CG  CD1  doub Y N 292 
TRP CG  CD2  sing Y N 293 
TRP CD1 NE1  sing Y N 294 
TRP CD1 HD1  sing N N 295 
TRP CD2 CE2  doub Y N 296 
TRP CD2 CE3  sing Y N 297 
TRP NE1 CE2  sing Y N 298 
TRP NE1 HE1  sing N N 299 
TRP CE2 CZ2  sing Y N 300 
TRP CE3 CZ3  doub Y N 301 
TRP CE3 HE3  sing N N 302 
TRP CZ2 CH2  doub Y N 303 
TRP CZ2 HZ2  sing N N 304 
TRP CZ3 CH2  sing Y N 305 
TRP CZ3 HZ3  sing N N 306 
TRP CH2 HH2  sing N N 307 
TRP OXT HXT  sing N N 308 
TYR N   CA   sing N N 309 
TYR N   H    sing N N 310 
TYR N   H2   sing N N 311 
TYR CA  C    sing N N 312 
TYR CA  CB   sing N N 313 
TYR CA  HA   sing N N 314 
TYR C   O    doub N N 315 
TYR C   OXT  sing N N 316 
TYR CB  CG   sing N N 317 
TYR CB  HB2  sing N N 318 
TYR CB  HB3  sing N N 319 
TYR CG  CD1  doub Y N 320 
TYR CG  CD2  sing Y N 321 
TYR CD1 CE1  sing Y N 322 
TYR CD1 HD1  sing N N 323 
TYR CD2 CE2  doub Y N 324 
TYR CD2 HD2  sing N N 325 
TYR CE1 CZ   doub Y N 326 
TYR CE1 HE1  sing N N 327 
TYR CE2 CZ   sing Y N 328 
TYR CE2 HE2  sing N N 329 
TYR CZ  OH   sing N N 330 
TYR OH  HH   sing N N 331 
TYR OXT HXT  sing N N 332 
VAL N   CA   sing N N 333 
VAL N   H    sing N N 334 
VAL N   H2   sing N N 335 
VAL CA  C    sing N N 336 
VAL CA  CB   sing N N 337 
VAL CA  HA   sing N N 338 
VAL C   O    doub N N 339 
VAL C   OXT  sing N N 340 
VAL CB  CG1  sing N N 341 
VAL CB  CG2  sing N N 342 
VAL CB  HB   sing N N 343 
VAL CG1 HG11 sing N N 344 
VAL CG1 HG12 sing N N 345 
VAL CG1 HG13 sing N N 346 
VAL CG2 HG21 sing N N 347 
VAL CG2 HG22 sing N N 348 
VAL CG2 HG23 sing N N 349 
VAL OXT HXT  sing N N 350 
# 
_pdbx_nmr_spectrometer.field_strength    800 
_pdbx_nmr_spectrometer.manufacturer      Bruker 
_pdbx_nmr_spectrometer.model             AVANCE 
_pdbx_nmr_spectrometer.spectrometer_id   1 
_pdbx_nmr_spectrometer.type              'Bruker Avance' 
# 
_atom_sites.entry_id                    2L7X 
_atom_sites.fract_transf_matrix[1][1]   1.000000 
_atom_sites.fract_transf_matrix[1][2]   0.000000 
_atom_sites.fract_transf_matrix[1][3]   0.000000 
_atom_sites.fract_transf_matrix[2][1]   0.000000 
_atom_sites.fract_transf_matrix[2][2]   1.000000 
_atom_sites.fract_transf_matrix[2][3]   0.000000 
_atom_sites.fract_transf_matrix[3][1]   0.000000 
_atom_sites.fract_transf_matrix[3][2]   0.000000 
_atom_sites.fract_transf_matrix[3][3]   1.000000 
_atom_sites.fract_transf_vector[1]      0.00000 
_atom_sites.fract_transf_vector[2]      0.00000 
_atom_sites.fract_transf_vector[3]      0.00000 
# 
loop_
_atom_type.symbol 
C  
H  
N  
O  
S  
ZN 
# 
loop_
_atom_site.group_PDB 
_atom_site.id 
_atom_site.type_symbol 
_atom_site.label_atom_id 
_atom_site.label_alt_id 
_atom_site.label_comp_id 
_atom_site.label_asym_id 
_atom_site.label_entity_id 
_atom_site.label_seq_id 
_atom_site.pdbx_PDB_ins_code 
_atom_site.Cartn_x 
_atom_site.Cartn_y 
_atom_site.Cartn_z 
_atom_site.occupancy 
_atom_site.B_iso_or_equiv 
_atom_site.pdbx_formal_charge 
_atom_site.auth_seq_id 
_atom_site.auth_comp_id 
_atom_site.auth_asym_id 
_atom_site.auth_atom_id 
_atom_site.pdbx_PDB_model_num 
ATOM   1    N  N    . ARG A 1 1  ? 0.829   -16.572 7.540   1.00 20.00 ? 29  ARG A N    1 
ATOM   2    C  CA   . ARG A 1 1  ? 0.399   -15.214 7.977   1.00 20.00 ? 29  ARG A CA   1 
ATOM   3    C  C    . ARG A 1 1  ? 1.311   -14.675 9.087   1.00 20.00 ? 29  ARG A C    1 
ATOM   4    O  O    . ARG A 1 1  ? 2.068   -15.424 9.701   1.00 20.00 ? 29  ARG A O    1 
ATOM   5    C  CB   . ARG A 1 1  ? -1.086  -15.194 8.414   1.00 20.00 ? 29  ARG A CB   1 
ATOM   6    C  CG   . ARG A 1 1  ? -2.023  -14.843 7.245   1.00 20.00 ? 29  ARG A CG   1 
ATOM   7    C  CD   . ARG A 1 1  ? -3.482  -14.707 7.709   1.00 20.00 ? 29  ARG A CD   1 
ATOM   8    N  NE   . ARG A 1 1  ? -4.115  -16.017 7.950   1.00 20.00 ? 29  ARG A NE   1 
ATOM   9    C  CZ   . ARG A 1 1  ? -4.847  -16.716 7.099   1.00 20.00 ? 29  ARG A CZ   1 
ATOM   10   N  NH1  . ARG A 1 1  ? -5.089  -16.327 5.881   1.00 20.00 ? 29  ARG A NH1  1 
ATOM   11   N  NH2  . ARG A 1 1  ? -5.363  -17.850 7.472   1.00 20.00 ? 29  ARG A NH2  1 
ATOM   12   H  H1   . ARG A 1 1  ? 0.222   -16.929 6.817   1.00 20.00 ? 29  ARG A H1   1 
ATOM   13   H  H2   . ARG A 1 1  ? 1.773   -16.546 7.176   1.00 20.00 ? 29  ARG A H2   1 
ATOM   14   H  H3   . ARG A 1 1  ? 0.814   -17.214 8.319   1.00 20.00 ? 29  ARG A H3   1 
ATOM   15   H  HA   . ARG A 1 1  ? 0.516   -14.528 7.136   1.00 20.00 ? 29  ARG A HA   1 
ATOM   16   H  HB2  . ARG A 1 1  ? -1.368  -16.156 8.846   1.00 20.00 ? 29  ARG A HB2  1 
ATOM   17   H  HB3  . ARG A 1 1  ? -1.232  -14.436 9.186   1.00 20.00 ? 29  ARG A HB3  1 
ATOM   18   H  HG2  . ARG A 1 1  ? -1.711  -13.885 6.828   1.00 20.00 ? 29  ARG A HG2  1 
ATOM   19   H  HG3  . ARG A 1 1  ? -1.956  -15.600 6.462   1.00 20.00 ? 29  ARG A HG3  1 
ATOM   20   H  HD2  . ARG A 1 1  ? -3.514  -14.115 8.625   1.00 20.00 ? 29  ARG A HD2  1 
ATOM   21   H  HD3  . ARG A 1 1  ? -4.046  -14.156 6.959   1.00 20.00 ? 29  ARG A HD3  1 
ATOM   22   H  HE   . ARG A 1 1  ? -4.013  -16.408 8.872   1.00 20.00 ? 29  ARG A HE   1 
ATOM   23   H  HH11 . ARG A 1 1  ? -4.726  -15.433 5.540   1.00 20.00 ? 29  ARG A HH11 1 
ATOM   24   H  HH12 . ARG A 1 1  ? -5.656  -16.885 5.270   1.00 20.00 ? 29  ARG A HH12 1 
ATOM   25   H  HH21 . ARG A 1 1  ? -5.210  -18.196 8.405   1.00 20.00 ? 29  ARG A HH21 1 
ATOM   26   H  HH22 . ARG A 1 1  ? -5.926  -18.386 6.832   1.00 20.00 ? 29  ARG A HH22 1 
ATOM   27   N  N    . GLU A 1 2  ? 1.220   -13.371 9.362   1.00 20.00 ? 30  GLU A N    1 
ATOM   28   C  CA   . GLU A 1 2  ? 1.973   -12.644 10.400  1.00 20.00 ? 30  GLU A CA   1 
ATOM   29   C  C    . GLU A 1 2  ? 1.049   -11.688 11.182  1.00 20.00 ? 30  GLU A C    1 
ATOM   30   O  O    . GLU A 1 2  ? -0.054  -11.363 10.733  1.00 20.00 ? 30  GLU A O    1 
ATOM   31   C  CB   . GLU A 1 2  ? 3.122   -11.845 9.750   1.00 20.00 ? 30  GLU A CB   1 
ATOM   32   C  CG   . GLU A 1 2  ? 4.258   -12.704 9.167   1.00 20.00 ? 30  GLU A CG   1 
ATOM   33   C  CD   . GLU A 1 2  ? 5.021   -13.543 10.218  1.00 20.00 ? 30  GLU A CD   1 
ATOM   34   O  OE1  . GLU A 1 2  ? 5.035   -13.185 11.422  1.00 20.00 ? 30  GLU A OE1  1 
ATOM   35   O  OE2  . GLU A 1 2  ? 5.652   -14.559 9.835   1.00 20.00 ? 30  GLU A OE2  1 
ATOM   36   H  H    . GLU A 1 2  ? 0.555   -12.821 8.834   1.00 20.00 ? 30  GLU A H    1 
ATOM   37   H  HA   . GLU A 1 2  ? 2.393   -13.346 11.124  1.00 20.00 ? 30  GLU A HA   1 
ATOM   38   H  HB2  . GLU A 1 2  ? 2.709   -11.231 8.948   1.00 20.00 ? 30  GLU A HB2  1 
ATOM   39   H  HB3  . GLU A 1 2  ? 3.551   -11.162 10.485  1.00 20.00 ? 30  GLU A HB3  1 
ATOM   40   H  HG2  . GLU A 1 2  ? 3.849   -13.356 8.392   1.00 20.00 ? 30  GLU A HG2  1 
ATOM   41   H  HG3  . GLU A 1 2  ? 4.968   -12.031 8.678   1.00 20.00 ? 30  GLU A HG3  1 
ATOM   42   N  N    . LEU A 1 3  ? 1.498   -11.220 12.353  1.00 20.00 ? 31  LEU A N    1 
ATOM   43   C  CA   . LEU A 1 3  ? 0.765   -10.285 13.211  1.00 20.00 ? 31  LEU A CA   1 
ATOM   44   C  C    . LEU A 1 3  ? 0.613   -8.923  12.510  1.00 20.00 ? 31  LEU A C    1 
ATOM   45   O  O    . LEU A 1 3  ? 1.601   -8.331  12.065  1.00 20.00 ? 31  LEU A O    1 
ATOM   46   C  CB   . LEU A 1 3  ? 1.510   -10.165 14.556  1.00 20.00 ? 31  LEU A CB   1 
ATOM   47   C  CG   . LEU A 1 3  ? 0.832   -9.250  15.595  1.00 20.00 ? 31  LEU A CG   1 
ATOM   48   C  CD1  . LEU A 1 3  ? -0.549  -9.761  16.014  1.00 20.00 ? 31  LEU A CD1  1 
ATOM   49   C  CD2  . LEU A 1 3  ? 1.703   -9.164  16.848  1.00 20.00 ? 31  LEU A CD2  1 
ATOM   50   H  H    . LEU A 1 3  ? 2.418   -11.493 12.655  1.00 20.00 ? 31  LEU A H    1 
ATOM   51   H  HA   . LEU A 1 3  ? -0.227  -10.701 13.393  1.00 20.00 ? 31  LEU A HA   1 
ATOM   52   H  HB2  . LEU A 1 3  ? 1.613   -11.163 14.987  1.00 20.00 ? 31  LEU A HB2  1 
ATOM   53   H  HB3  . LEU A 1 3  ? 2.514   -9.781  14.362  1.00 20.00 ? 31  LEU A HB3  1 
ATOM   54   H  HG   . LEU A 1 3  ? 0.726   -8.246  15.184  1.00 20.00 ? 31  LEU A HG   1 
ATOM   55   H  HD11 . LEU A 1 3  ? -0.472  -10.782 16.392  1.00 20.00 ? 31  LEU A HD11 1 
ATOM   56   H  HD12 . LEU A 1 3  ? -0.956  -9.121  16.797  1.00 20.00 ? 31  LEU A HD12 1 
ATOM   57   H  HD13 . LEU A 1 3  ? -1.235  -9.740  15.169  1.00 20.00 ? 31  LEU A HD13 1 
ATOM   58   H  HD21 . LEU A 1 3  ? 1.818   -10.153 17.296  1.00 20.00 ? 31  LEU A HD21 1 
ATOM   59   H  HD22 . LEU A 1 3  ? 2.686   -8.772  16.586  1.00 20.00 ? 31  LEU A HD22 1 
ATOM   60   H  HD23 . LEU A 1 3  ? 1.242   -8.492  17.573  1.00 20.00 ? 31  LEU A HD23 1 
ATOM   61   N  N    . LYS A 1 4  ? -0.628  -8.433  12.406  1.00 20.00 ? 32  LYS A N    1 
ATOM   62   C  CA   . LYS A 1 4  ? -0.959  -7.164  11.738  1.00 20.00 ? 32  LYS A CA   1 
ATOM   63   C  C    . LYS A 1 4  ? -0.208  -5.962  12.360  1.00 20.00 ? 32  LYS A C    1 
ATOM   64   O  O    . LYS A 1 4  ? -0.304  -5.770  13.577  1.00 20.00 ? 32  LYS A O    1 
ATOM   65   C  CB   . LYS A 1 4  ? -2.483  -6.954  11.758  1.00 20.00 ? 32  LYS A CB   1 
ATOM   66   C  CG   . LYS A 1 4  ? -2.916  -5.787  10.850  1.00 20.00 ? 32  LYS A CG   1 
ATOM   67   C  CD   . LYS A 1 4  ? -4.433  -5.559  10.842  1.00 20.00 ? 32  LYS A CD   1 
ATOM   68   C  CE   . LYS A 1 4  ? -4.913  -4.999  12.187  1.00 20.00 ? 32  LYS A CE   1 
ATOM   69   N  NZ   . LYS A 1 4  ? -6.387  -4.799  12.205  1.00 20.00 ? 32  LYS A NZ   1 
ATOM   70   H  H    . LYS A 1 4  ? -1.379  -8.992  12.784  1.00 20.00 ? 32  LYS A H    1 
ATOM   71   H  HA   . LYS A 1 4  ? -0.651  -7.287  10.702  1.00 20.00 ? 32  LYS A HA   1 
ATOM   72   H  HB2  . LYS A 1 4  ? -2.972  -7.863  11.403  1.00 20.00 ? 32  LYS A HB2  1 
ATOM   73   H  HB3  . LYS A 1 4  ? -2.804  -6.768  12.784  1.00 20.00 ? 32  LYS A HB3  1 
ATOM   74   H  HG2  . LYS A 1 4  ? -2.425  -4.867  11.162  1.00 20.00 ? 32  LYS A HG2  1 
ATOM   75   H  HG3  . LYS A 1 4  ? -2.605  -6.009  9.831   1.00 20.00 ? 32  LYS A HG3  1 
ATOM   76   H  HD2  . LYS A 1 4  ? -4.671  -4.845  10.053  1.00 20.00 ? 32  LYS A HD2  1 
ATOM   77   H  HD3  . LYS A 1 4  ? -4.940  -6.501  10.624  1.00 20.00 ? 32  LYS A HD3  1 
ATOM   78   H  HE2  . LYS A 1 4  ? -4.625  -5.691  12.982  1.00 20.00 ? 32  LYS A HE2  1 
ATOM   79   H  HE3  . LYS A 1 4  ? -4.398  -4.050  12.368  1.00 20.00 ? 32  LYS A HE3  1 
ATOM   80   H  HZ1  . LYS A 1 4  ? -6.877  -5.673  12.066  1.00 20.00 ? 32  LYS A HZ1  1 
ATOM   81   H  HZ2  . LYS A 1 4  ? -6.692  -4.420  13.092  1.00 20.00 ? 32  LYS A HZ2  1 
ATOM   82   H  HZ3  . LYS A 1 4  ? -6.685  -4.160  11.481  1.00 20.00 ? 32  LYS A HZ3  1 
ATOM   83   N  N    . PRO A 1 5  ? 0.528   -5.156  11.569  1.00 20.00 ? 33  PRO A N    1 
ATOM   84   C  CA   . PRO A 1 5  ? 1.274   -3.994  12.057  1.00 20.00 ? 33  PRO A CA   1 
ATOM   85   C  C    . PRO A 1 5  ? 0.377   -2.761  12.300  1.00 20.00 ? 33  PRO A C    1 
ATOM   86   O  O    . PRO A 1 5  ? -0.823  -2.761  12.009  1.00 20.00 ? 33  PRO A O    1 
ATOM   87   C  CB   . PRO A 1 5  ? 2.319   -3.731  10.965  1.00 20.00 ? 33  PRO A CB   1 
ATOM   88   C  CG   . PRO A 1 5  ? 1.590   -4.135  9.688   1.00 20.00 ? 33  PRO A CG   1 
ATOM   89   C  CD   . PRO A 1 5  ? 0.711   -5.301  10.131  1.00 20.00 ? 33  PRO A CD   1 
ATOM   90   H  HA   . PRO A 1 5  ? 1.788   -4.236  12.988  1.00 20.00 ? 33  PRO A HA   1 
ATOM   91   H  HB2  . PRO A 1 5  ? 2.649   -2.692  10.928  1.00 20.00 ? 33  PRO A HB2  1 
ATOM   92   H  HB3  . PRO A 1 5  ? 3.175   -4.391  11.116  1.00 20.00 ? 33  PRO A HB3  1 
ATOM   93   H  HG2  . PRO A 1 5  ? 0.957   -3.317  9.355   1.00 20.00 ? 33  PRO A HG2  1 
ATOM   94   H  HG3  . PRO A 1 5  ? 2.289   -4.427  8.907   1.00 20.00 ? 33  PRO A HG3  1 
ATOM   95   H  HD2  . PRO A 1 5  ? -0.251  -5.256  9.619   1.00 20.00 ? 33  PRO A HD2  1 
ATOM   96   H  HD3  . PRO A 1 5  ? 1.216   -6.243  9.920   1.00 20.00 ? 33  PRO A HD3  1 
ATOM   97   N  N    . GLN A 1 6  ? 0.977   -1.691  12.829  1.00 20.00 ? 34  GLN A N    1 
ATOM   98   C  CA   . GLN A 1 6  ? 0.330   -0.399  13.098  1.00 20.00 ? 34  GLN A CA   1 
ATOM   99   C  C    . GLN A 1 6  ? -0.200  0.274   11.819  1.00 20.00 ? 34  GLN A C    1 
ATOM   100  O  O    . GLN A 1 6  ? 0.329   0.090   10.718  1.00 20.00 ? 34  GLN A O    1 
ATOM   101  C  CB   . GLN A 1 6  ? 1.361   0.495   13.821  1.00 20.00 ? 34  GLN A CB   1 
ATOM   102  C  CG   . GLN A 1 6  ? 0.783   1.794   14.406  1.00 20.00 ? 34  GLN A CG   1 
ATOM   103  C  CD   . GLN A 1 6  ? 1.850   2.600   15.145  1.00 20.00 ? 34  GLN A CD   1 
ATOM   104  O  OE1  . GLN A 1 6  ? 2.226   2.306   16.274  1.00 20.00 ? 34  GLN A OE1  1 
ATOM   105  N  NE2  . GLN A 1 6  ? 2.385   3.642   14.542  1.00 20.00 ? 34  GLN A NE2  1 
ATOM   106  H  H    . GLN A 1 6  ? 1.963   -1.764  13.031  1.00 20.00 ? 34  GLN A H    1 
ATOM   107  H  HA   . GLN A 1 6  ? -0.528  -0.544  13.756  1.00 20.00 ? 34  GLN A HA   1 
ATOM   108  H  HB2  . GLN A 1 6  ? 1.796   -0.076  14.643  1.00 20.00 ? 34  GLN A HB2  1 
ATOM   109  H  HB3  . GLN A 1 6  ? 2.163   0.747   13.124  1.00 20.00 ? 34  GLN A HB3  1 
ATOM   110  H  HG2  . GLN A 1 6  ? 0.373   2.413   13.610  1.00 20.00 ? 34  GLN A HG2  1 
ATOM   111  H  HG3  . GLN A 1 6  ? -0.021  1.552   15.103  1.00 20.00 ? 34  GLN A HG3  1 
ATOM   112  H  HE21 . GLN A 1 6  ? 2.090   3.899   13.612  1.00 20.00 ? 34  GLN A HE21 1 
ATOM   113  H  HE22 . GLN A 1 6  ? 3.090   4.172   15.034  1.00 20.00 ? 34  GLN A HE22 1 
ATOM   114  N  N    . THR A 1 7  ? -1.223  1.110   11.992  1.00 20.00 ? 35  THR A N    1 
ATOM   115  C  CA   . THR A 1 7  ? -1.847  1.966   10.984  1.00 20.00 ? 35  THR A CA   1 
ATOM   116  C  C    . THR A 1 7  ? -0.831  2.832   10.241  1.00 20.00 ? 35  THR A C    1 
ATOM   117  O  O    . THR A 1 7  ? 0.137   3.328   10.827  1.00 20.00 ? 35  THR A O    1 
ATOM   118  C  CB   . THR A 1 7  ? -2.852  2.923   11.659  1.00 20.00 ? 35  THR A CB   1 
ATOM   119  O  OG1  . THR A 1 7  ? -2.546  3.159   13.023  1.00 20.00 ? 35  THR A OG1  1 
ATOM   120  C  CG2  . THR A 1 7  ? -4.266  2.356   11.612  1.00 20.00 ? 35  THR A CG2  1 
ATOM   121  H  H    . THR A 1 7  ? -1.580  1.253   12.925  1.00 20.00 ? 35  THR A H    1 
ATOM   122  H  HA   . THR A 1 7  ? -2.372  1.348   10.260  1.00 20.00 ? 35  THR A HA   1 
ATOM   123  H  HB   . THR A 1 7  ? -2.830  3.876   11.134  1.00 20.00 ? 35  THR A HB   1 
ATOM   124  H  HG1  . THR A 1 7  ? -3.158  3.843   13.350  1.00 20.00 ? 35  THR A HG1  1 
ATOM   125  H  HG21 . THR A 1 7  ? -4.291  1.384   12.107  1.00 20.00 ? 35  THR A HG21 1 
ATOM   126  H  HG22 . THR A 1 7  ? -4.957  3.035   12.111  1.00 20.00 ? 35  THR A HG22 1 
ATOM   127  H  HG23 . THR A 1 7  ? -4.579  2.246   10.574  1.00 20.00 ? 35  THR A HG23 1 
ATOM   128  N  N    . CYS A 1 8  ? -1.100  3.070   8.954   1.00 20.00 ? 36  CYS A N    1 
ATOM   129  C  CA   . CYS A 1 8  ? -0.311  3.986   8.141   1.00 20.00 ? 36  CYS A CA   1 
ATOM   130  C  C    . CYS A 1 8  ? -0.463  5.402   8.726   1.00 20.00 ? 36  CYS A C    1 
ATOM   131  O  O    . CYS A 1 8  ? -1.568  5.911   8.923   1.00 20.00 ? 36  CYS A O    1 
ATOM   132  C  CB   . CYS A 1 8  ? -0.740  3.890   6.672   1.00 20.00 ? 36  CYS A CB   1 
ATOM   133  S  SG   . CYS A 1 8  ? 0.161   5.148   5.723   1.00 20.00 ? 36  CYS A SG   1 
ATOM   134  H  H    . CYS A 1 8  ? -1.930  2.667   8.554   1.00 20.00 ? 36  CYS A H    1 
ATOM   135  H  HA   . CYS A 1 8  ? 0.739   3.692   8.203   1.00 20.00 ? 36  CYS A HA   1 
ATOM   136  H  HB2  . CYS A 1 8  ? -0.506  2.899   6.281   1.00 20.00 ? 36  CYS A HB2  1 
ATOM   137  H  HB3  . CYS A 1 8  ? -1.811  4.055   6.567   1.00 20.00 ? 36  CYS A HB3  1 
ATOM   138  N  N    . THR A 1 9  ? 0.662   6.036   9.020   1.00 20.00 ? 37  THR A N    1 
ATOM   139  C  CA   . THR A 1 9  ? 0.774   7.370   9.629   1.00 20.00 ? 37  THR A CA   1 
ATOM   140  C  C    . THR A 1 9  ? 0.553   8.518   8.642   1.00 20.00 ? 37  THR A C    1 
ATOM   141  O  O    . THR A 1 9  ? 0.764   9.685   8.987   1.00 20.00 ? 37  THR A O    1 
ATOM   142  C  CB   . THR A 1 9  ? 2.165   7.489   10.283  1.00 20.00 ? 37  THR A CB   1 
ATOM   143  O  OG1  . THR A 1 9  ? 3.164   6.863   9.498   1.00 20.00 ? 37  THR A OG1  1 
ATOM   144  C  CG2  . THR A 1 9  ? 2.128   6.787   11.645  1.00 20.00 ? 37  THR A CG2  1 
ATOM   145  H  H    . THR A 1 9  ? 1.533   5.573   8.811   1.00 20.00 ? 37  THR A H    1 
ATOM   146  H  HA   . THR A 1 9  ? 0.011   7.474   10.402  1.00 20.00 ? 37  THR A HA   1 
ATOM   147  H  HB   . THR A 1 9  ? 2.445   8.535   10.407  1.00 20.00 ? 37  THR A HB   1 
ATOM   148  H  HG1  . THR A 1 9  ? 4.024   7.049   9.911   1.00 20.00 ? 37  THR A HG1  1 
ATOM   149  H  HG21 . THR A 1 9  ? 1.787   5.755   11.529  1.00 20.00 ? 37  THR A HG21 1 
ATOM   150  H  HG22 . THR A 1 9  ? 3.118   6.800   12.100  1.00 20.00 ? 37  THR A HG22 1 
ATOM   151  H  HG23 . THR A 1 9  ? 1.429   7.305   12.301  1.00 20.00 ? 37  THR A HG23 1 
ATOM   152  N  N    . ILE A 1 10 ? 0.173   8.198   7.402   1.00 20.00 ? 38  ILE A N    1 
ATOM   153  C  CA   . ILE A 1 10 ? 0.083   9.148   6.292   1.00 20.00 ? 38  ILE A CA   1 
ATOM   154  C  C    . ILE A 1 10 ? -1.315  9.161   5.642   1.00 20.00 ? 38  ILE A C    1 
ATOM   155  O  O    . ILE A 1 10 ? -1.921  10.230  5.559   1.00 20.00 ? 38  ILE A O    1 
ATOM   156  C  CB   . ILE A 1 10 ? 1.260   8.857   5.332   1.00 20.00 ? 38  ILE A CB   1 
ATOM   157  C  CG1  . ILE A 1 10 ? 2.556   8.358   6.019   1.00 20.00 ? 38  ILE A CG1  1 
ATOM   158  C  CG2  . ILE A 1 10 ? 1.569   10.131  4.533   1.00 20.00 ? 38  ILE A CG2  1 
ATOM   159  C  CD1  . ILE A 1 10 ? 3.874   8.358   5.246   1.00 20.00 ? 38  ILE A CD1  1 
ATOM   160  H  H    . ILE A 1 10 ? 0.076   7.214   7.185   1.00 20.00 ? 38  ILE A H    1 
ATOM   161  H  HA   . ILE A 1 10 ? 0.226   10.163  6.643   1.00 20.00 ? 38  ILE A HA   1 
ATOM   162  H  HB   . ILE A 1 10 ? 0.925   8.045   4.707   1.00 20.00 ? 38  ILE A HB   1 
ATOM   163  H  HG12 . ILE A 1 10 ? 2.720   8.982   6.879   1.00 20.00 ? 38  ILE A HG12 1 
ATOM   164  H  HG13 . ILE A 1 10 ? 2.405   7.332   6.349   1.00 20.00 ? 38  ILE A HG13 1 
ATOM   165  H  HG21 . ILE A 1 10 ? 0.691   10.465  3.998   1.00 20.00 ? 38  ILE A HG21 1 
ATOM   166  H  HG22 . ILE A 1 10 ? 1.904   10.919  5.209   1.00 20.00 ? 38  ILE A HG22 1 
ATOM   167  H  HG23 . ILE A 1 10 ? 2.354   9.942   3.807   1.00 20.00 ? 38  ILE A HG23 1 
ATOM   168  H  HD11 . ILE A 1 10 ? 3.775   7.784   4.328   1.00 20.00 ? 38  ILE A HD11 1 
ATOM   169  H  HD12 . ILE A 1 10 ? 4.187   9.379   5.029   1.00 20.00 ? 38  ILE A HD12 1 
ATOM   170  H  HD13 . ILE A 1 10 ? 4.630   7.903   5.885   1.00 20.00 ? 38  ILE A HD13 1 
ATOM   171  N  N    . CYS A 1 11 ? -1.871  8.005   5.259   1.00 20.00 ? 39  CYS A N    1 
ATOM   172  C  CA   . CYS A 1 11 ? -3.231  7.877   4.686   1.00 20.00 ? 39  CYS A CA   1 
ATOM   173  C  C    . CYS A 1 11 ? -4.273  7.253   5.649   1.00 20.00 ? 39  CYS A C    1 
ATOM   174  O  O    . CYS A 1 11 ? -5.464  7.194   5.337   1.00 20.00 ? 39  CYS A O    1 
ATOM   175  C  CB   . CYS A 1 11 ? -3.151  7.041   3.409   1.00 20.00 ? 39  CYS A CB   1 
ATOM   176  S  SG   . CYS A 1 11 ? -3.009  5.291   3.821   1.00 20.00 ? 39  CYS A SG   1 
ATOM   177  H  H    . CYS A 1 11 ? -1.317  7.164   5.367   1.00 20.00 ? 39  CYS A H    1 
ATOM   178  H  HA   . CYS A 1 11 ? -3.602  8.852   4.371   1.00 20.00 ? 39  CYS A HA   1 
ATOM   179  H  HB2  . CYS A 1 11 ? -4.054  7.200   2.822   1.00 20.00 ? 39  CYS A HB2  1 
ATOM   180  H  HB3  . CYS A 1 11 ? -2.288  7.337   2.821   1.00 20.00 ? 39  CYS A HB3  1 
ATOM   181  N  N    . GLU A 1 12 ? -3.828  6.770   6.813   1.00 20.00 ? 40  GLU A N    1 
ATOM   182  C  CA   . GLU A 1 12 ? -4.610  6.064   7.831   1.00 20.00 ? 40  GLU A CA   1 
ATOM   183  C  C    . GLU A 1 12 ? -5.290  4.745   7.388   1.00 20.00 ? 40  GLU A C    1 
ATOM   184  O  O    . GLU A 1 12 ? -6.008  4.125   8.178   1.00 20.00 ? 40  GLU A O    1 
ATOM   185  C  CB   . GLU A 1 12 ? -5.493  7.054   8.584   1.00 20.00 ? 40  GLU A CB   1 
ATOM   186  C  CG   . GLU A 1 12 ? -5.384  6.894   10.104  1.00 20.00 ? 40  GLU A CG   1 
ATOM   187  C  CD   . GLU A 1 12 ? -6.300  7.896   10.835  1.00 20.00 ? 40  GLU A CD   1 
ATOM   188  O  OE1  . GLU A 1 12 ? -5.874  9.053   11.074  1.00 20.00 ? 40  GLU A OE1  1 
ATOM   189  O  OE2  . GLU A 1 12 ? -7.450  7.534   11.185  1.00 20.00 ? 40  GLU A OE2  1 
ATOM   190  H  H    . GLU A 1 12 ? -2.855  6.900   7.022   1.00 20.00 ? 40  GLU A H    1 
ATOM   191  H  HA   . GLU A 1 12 ? -3.901  5.734   8.570   1.00 20.00 ? 40  GLU A HA   1 
ATOM   192  H  HB2  . GLU A 1 12 ? -5.165  8.062   8.319   1.00 20.00 ? 40  GLU A HB2  1 
ATOM   193  H  HB3  . GLU A 1 12 ? -6.515  6.894   8.274   1.00 20.00 ? 40  GLU A HB3  1 
ATOM   194  H  HG2  . GLU A 1 12 ? -5.649  5.871   10.381  1.00 20.00 ? 40  GLU A HG2  1 
ATOM   195  H  HG3  . GLU A 1 12 ? -4.344  7.058   10.399  1.00 20.00 ? 40  GLU A HG3  1 
ATOM   196  N  N    . THR A 1 13 ? -5.027  4.260   6.167   1.00 20.00 ? 41  THR A N    1 
ATOM   197  C  CA   . THR A 1 13 ? -5.501  2.956   5.669   1.00 20.00 ? 41  THR A CA   1 
ATOM   198  C  C    . THR A 1 13 ? -4.659  1.845   6.295   1.00 20.00 ? 41  THR A C    1 
ATOM   199  O  O    . THR A 1 13 ? -3.490  1.677   5.949   1.00 20.00 ? 41  THR A O    1 
ATOM   200  C  CB   . THR A 1 13 ? -5.505  2.861   4.146   1.00 20.00 ? 41  THR A CB   1 
ATOM   201  O  OG1  . THR A 1 13 ? -6.346  3.863   3.628   1.00 20.00 ? 41  THR A OG1  1 
ATOM   202  C  CG2  . THR A 1 13 ? -6.046  1.513   3.657   1.00 20.00 ? 41  THR A CG2  1 
ATOM   203  H  H    . THR A 1 13 ? -4.397  4.791   5.574   1.00 20.00 ? 41  THR A H    1 
ATOM   204  H  HA   . THR A 1 13 ? -6.532  2.804   5.927   1.00 20.00 ? 41  THR A HA   1 
ATOM   205  H  HB   . THR A 1 13 ? -4.503  3.005   3.777   1.00 20.00 ? 41  THR A HB   1 
ATOM   206  H  HG1  . THR A 1 13 ? -6.036  4.713   3.975   1.00 20.00 ? 41  THR A HG1  1 
ATOM   207  H  HG21 . THR A 1 13 ? -5.384  0.705   3.964   1.00 20.00 ? 41  THR A HG21 1 
ATOM   208  H  HG22 . THR A 1 13 ? -7.044  1.341   4.063   1.00 20.00 ? 41  THR A HG22 1 
ATOM   209  H  HG23 . THR A 1 13 ? -6.101  1.515   2.573   1.00 20.00 ? 41  THR A HG23 1 
ATOM   210  N  N    . THR A 1 14 ? -5.228  1.117   7.260   1.00 20.00 ? 42  THR A N    1 
ATOM   211  C  CA   . THR A 1 14 ? -4.547  0.061   8.029   1.00 20.00 ? 42  THR A CA   1 
ATOM   212  C  C    . THR A 1 14 ? -3.900  -1.021  7.140   1.00 20.00 ? 42  THR A C    1 
ATOM   213  O  O    . THR A 1 14 ? -4.631  -1.779  6.492   1.00 20.00 ? 42  THR A O    1 
ATOM   214  C  CB   . THR A 1 14 ? -5.507  -0.612  9.028   1.00 20.00 ? 42  THR A CB   1 
ATOM   215  O  OG1  . THR A 1 14 ? -6.302  0.357   9.680   1.00 20.00 ? 42  THR A OG1  1 
ATOM   216  C  CG2  . THR A 1 14 ? -4.738  -1.368  10.113  1.00 20.00 ? 42  THR A CG2  1 
ATOM   217  H  H    . THR A 1 14 ? -6.172  1.345   7.542   1.00 20.00 ? 42  THR A H    1 
ATOM   218  H  HA   . THR A 1 14 ? -3.783  0.554   8.621   1.00 20.00 ? 42  THR A HA   1 
ATOM   219  H  HB   . THR A 1 14 ? -6.168  -1.301  8.501   1.00 20.00 ? 42  THR A HB   1 
ATOM   220  H  HG1  . THR A 1 14 ? -6.962  -0.113  10.219  1.00 20.00 ? 42  THR A HG1  1 
ATOM   221  H  HG21 . THR A 1 14 ? -4.153  -2.172  9.668   1.00 20.00 ? 42  THR A HG21 1 
ATOM   222  H  HG22 . THR A 1 14 ? -4.067  -0.687  10.640  1.00 20.00 ? 42  THR A HG22 1 
ATOM   223  H  HG23 . THR A 1 14 ? -5.438  -1.801  10.828  1.00 20.00 ? 42  THR A HG23 1 
ATOM   224  N  N    . PRO A 1 15 ? -2.557  -1.136  7.101   1.00 20.00 ? 43  PRO A N    1 
ATOM   225  C  CA   . PRO A 1 15 ? -1.869  -2.174  6.333   1.00 20.00 ? 43  PRO A CA   1 
ATOM   226  C  C    . PRO A 1 15 ? -2.052  -3.550  6.989   1.00 20.00 ? 43  PRO A C    1 
ATOM   227  O  O    . PRO A 1 15 ? -2.149  -3.676  8.213   1.00 20.00 ? 43  PRO A O    1 
ATOM   228  C  CB   . PRO A 1 15 ? -0.410  -1.739  6.280   1.00 20.00 ? 43  PRO A CB   1 
ATOM   229  C  CG   . PRO A 1 15 ? -0.224  -0.938  7.567   1.00 20.00 ? 43  PRO A CG   1 
ATOM   230  C  CD   . PRO A 1 15 ? -1.589  -0.308  7.808   1.00 20.00 ? 43  PRO A CD   1 
ATOM   231  H  HA   . PRO A 1 15 ? -2.237  -2.227  5.311   1.00 20.00 ? 43  PRO A HA   1 
ATOM   232  H  HB2  . PRO A 1 15 ? 0.258   -2.598  6.219   1.00 20.00 ? 43  PRO A HB2  1 
ATOM   233  H  HB3  . PRO A 1 15 ? -0.265  -1.083  5.421   1.00 20.00 ? 43  PRO A HB3  1 
ATOM   234  H  HG2  . PRO A 1 15 ? 0.003   -1.612  8.389   1.00 20.00 ? 43  PRO A HG2  1 
ATOM   235  H  HG3  . PRO A 1 15 ? 0.553   -0.180  7.469   1.00 20.00 ? 43  PRO A HG3  1 
ATOM   236  H  HD2  . PRO A 1 15 ? -1.794  -0.292  8.878   1.00 20.00 ? 43  PRO A HD2  1 
ATOM   237  H  HD3  . PRO A 1 15 ? -1.599  0.701   7.398   1.00 20.00 ? 43  PRO A HD3  1 
ATOM   238  N  N    . VAL A 1 16 ? -2.108  -4.597  6.166   1.00 20.00 ? 44  VAL A N    1 
ATOM   239  C  CA   . VAL A 1 16 ? -2.331  -5.991  6.607   1.00 20.00 ? 44  VAL A CA   1 
ATOM   240  C  C    . VAL A 1 16 ? -1.061  -6.623  7.175   1.00 20.00 ? 44  VAL A C    1 
ATOM   241  O  O    . VAL A 1 16 ? -1.086  -7.347  8.169   1.00 20.00 ? 44  VAL A O    1 
ATOM   242  C  CB   . VAL A 1 16 ? -2.842  -6.834  5.426   1.00 20.00 ? 44  VAL A CB   1 
ATOM   243  C  CG1  . VAL A 1 16 ? -3.076  -8.311  5.757   1.00 20.00 ? 44  VAL A CG1  1 
ATOM   244  C  CG2  . VAL A 1 16 ? -4.140  -6.232  4.912   1.00 20.00 ? 44  VAL A CG2  1 
ATOM   245  H  H    . VAL A 1 16 ? -2.012  -4.403  5.169   1.00 20.00 ? 44  VAL A H    1 
ATOM   246  H  HA   . VAL A 1 16 ? -3.106  -6.006  7.368   1.00 20.00 ? 44  VAL A HA   1 
ATOM   247  H  HB   . VAL A 1 16 ? -2.125  -6.783  4.614   1.00 20.00 ? 44  VAL A HB   1 
ATOM   248  H  HG11 . VAL A 1 16 ? -3.781  -8.405  6.583   1.00 20.00 ? 44  VAL A HG11 1 
ATOM   249  H  HG12 . VAL A 1 16 ? -3.473  -8.823  4.880   1.00 20.00 ? 44  VAL A HG12 1 
ATOM   250  H  HG13 . VAL A 1 16 ? -2.134  -8.793  6.020   1.00 20.00 ? 44  VAL A HG13 1 
ATOM   251  H  HG21 . VAL A 1 16 ? -4.838  -6.079  5.731   1.00 20.00 ? 44  VAL A HG21 1 
ATOM   252  H  HG22 . VAL A 1 16 ? -3.893  -5.282  4.441   1.00 20.00 ? 44  VAL A HG22 1 
ATOM   253  H  HG23 . VAL A 1 16 ? -4.580  -6.894  4.171   1.00 20.00 ? 44  VAL A HG23 1 
ATOM   254  N  N    . ASN A 1 17 ? 0.044   -6.388  6.475   1.00 20.00 ? 45  ASN A N    1 
ATOM   255  C  CA   . ASN A 1 17 ? 1.361   -6.975  6.682   1.00 20.00 ? 45  ASN A CA   1 
ATOM   256  C  C    . ASN A 1 17 ? 2.522   -5.964  6.575   1.00 20.00 ? 45  ASN A C    1 
ATOM   257  O  O    . ASN A 1 17 ? 2.324   -4.822  6.168   1.00 20.00 ? 45  ASN A O    1 
ATOM   258  C  CB   . ASN A 1 17 ? 1.432   -8.069  5.618   1.00 20.00 ? 45  ASN A CB   1 
ATOM   259  C  CG   . ASN A 1 17 ? 1.369   -7.536  4.200   1.00 20.00 ? 45  ASN A CG   1 
ATOM   260  O  OD1  . ASN A 1 17 ? 2.375   -7.233  3.585   1.00 20.00 ? 45  ASN A OD1  1 
ATOM   261  N  ND2  . ASN A 1 17 ? 0.180   -7.345  3.676   1.00 20.00 ? 45  ASN A ND2  1 
ATOM   262  H  H    . ASN A 1 17 ? -0.084  -5.889  5.613   1.00 20.00 ? 45  ASN A H    1 
ATOM   263  H  HA   . ASN A 1 17 ? 1.411   -7.437  7.671   1.00 20.00 ? 45  ASN A HA   1 
ATOM   264  H  HB2  . ASN A 1 17 ? 2.344   -8.636  5.737   1.00 20.00 ? 45  ASN A HB2  1 
ATOM   265  H  HB3  . ASN A 1 17 ? 0.575   -8.721  5.763   1.00 20.00 ? 45  ASN A HB3  1 
ATOM   266  H  HD21 . ASN A 1 17 ? -0.660  -7.540  4.188   1.00 20.00 ? 45  ASN A HD21 1 
ATOM   267  H  HD22 . ASN A 1 17 ? 0.094   -7.046  2.716   1.00 20.00 ? 45  ASN A HD22 1 
ATOM   268  N  N    . ALA A 1 18 ? 3.740   -6.376  6.946   1.00 20.00 ? 46  ALA A N    1 
ATOM   269  C  CA   . ALA A 1 18 ? 4.931   -5.517  6.981   1.00 20.00 ? 46  ALA A CA   1 
ATOM   270  C  C    . ALA A 1 18 ? 5.366   -4.966  5.609   1.00 20.00 ? 46  ALA A C    1 
ATOM   271  O  O    . ALA A 1 18 ? 5.782   -3.810  5.510   1.00 20.00 ? 46  ALA A O    1 
ATOM   272  C  CB   . ALA A 1 18 ? 6.069   -6.310  7.638   1.00 20.00 ? 46  ALA A CB   1 
ATOM   273  H  H    . ALA A 1 18 ? 3.854   -7.332  7.244   1.00 20.00 ? 46  ALA A H    1 
ATOM   274  H  HA   . ALA A 1 18 ? 4.714   -4.658  7.618   1.00 20.00 ? 46  ALA A HA   1 
ATOM   275  H  HB1  . ALA A 1 18 ? 6.317   -7.185  7.034   1.00 20.00 ? 46  ALA A HB1  1 
ATOM   276  H  HB2  . ALA A 1 18 ? 6.953   -5.677  7.725   1.00 20.00 ? 46  ALA A HB2  1 
ATOM   277  H  HB3  . ALA A 1 18 ? 5.770   -6.632  8.635   1.00 20.00 ? 46  ALA A HB3  1 
ATOM   278  N  N    . ILE A 1 19 ? 5.243   -5.770  4.549   1.00 20.00 ? 47  ILE A N    1 
ATOM   279  C  CA   . ILE A 1 19 ? 5.580   -5.367  3.166   1.00 20.00 ? 47  ILE A CA   1 
ATOM   280  C  C    . ILE A 1 19 ? 4.630   -4.245  2.723   1.00 20.00 ? 47  ILE A C    1 
ATOM   281  O  O    . ILE A 1 19 ? 5.066   -3.175  2.296   1.00 20.00 ? 47  ILE A O    1 
ATOM   282  C  CB   . ILE A 1 19 ? 5.485   -6.593  2.230   1.00 20.00 ? 47  ILE A CB   1 
ATOM   283  C  CG1  . ILE A 1 19 ? 6.595   -7.624  2.541   1.00 20.00 ? 47  ILE A CG1  1 
ATOM   284  C  CG2  . ILE A 1 19 ? 5.508   -6.216  0.736   1.00 20.00 ? 47  ILE A CG2  1 
ATOM   285  C  CD1  . ILE A 1 19 ? 6.258   -9.046  2.067   1.00 20.00 ? 47  ILE A CD1  1 
ATOM   286  H  H    . ILE A 1 19 ? 4.866   -6.695  4.714   1.00 20.00 ? 47  ILE A H    1 
ATOM   287  H  HA   . ILE A 1 19 ? 6.599   -4.977  3.133   1.00 20.00 ? 47  ILE A HA   1 
ATOM   288  H  HB   . ILE A 1 19 ? 4.524   -7.051  2.429   1.00 20.00 ? 47  ILE A HB   1 
ATOM   289  H  HG12 . ILE A 1 19 ? 7.530   -7.302  2.079   1.00 20.00 ? 47  ILE A HG12 1 
ATOM   290  H  HG13 . ILE A 1 19 ? 6.762   -7.678  3.617   1.00 20.00 ? 47  ILE A HG13 1 
ATOM   291  H  HG21 . ILE A 1 19 ? 6.418   -5.663  0.500   1.00 20.00 ? 47  ILE A HG21 1 
ATOM   292  H  HG22 . ILE A 1 19 ? 5.454   -7.112  0.119   1.00 20.00 ? 47  ILE A HG22 1 
ATOM   293  H  HG23 . ILE A 1 19 ? 4.639   -5.607  0.482   1.00 20.00 ? 47  ILE A HG23 1 
ATOM   294  H  HD11 . ILE A 1 19 ? 6.104   -9.072  0.990   1.00 20.00 ? 47  ILE A HD11 1 
ATOM   295  H  HD12 . ILE A 1 19 ? 7.081   -9.715  2.319   1.00 20.00 ? 47  ILE A HD12 1 
ATOM   296  H  HD13 . ILE A 1 19 ? 5.353   -9.395  2.565   1.00 20.00 ? 47  ILE A HD13 1 
ATOM   297  N  N    . ASP A 1 20 ? 3.327   -4.482  2.888   1.00 20.00 ? 48  ASP A N    1 
ATOM   298  C  CA   . ASP A 1 20 ? 2.245   -3.541  2.601   1.00 20.00 ? 48  ASP A CA   1 
ATOM   299  C  C    . ASP A 1 20 ? 2.408   -2.255  3.431   1.00 20.00 ? 48  ASP A C    1 
ATOM   300  O  O    . ASP A 1 20 ? 2.297   -1.157  2.892   1.00 20.00 ? 48  ASP A O    1 
ATOM   301  C  CB   . ASP A 1 20 ? 0.933   -4.281  2.899   1.00 20.00 ? 48  ASP A CB   1 
ATOM   302  C  CG   . ASP A 1 20 ? -0.357  -3.484  2.694   1.00 20.00 ? 48  ASP A CG   1 
ATOM   303  O  OD1  . ASP A 1 20 ? -0.478  -2.763  1.679   1.00 20.00 ? 48  ASP A OD1  1 
ATOM   304  O  OD2  . ASP A 1 20 ? -1.273  -3.657  3.532   1.00 20.00 ? 48  ASP A OD2  1 
ATOM   305  H  H    . ASP A 1 20 ? 3.064   -5.380  3.279   1.00 20.00 ? 48  ASP A H    1 
ATOM   306  H  HA   . ASP A 1 20 ? 2.252   -3.276  1.544   1.00 20.00 ? 48  ASP A HA   1 
ATOM   307  H  HB2  . ASP A 1 20 ? 0.888   -5.152  2.246   1.00 20.00 ? 48  ASP A HB2  1 
ATOM   308  H  HB3  . ASP A 1 20 ? 0.963   -4.632  3.931   1.00 20.00 ? 48  ASP A HB3  1 
ATOM   309  N  N    . ALA A 1 21 ? 2.742   -2.381  4.721   1.00 20.00 ? 49  ALA A N    1 
ATOM   310  C  CA   . ALA A 1 21 ? 2.947   -1.264  5.643   1.00 20.00 ? 49  ALA A CA   1 
ATOM   311  C  C    . ALA A 1 21 ? 4.159   -0.390  5.292   1.00 20.00 ? 49  ALA A C    1 
ATOM   312  O  O    . ALA A 1 21 ? 4.070   0.836   5.370   1.00 20.00 ? 49  ALA A O    1 
ATOM   313  C  CB   . ALA A 1 21 ? 3.070   -1.815  7.069   1.00 20.00 ? 49  ALA A CB   1 
ATOM   314  H  H    . ALA A 1 21 ? 2.871   -3.318  5.084   1.00 20.00 ? 49  ALA A H    1 
ATOM   315  H  HA   . ALA A 1 21 ? 2.069   -0.620  5.599   1.00 20.00 ? 49  ALA A HA   1 
ATOM   316  H  HB1  . ALA A 1 21 ? 2.197   -2.419  7.308   1.00 20.00 ? 49  ALA A HB1  1 
ATOM   317  H  HB2  . ALA A 1 21 ? 3.967   -2.426  7.159   1.00 20.00 ? 49  ALA A HB2  1 
ATOM   318  H  HB3  . ALA A 1 21 ? 3.127   -0.987  7.776   1.00 20.00 ? 49  ALA A HB3  1 
ATOM   319  N  N    . GLU A 1 22 ? 5.284   -0.983  4.878   1.00 20.00 ? 50  GLU A N    1 
ATOM   320  C  CA   . GLU A 1 22 ? 6.445   -0.173  4.475   1.00 20.00 ? 50  GLU A CA   1 
ATOM   321  C  C    . GLU A 1 22 ? 6.186   0.508   3.143   1.00 20.00 ? 50  GLU A C    1 
ATOM   322  O  O    . GLU A 1 22 ? 6.452   1.698   3.016   1.00 20.00 ? 50  GLU A O    1 
ATOM   323  C  CB   . GLU A 1 22 ? 7.702   -1.018  4.336   1.00 20.00 ? 50  GLU A CB   1 
ATOM   324  C  CG   . GLU A 1 22 ? 8.891   -0.215  3.768   1.00 20.00 ? 50  GLU A CG   1 
ATOM   325  C  CD   . GLU A 1 22 ? 10.192  -1.035  3.835   1.00 20.00 ? 50  GLU A CD   1 
ATOM   326  O  OE1  . GLU A 1 22 ? 10.494  -1.789  2.877   1.00 20.00 ? 50  GLU A OE1  1 
ATOM   327  O  OE2  . GLU A 1 22 ? 10.930  -0.930  4.846   1.00 20.00 ? 50  GLU A OE2  1 
ATOM   328  H  H    . GLU A 1 22 ? 5.318   -2.002  4.813   1.00 20.00 ? 50  GLU A H    1 
ATOM   329  H  HA   . GLU A 1 22 ? 6.633   0.602   5.220   1.00 20.00 ? 50  GLU A HA   1 
ATOM   330  H  HB2  . GLU A 1 22 ? 7.937   -1.386  5.329   1.00 20.00 ? 50  GLU A HB2  1 
ATOM   331  H  HB3  . GLU A 1 22 ? 7.477   -1.846  3.669   1.00 20.00 ? 50  GLU A HB3  1 
ATOM   332  H  HG2  . GLU A 1 22 ? 8.690   0.086   2.728   1.00 20.00 ? 50  GLU A HG2  1 
ATOM   333  H  HG3  . GLU A 1 22 ? 9.002   0.710   4.340   1.00 20.00 ? 50  GLU A HG3  1 
ATOM   334  N  N    . MET A 1 23 ? 5.641   -0.233  2.174   1.00 20.00 ? 51  MET A N    1 
ATOM   335  C  CA   . MET A 1 23 ? 5.279   0.260   0.856   1.00 20.00 ? 51  MET A CA   1 
ATOM   336  C  C    . MET A 1 23 ? 4.424   1.491   1.038   1.00 20.00 ? 51  MET A C    1 
ATOM   337  O  O    . MET A 1 23 ? 4.757   2.529   0.489   1.00 20.00 ? 51  MET A O    1 
ATOM   338  C  CB   . MET A 1 23 ? 4.547   -0.847  0.079   1.00 20.00 ? 51  MET A CB   1 
ATOM   339  C  CG   . MET A 1 23 ? 4.031   -0.372  -1.282  1.00 20.00 ? 51  MET A CG   1 
ATOM   340  S  SD   . MET A 1 23 ? 3.264   -1.664  -2.297  1.00 20.00 ? 51  MET A SD   1 
ATOM   341  C  CE   . MET A 1 23 ? 1.653   -1.807  -1.467  1.00 20.00 ? 51  MET A CE   1 
ATOM   342  H  H    . MET A 1 23 ? 5.415   -1.189  2.387   1.00 20.00 ? 51  MET A H    1 
ATOM   343  H  HA   . MET A 1 23 ? 6.175   0.578   0.326   1.00 20.00 ? 51  MET A HA   1 
ATOM   344  H  HB2  . MET A 1 23 ? 5.230   -1.681  -0.070  1.00 20.00 ? 51  MET A HB2  1 
ATOM   345  H  HB3  . MET A 1 23 ? 3.700   -1.207  0.661   1.00 20.00 ? 51  MET A HB3  1 
ATOM   346  H  HG2  . MET A 1 23 ? 3.286   0.407   -1.120  1.00 20.00 ? 51  MET A HG2  1 
ATOM   347  H  HG3  . MET A 1 23 ? 4.864   0.059   -1.837  1.00 20.00 ? 51  MET A HG3  1 
ATOM   348  H  HE1  . MET A 1 23 ? 0.857   -1.761  -2.217  1.00 20.00 ? 51  MET A HE1  1 
ATOM   349  H  HE2  . MET A 1 23 ? 1.594   -2.745  -0.917  1.00 20.00 ? 51  MET A HE2  1 
ATOM   350  H  HE3  . MET A 1 23 ? 1.515   -0.992  -0.760  1.00 20.00 ? 51  MET A HE3  1 
ATOM   351  N  N    . HIS A 1 24 ? 3.399   1.400   1.879   1.00 20.00 ? 52  HIS A N    1 
ATOM   352  C  CA   . HIS A 1 24 ? 2.525   2.495   2.267   1.00 20.00 ? 52  HIS A CA   1 
ATOM   353  C  C    . HIS A 1 24 ? 3.280   3.686   2.830   1.00 20.00 ? 52  HIS A C    1 
ATOM   354  O  O    . HIS A 1 24 ? 3.041   4.809   2.406   1.00 20.00 ? 52  HIS A O    1 
ATOM   355  C  CB   . HIS A 1 24 ? 1.617   1.996   3.372   1.00 20.00 ? 52  HIS A CB   1 
ATOM   356  C  CG   . HIS A 1 24 ? 0.187   1.819   2.984   1.00 20.00 ? 52  HIS A CG   1 
ATOM   357  N  ND1  . HIS A 1 24 ? -0.794  2.782   3.148   1.00 20.00 ? 52  HIS A ND1  1 
ATOM   358  C  CD2  . HIS A 1 24 ? -0.365  0.699   2.448   1.00 20.00 ? 52  HIS A CD2  1 
ATOM   359  C  CE1  . HIS A 1 24 ? -1.946  2.200   2.791   1.00 20.00 ? 52  HIS A CE1  1 
ATOM   360  N  NE2  . HIS A 1 24 ? -1.715  0.946   2.365   1.00 20.00 ? 52  HIS A NE2  1 
ATOM   361  H  H    . HIS A 1 24 ? 3.271   0.517   2.363   1.00 20.00 ? 52  HIS A H    1 
ATOM   362  H  HA   . HIS A 1 24 ? 1.906   2.853   1.450   1.00 20.00 ? 52  HIS A HA   1 
ATOM   363  H  HB2  . HIS A 1 24 ? 2.000   1.083   3.795   1.00 20.00 ? 52  HIS A HB2  1 
ATOM   364  H  HB3  . HIS A 1 24 ? 1.658   2.707   4.174   1.00 20.00 ? 52  HIS A HB3  1 
ATOM   365  H  HD2  . HIS A 1 24 ? 0.166   -0.195  2.145   1.00 20.00 ? 52  HIS A HD2  1 
ATOM   366  H  HE1  . HIS A 1 24 ? -2.913  2.692   2.806   1.00 20.00 ? 52  HIS A HE1  1 
ATOM   367  H  HE2  . HIS A 1 24 ? -2.407  0.298   1.995   1.00 20.00 ? 52  HIS A HE2  1 
ATOM   368  N  N    . ASP A 1 25 ? 4.230   3.465   3.740   1.00 20.00 ? 53  ASP A N    1 
ATOM   369  C  CA   . ASP A 1 25 ? 4.951   4.599   4.330   1.00 20.00 ? 53  ASP A CA   1 
ATOM   370  C  C    . ASP A 1 25 ? 5.771   5.332   3.273   1.00 20.00 ? 53  ASP A C    1 
ATOM   371  O  O    . ASP A 1 25 ? 6.066   6.522   3.378   1.00 20.00 ? 53  ASP A O    1 
ATOM   372  C  CB   . ASP A 1 25 ? 5.824   4.070   5.475   1.00 20.00 ? 53  ASP A CB   1 
ATOM   373  C  CG   . ASP A 1 25 ? 6.741   5.136   6.099   1.00 20.00 ? 53  ASP A CG   1 
ATOM   374  O  OD1  . ASP A 1 25 ? 6.276   5.898   6.978   1.00 20.00 ? 53  ASP A OD1  1 
ATOM   375  O  OD2  . ASP A 1 25 ? 7.949   5.174   5.756   1.00 20.00 ? 53  ASP A OD2  1 
ATOM   376  H  H    . ASP A 1 25 ? 4.532   2.509   3.950   1.00 20.00 ? 53  ASP A H    1 
ATOM   377  H  HA   . ASP A 1 25 ? 4.208   5.329   4.661   1.00 20.00 ? 53  ASP A HA   1 
ATOM   378  H  HB2  . ASP A 1 25 ? 5.177   3.649   6.247   1.00 20.00 ? 53  ASP A HB2  1 
ATOM   379  H  HB3  . ASP A 1 25 ? 6.437   3.258   5.076   1.00 20.00 ? 53  ASP A HB3  1 
ATOM   380  N  N    . LEU A 1 26 ? 6.085   4.593   2.221   1.00 20.00 ? 54  LEU A N    1 
ATOM   381  C  CA   . LEU A 1 26 ? 6.809   5.025   1.071   1.00 20.00 ? 54  LEU A CA   1 
ATOM   382  C  C    . LEU A 1 26 ? 5.986   5.790   0.044   1.00 20.00 ? 54  LEU A C    1 
ATOM   383  O  O    . LEU A 1 26 ? 6.351   6.908   -0.303  1.00 20.00 ? 54  LEU A O    1 
ATOM   384  C  CB   . LEU A 1 26 ? 7.416   3.748   0.496   1.00 20.00 ? 54  LEU A CB   1 
ATOM   385  C  CG   . LEU A 1 26 ? 8.903   3.841   0.248   1.00 20.00 ? 54  LEU A CG   1 
ATOM   386  C  CD1  . LEU A 1 26 ? 9.346   2.487   -0.313  1.00 20.00 ? 54  LEU A CD1  1 
ATOM   387  C  CD2  . LEU A 1 26 ? 9.220   5.010   -0.689  1.00 20.00 ? 54  LEU A CD2  1 
ATOM   388  H  H    . LEU A 1 26 ? 5.784   3.621   2.222   1.00 20.00 ? 54  LEU A H    1 
ATOM   389  H  HA   . LEU A 1 26 ? 7.555   5.723   1.404   1.00 20.00 ? 54  LEU A HA   1 
ATOM   390  H  HB2  . LEU A 1 26 ? 7.305   2.926   1.191   1.00 20.00 ? 54  LEU A HB2  1 
ATOM   391  H  HB3  . LEU A 1 26 ? 6.859   3.457   -0.380  1.00 20.00 ? 54  LEU A HB3  1 
ATOM   392  H  HG   . LEU A 1 26 ? 9.354   3.992   1.231   1.00 20.00 ? 54  LEU A HG   1 
ATOM   393  H  HD11 . LEU A 1 26 ? 10.432  2.462   -0.398  1.00 20.00 ? 54  LEU A HD11 1 
ATOM   394  H  HD12 . LEU A 1 26 ? 9.011   1.682   0.354   1.00 20.00 ? 54  LEU A HD12 1 
ATOM   395  H  HD13 . LEU A 1 26 ? 8.897   2.327   -1.293  1.00 20.00 ? 54  LEU A HD13 1 
ATOM   396  H  HD21 . LEU A 1 26 ? 8.891   5.957   -0.246  1.00 20.00 ? 54  LEU A HD21 1 
ATOM   397  H  HD22 . LEU A 1 26 ? 10.292  5.056   -0.872  1.00 20.00 ? 54  LEU A HD22 1 
ATOM   398  H  HD23 . LEU A 1 26 ? 8.687   4.882   -1.630  1.00 20.00 ? 54  LEU A HD23 1 
ATOM   399  N  N    . ASN A 1 27 ? 4.876   5.242   -0.442  1.00 20.00 ? 55  ASN A N    1 
ATOM   400  C  CA   . ASN A 1 27 ? 4.080   5.962   -1.435  1.00 20.00 ? 55  ASN A CA   1 
ATOM   401  C  C    . ASN A 1 27 ? 3.200   7.030   -0.815  1.00 20.00 ? 55  ASN A C    1 
ATOM   402  O  O    . ASN A 1 27 ? 2.893   8.001   -1.509  1.00 20.00 ? 55  ASN A O    1 
ATOM   403  C  CB   . ASN A 1 27 ? 3.217   5.006   -2.239  1.00 20.00 ? 55  ASN A CB   1 
ATOM   404  C  CG   . ASN A 1 27 ? 2.276   4.219   -1.355  1.00 20.00 ? 55  ASN A CG   1 
ATOM   405  O  OD1  . ASN A 1 27 ? 1.240   4.662   -0.908  1.00 20.00 ? 55  ASN A OD1  1 
ATOM   406  N  ND2  . ASN A 1 27 ? 2.669   3.036   -0.982  1.00 20.00 ? 55  ASN A ND2  1 
ATOM   407  H  H    . ASN A 1 27 ? 4.575   4.330   -0.091  1.00 20.00 ? 55  ASN A H    1 
ATOM   408  H  HA   . ASN A 1 27 ? 4.743   6.476   -2.134  1.00 20.00 ? 55  ASN A HA   1 
ATOM   409  H  HB2  . ASN A 1 27 ? 2.653   5.560   -2.981  1.00 20.00 ? 55  ASN A HB2  1 
ATOM   410  H  HB3  . ASN A 1 27 ? 3.863   4.349   -2.783  1.00 20.00 ? 55  ASN A HB3  1 
ATOM   411  H  HD21 . ASN A 1 27 ? 3.591   2.701   -1.179  1.00 20.00 ? 55  ASN A HD21 1 
ATOM   412  H  HD22 . ASN A 1 27 ? 2.127   2.543   -0.313  1.00 20.00 ? 55  ASN A HD22 1 
ATOM   413  N  N    . CYS A 1 28 ? 2.835   6.919   0.467   1.00 20.00 ? 56  CYS A N    1 
ATOM   414  C  CA   . CYS A 1 28 ? 1.984   7.934   1.034   1.00 20.00 ? 56  CYS A CA   1 
ATOM   415  C  C    . CYS A 1 28 ? 2.809   9.185   1.312   1.00 20.00 ? 56  CYS A C    1 
ATOM   416  O  O    . CYS A 1 28 ? 2.294   10.299  1.205   1.00 20.00 ? 56  CYS A O    1 
ATOM   417  C  CB   . CYS A 1 28 ? 1.382   7.423   2.317   1.00 20.00 ? 56  CYS A CB   1 
ATOM   418  S  SG   . CYS A 1 28 ? 0.156   6.101   2.078   1.00 20.00 ? 56  CYS A SG   1 
ATOM   419  H  H    . CYS A 1 28 ? 3.154   6.175   1.096   1.00 20.00 ? 56  CYS A H    1 
ATOM   420  H  HA   . CYS A 1 28 ? 1.189   8.165   0.324   1.00 20.00 ? 56  CYS A HA   1 
ATOM   421  H  HB2  . CYS A 1 28 ? 2.190   7.094   2.972   1.00 20.00 ? 56  CYS A HB2  1 
ATOM   422  H  HB3  . CYS A 1 28 ? 0.892   8.284   2.746   1.00 20.00 ? 56  CYS A HB3  1 
ATOM   423  N  N    . SER A 1 29 ? 4.108   9.013   1.596   1.00 20.00 ? 57  SER A N    1 
ATOM   424  C  CA   . SER A 1 29 ? 5.029   10.126  1.789   1.00 20.00 ? 57  SER A CA   1 
ATOM   425  C  C    . SER A 1 29 ? 5.154   11.007  0.523   1.00 20.00 ? 57  SER A C    1 
ATOM   426  O  O    . SER A 1 29 ? 5.545   12.175  0.590   1.00 20.00 ? 57  SER A O    1 
ATOM   427  C  CB   . SER A 1 29 ? 6.306   9.438   2.236   1.00 20.00 ? 57  SER A CB   1 
ATOM   428  O  OG   . SER A 1 29 ? 7.470   10.243  2.155   1.00 20.00 ? 57  SER A OG   1 
ATOM   429  H  H    . SER A 1 29 ? 4.536   8.073   1.618   1.00 20.00 ? 57  SER A H    1 
ATOM   430  H  HA   . SER A 1 29 ? 4.667   10.754  2.603   1.00 20.00 ? 57  SER A HA   1 
ATOM   431  H  HB2  . SER A 1 29 ? 6.140   9.096   3.248   1.00 20.00 ? 57  SER A HB2  1 
ATOM   432  H  HB3  . SER A 1 29 ? 6.393   8.516   1.672   1.00 20.00 ? 57  SER A HB3  1 
ATOM   433  H  HG   . SER A 1 29 ? 8.214   9.751   2.552   1.00 20.00 ? 57  SER A HG   1 
ATOM   434  N  N    . TYR A 1 30 ? 4.765   10.450  -0.632  1.00 20.00 ? 58  TYR A N    1 
ATOM   435  C  CA   . TYR A 1 30 ? 4.749   11.042  -1.970  1.00 20.00 ? 58  TYR A CA   1 
ATOM   436  C  C    . TYR A 1 30 ? 3.305   11.208  -2.510  1.00 20.00 ? 58  TYR A C    1 
ATOM   437  O  O    . TYR A 1 30 ? 3.108   11.612  -3.656  1.00 20.00 ? 58  TYR A O    1 
ATOM   438  C  CB   . TYR A 1 30 ? 5.583   10.119  -2.879  1.00 20.00 ? 58  TYR A CB   1 
ATOM   439  C  CG   . TYR A 1 30 ? 7.084   10.094  -2.601  1.00 20.00 ? 58  TYR A CG   1 
ATOM   440  C  CD1  . TYR A 1 30 ? 7.572   9.547   -1.398  1.00 20.00 ? 58  TYR A CD1  1 
ATOM   441  C  CD2  . TYR A 1 30 ? 8.006   10.585  -3.548  1.00 20.00 ? 58  TYR A CD2  1 
ATOM   442  C  CE1  . TYR A 1 30 ? 8.945   9.487   -1.118  1.00 20.00 ? 58  TYR A CE1  1 
ATOM   443  C  CE2  . TYR A 1 30 ? 9.392   10.525  -3.284  1.00 20.00 ? 58  TYR A CE2  1 
ATOM   444  C  CZ   . TYR A 1 30 ? 9.867   9.977   -2.070  1.00 20.00 ? 58  TYR A CZ   1 
ATOM   445  O  OH   . TYR A 1 30 ? 11.206  9.923   -1.828  1.00 20.00 ? 58  TYR A OH   1 
ATOM   446  H  H    . TYR A 1 30 ? 4.449   9.493   -0.592  1.00 20.00 ? 58  TYR A H    1 
ATOM   447  H  HA   . TYR A 1 30 ? 5.216   12.023  -1.950  1.00 20.00 ? 58  TYR A HA   1 
ATOM   448  H  HB2  . TYR A 1 30 ? 5.202   9.100   -2.791  1.00 20.00 ? 58  TYR A HB2  1 
ATOM   449  H  HB3  . TYR A 1 30 ? 5.411   10.415  -3.909  1.00 20.00 ? 58  TYR A HB3  1 
ATOM   450  H  HD1  . TYR A 1 30 ? 6.892   9.164   -0.663  1.00 20.00 ? 58  TYR A HD1  1 
ATOM   451  H  HD2  . TYR A 1 30 ? 7.653   11.002  -4.483  1.00 20.00 ? 58  TYR A HD2  1 
ATOM   452  H  HE1  . TYR A 1 30 ? 9.264   9.063   -0.173  1.00 20.00 ? 58  TYR A HE1  1 
ATOM   453  H  HE2  . TYR A 1 30 ? 10.101  10.895  -4.010  1.00 20.00 ? 58  TYR A HE2  1 
ATOM   454  H  HH   . TYR A 1 30 ? 11.408  9.523   -0.965  1.00 20.00 ? 58  TYR A HH   1 
ATOM   455  N  N    . ASN A 1 31 ? 2.297   10.893  -1.685  1.00 20.00 ? 59  ASN A N    1 
ATOM   456  C  CA   . ASN A 1 31 ? 0.861   10.863  -1.938  1.00 20.00 ? 59  ASN A CA   1 
ATOM   457  C  C    . ASN A 1 31 ? 0.519   10.159  -3.265  1.00 20.00 ? 59  ASN A C    1 
ATOM   458  O  O    . ASN A 1 31 ? -0.071  10.731  -4.173  1.00 20.00 ? 59  ASN A O    1 
ATOM   459  C  CB   . ASN A 1 31 ? 0.178   12.223  -1.684  1.00 20.00 ? 59  ASN A CB   1 
ATOM   460  C  CG   . ASN A 1 31 ? 0.964   13.223  -0.851  1.00 20.00 ? 59  ASN A CG   1 
ATOM   461  O  OD1  . ASN A 1 31 ? 0.868   13.277  0.365   1.00 20.00 ? 59  ASN A OD1  1 
ATOM   462  N  ND2  . ASN A 1 31 ? 1.753   14.065  -1.480  1.00 20.00 ? 59  ASN A ND2  1 
ATOM   463  H  H    . ASN A 1 31 ? 2.547   10.598  -0.761  1.00 20.00 ? 59  ASN A H    1 
ATOM   464  H  HA   . ASN A 1 31 ? 0.448   10.205  -1.172  1.00 20.00 ? 59  ASN A HA   1 
ATOM   465  H  HB2  . ASN A 1 31 ? -0.055  12.675  -2.629  1.00 20.00 ? 59  ASN A HB2  1 
ATOM   466  H  HB3  . ASN A 1 31 ? -0.776  12.048  -1.191  1.00 20.00 ? 59  ASN A HB3  1 
ATOM   467  H  HD21 . ASN A 1 31 ? 1.832   14.028  -2.486  1.00 20.00 ? 59  ASN A HD21 1 
ATOM   468  H  HD22 . ASN A 1 31 ? 2.279   14.730  -0.935  1.00 20.00 ? 59  ASN A HD22 1 
ATOM   469  N  N    . ILE A 1 32 ? 0.916   8.897   -3.406  1.00 20.00 ? 60  ILE A N    1 
ATOM   470  C  CA   . ILE A 1 32 ? 0.678   8.046   -4.576  1.00 20.00 ? 60  ILE A CA   1 
ATOM   471  C  C    . ILE A 1 32 ? -0.016  6.785   -4.040  1.00 20.00 ? 60  ILE A C    1 
ATOM   472  O  O    . ILE A 1 32 ? 0.378   6.312   -2.982  1.00 20.00 ? 60  ILE A O    1 
ATOM   473  C  CB   . ILE A 1 32 ? 2.070   7.792   -5.201  1.00 20.00 ? 60  ILE A CB   1 
ATOM   474  C  CG1  . ILE A 1 32 ? 2.505   8.995   -6.067  1.00 20.00 ? 60  ILE A CG1  1 
ATOM   475  C  CG2  . ILE A 1 32 ? 2.170   6.504   -6.026  1.00 20.00 ? 60  ILE A CG2  1 
ATOM   476  C  CD1  . ILE A 1 32 ? 3.976   8.969   -6.501  1.00 20.00 ? 60  ILE A CD1  1 
ATOM   477  H  H    . ILE A 1 32 ? 1.468   8.457   -2.664  1.00 20.00 ? 60  ILE A H    1 
ATOM   478  H  HA   . ILE A 1 32 ? 0.026   8.520   -5.304  1.00 20.00 ? 60  ILE A HA   1 
ATOM   479  H  HB   . ILE A 1 32 ? 2.771   7.710   -4.376  1.00 20.00 ? 60  ILE A HB   1 
ATOM   480  H  HG12 . ILE A 1 32 ? 1.889   9.029   -6.962  1.00 20.00 ? 60  ILE A HG12 1 
ATOM   481  H  HG13 . ILE A 1 32 ? 2.343   9.917   -5.512  1.00 20.00 ? 60  ILE A HG13 1 
ATOM   482  H  HG21 . ILE A 1 32 ? 1.597   6.627   -6.941  1.00 20.00 ? 60  ILE A HG21 1 
ATOM   483  H  HG22 . ILE A 1 32 ? 3.211   6.307   -6.283  1.00 20.00 ? 60  ILE A HG22 1 
ATOM   484  H  HG23 . ILE A 1 32 ? 1.821   5.645   -5.456  1.00 20.00 ? 60  ILE A HG23 1 
ATOM   485  H  HD11 . ILE A 1 32 ? 4.620   8.826   -5.634  1.00 20.00 ? 60  ILE A HD11 1 
ATOM   486  H  HD12 . ILE A 1 32 ? 4.146   8.168   -7.220  1.00 20.00 ? 60  ILE A HD12 1 
ATOM   487  H  HD13 . ILE A 1 32 ? 4.224   9.917   -6.979  1.00 20.00 ? 60  ILE A HD13 1 
ATOM   488  N  N    . CYS A 1 33 ? -1.049  6.232   -4.693  1.00 20.00 ? 61  CYS A N    1 
ATOM   489  C  CA   . CYS A 1 33 ? -1.679  5.012   -4.174  1.00 20.00 ? 61  CYS A CA   1 
ATOM   490  C  C    . CYS A 1 33 ? -0.673  3.840   -4.098  1.00 20.00 ? 61  CYS A C    1 
ATOM   491  O  O    . CYS A 1 33 ? 0.038   3.600   -5.084  1.00 20.00 ? 61  CYS A O    1 
ATOM   492  C  CB   . CYS A 1 33 ? -2.884  4.642   -5.033  1.00 20.00 ? 61  CYS A CB   1 
ATOM   493  S  SG   . CYS A 1 33 ? -3.573  3.061   -4.494  1.00 20.00 ? 61  CYS A SG   1 
ATOM   494  H  H    . CYS A 1 33 ? -1.431  6.653   -5.524  1.00 20.00 ? 61  CYS A H    1 
ATOM   495  H  HA   . CYS A 1 33 ? -2.057  5.240   -3.183  1.00 20.00 ? 61  CYS A HA   1 
ATOM   496  H  HB2  . CYS A 1 33 ? -3.647  5.402   -4.900  1.00 20.00 ? 61  CYS A HB2  1 
ATOM   497  H  HB3  . CYS A 1 33 ? -2.609  4.580   -6.084  1.00 20.00 ? 61  CYS A HB3  1 
ATOM   498  N  N    . PRO A 1 34 ? -0.623  3.077   -2.986  1.00 20.00 ? 62  PRO A N    1 
ATOM   499  C  CA   . PRO A 1 34 ? 0.249   1.911   -2.873  1.00 20.00 ? 62  PRO A CA   1 
ATOM   500  C  C    . PRO A 1 34 ? -0.023  0.824   -3.918  1.00 20.00 ? 62  PRO A C    1 
ATOM   501  O  O    . PRO A 1 34 ? 0.815   -0.055  -4.123  1.00 20.00 ? 62  PRO A O    1 
ATOM   502  C  CB   . PRO A 1 34 ? -0.029  1.314   -1.482  1.00 20.00 ? 62  PRO A CB   1 
ATOM   503  C  CG   . PRO A 1 34 ? -0.884  2.321   -0.719  1.00 20.00 ? 62  PRO A CG   1 
ATOM   504  C  CD   . PRO A 1 34 ? -1.425  3.265   -1.782  1.00 20.00 ? 62  PRO A CD   1 
ATOM   505  H  HA   . PRO A 1 34 ? 1.287   2.228   -2.959  1.00 20.00 ? 62  PRO A HA   1 
ATOM   506  H  HB2  . PRO A 1 34 ? -0.596  0.392   -1.577  1.00 20.00 ? 62  PRO A HB2  1 
ATOM   507  H  HB3  . PRO A 1 34 ? 0.890   1.099   -0.946  1.00 20.00 ? 62  PRO A HB3  1 
ATOM   508  H  HG2  . PRO A 1 34 ? -1.702  1.826   -0.203  1.00 20.00 ? 62  PRO A HG2  1 
ATOM   509  H  HG3  . PRO A 1 34 ? -0.275  2.863   0.001   1.00 20.00 ? 62  PRO A HG3  1 
ATOM   510  H  HD2  . PRO A 1 34 ? -2.464  3.012   -1.986  1.00 20.00 ? 62  PRO A HD2  1 
ATOM   511  H  HD3  . PRO A 1 34 ? -1.359  4.291   -1.421  1.00 20.00 ? 62  PRO A HD3  1 
ATOM   512  N  N    . TYR A 1 35 ? -1.212  0.844   -4.527  1.00 20.00 ? 63  TYR A N    1 
ATOM   513  C  CA   . TYR A 1 35 ? -1.728  -0.221  -5.370  1.00 20.00 ? 63  TYR A CA   1 
ATOM   514  C  C    . TYR A 1 35 ? -1.980  0.144   -6.838  1.00 20.00 ? 63  TYR A C    1 
ATOM   515  O  O    . TYR A 1 35 ? -1.783  -0.722  -7.695  1.00 20.00 ? 63  TYR A O    1 
ATOM   516  C  CB   . TYR A 1 35 ? -3.021  -0.671  -4.689  1.00 20.00 ? 63  TYR A CB   1 
ATOM   517  C  CG   . TYR A 1 35 ? -2.891  -0.799  -3.179  1.00 20.00 ? 63  TYR A CG   1 
ATOM   518  C  CD1  . TYR A 1 35 ? -2.039  -1.777  -2.643  1.00 20.00 ? 63  TYR A CD1  1 
ATOM   519  C  CD2  . TYR A 1 35 ? -3.600  0.058   -2.318  1.00 20.00 ? 63  TYR A CD2  1 
ATOM   520  C  CE1  . TYR A 1 35 ? -1.938  -1.946  -1.250  1.00 20.00 ? 63  TYR A CE1  1 
ATOM   521  C  CE2  . TYR A 1 35 ? -3.524  -0.121  -0.923  1.00 20.00 ? 63  TYR A CE2  1 
ATOM   522  C  CZ   . TYR A 1 35 ? -2.704  -1.138  -0.387  1.00 20.00 ? 63  TYR A CZ   1 
ATOM   523  O  OH   . TYR A 1 35 ? -2.652  -1.331  0.955   1.00 20.00 ? 63  TYR A OH   1 
ATOM   524  H  H    . TYR A 1 35 ? -1.872  1.563   -4.261  1.00 20.00 ? 63  TYR A H    1 
ATOM   525  H  HA   . TYR A 1 35 ? -1.028  -1.061  -5.335  1.00 20.00 ? 63  TYR A HA   1 
ATOM   526  H  HB2  . TYR A 1 35 ? -3.817  0.038   -4.921  1.00 20.00 ? 63  TYR A HB2  1 
ATOM   527  H  HB3  . TYR A 1 35 ? -3.303  -1.632  -5.103  1.00 20.00 ? 63  TYR A HB3  1 
ATOM   528  H  HD1  . TYR A 1 35 ? -1.462  -2.384  -3.319  1.00 20.00 ? 63  TYR A HD1  1 
ATOM   529  H  HD2  . TYR A 1 35 ? -4.277  0.799   -2.729  1.00 20.00 ? 63  TYR A HD2  1 
ATOM   530  H  HE1  . TYR A 1 35 ? -1.293  -2.703  -0.831  1.00 20.00 ? 63  TYR A HE1  1 
ATOM   531  H  HE2  . TYR A 1 35 ? -4.100  0.503   -0.258  1.00 20.00 ? 63  TYR A HE2  1 
ATOM   532  H  HH   . TYR A 1 35 ? -1.939  -1.959  1.195   1.00 20.00 ? 63  TYR A HH   1 
ATOM   533  N  N    . CYS A 1 36 ? -2.388  1.383   -7.149  1.00 20.00 ? 64  CYS A N    1 
ATOM   534  C  CA   . CYS A 1 36 ? -2.630  1.838   -8.523  1.00 20.00 ? 64  CYS A CA   1 
ATOM   535  C  C    . CYS A 1 36 ? -1.767  3.050   -8.958  1.00 20.00 ? 64  CYS A C    1 
ATOM   536  O  O    . CYS A 1 36 ? -1.819  3.451   -10.124 1.00 20.00 ? 64  CYS A O    1 
ATOM   537  C  CB   . CYS A 1 36 ? -4.138  2.010   -8.711  1.00 20.00 ? 64  CYS A CB   1 
ATOM   538  S  SG   . CYS A 1 36 ? -4.787  3.516   -7.952  1.00 20.00 ? 64  CYS A SG   1 
ATOM   539  H  H    . CYS A 1 36 ? -2.617  2.036   -6.407  1.00 20.00 ? 64  CYS A H    1 
ATOM   540  H  HA   . CYS A 1 36 ? -2.354  1.028   -9.199  1.00 20.00 ? 64  CYS A HA   1 
ATOM   541  H  HB2  . CYS A 1 36 ? -4.364  2.016   -9.779  1.00 20.00 ? 64  CYS A HB2  1 
ATOM   542  H  HB3  . CYS A 1 36 ? -4.623  1.159   -8.238  1.00 20.00 ? 64  CYS A HB3  1 
ATOM   543  N  N    . ALA A 1 37 ? -0.945  3.601   -8.050  1.00 20.00 ? 65  ALA A N    1 
ATOM   544  C  CA   . ALA A 1 37 ? -0.019  4.716   -8.281  1.00 20.00 ? 65  ALA A CA   1 
ATOM   545  C  C    . ALA A 1 37 ? -0.697  5.956   -8.901  1.00 20.00 ? 65  ALA A C    1 
ATOM   546  O  O    . ALA A 1 37 ? -0.240  6.550   -9.880  1.00 20.00 ? 65  ALA A O    1 
ATOM   547  C  CB   . ALA A 1 37 ? 1.225   4.220   -9.031  1.00 20.00 ? 65  ALA A CB   1 
ATOM   548  H  H    . ALA A 1 37 ? -0.969  3.235   -7.109  1.00 20.00 ? 65  ALA A H    1 
ATOM   549  H  HA   . ALA A 1 37 ? 0.307   5.016   -7.290  1.00 20.00 ? 65  ALA A HA   1 
ATOM   550  H  HB1  . ALA A 1 37 ? 1.682   3.397   -8.481  1.00 20.00 ? 65  ALA A HB1  1 
ATOM   551  H  HB2  . ALA A 1 37 ? 0.948   3.882   -10.029 1.00 20.00 ? 65  ALA A HB2  1 
ATOM   552  H  HB3  . ALA A 1 37 ? 1.948   5.031   -9.116  1.00 20.00 ? 65  ALA A HB3  1 
ATOM   553  N  N    . SER A 1 38 ? -1.835  6.318   -8.314  1.00 20.00 ? 66  SER A N    1 
ATOM   554  C  CA   . SER A 1 38 ? -2.752  7.378   -8.746  1.00 20.00 ? 66  SER A CA   1 
ATOM   555  C  C    . SER A 1 38 ? -2.292  8.826   -8.569  1.00 20.00 ? 66  SER A C    1 
ATOM   556  O  O    . SER A 1 38 ? -2.950  9.728   -9.095  1.00 20.00 ? 66  SER A O    1 
ATOM   557  C  CB   . SER A 1 38 ? -4.106  7.167   -8.077  1.00 20.00 ? 66  SER A CB   1 
ATOM   558  O  OG   . SER A 1 38 ? -3.889  6.962   -6.703  1.00 20.00 ? 66  SER A OG   1 
ATOM   559  H  H    . SER A 1 38 ? -2.130  5.783   -7.513  1.00 20.00 ? 66  SER A H    1 
ATOM   560  H  HA   . SER A 1 38 ? -2.911  7.237   -9.801  1.00 20.00 ? 66  SER A HA   1 
ATOM   561  H  HB2  . SER A 1 38 ? -4.756  8.027   -8.234  1.00 20.00 ? 66  SER A HB2  1 
ATOM   562  H  HB3  . SER A 1 38 ? -4.579  6.285   -8.504  1.00 20.00 ? 66  SER A HB3  1 
ATOM   563  H  HG   . SER A 1 38 ? -4.705  6.576   -6.338  1.00 20.00 ? 66  SER A HG   1 
ATOM   564  N  N    . ARG A 1 39 ? -1.159  9.077   -7.896  1.00 20.00 ? 67  ARG A N    1 
ATOM   565  C  CA   . ARG A 1 39 ? -0.579  10.421  -7.685  1.00 20.00 ? 67  ARG A CA   1 
ATOM   566  C  C    . ARG A 1 39 ? -1.562  11.486  -7.176  1.00 20.00 ? 67  ARG A C    1 
ATOM   567  O  O    . ARG A 1 39 ? -1.766  12.565  -7.736  1.00 20.00 ? 67  ARG A O    1 
ATOM   568  C  CB   . ARG A 1 39 ? 0.376   10.822  -8.823  1.00 20.00 ? 67  ARG A CB   1 
ATOM   569  C  CG   . ARG A 1 39 ? -0.232  11.147  -10.203 1.00 20.00 ? 67  ARG A CG   1 
ATOM   570  C  CD   . ARG A 1 39 ? -0.307  9.927   -11.133 1.00 20.00 ? 67  ARG A CD   1 
ATOM   571  N  NE   . ARG A 1 39 ? -0.876  10.272  -12.450 1.00 20.00 ? 67  ARG A NE   1 
ATOM   572  C  CZ   . ARG A 1 39 ? -2.150  10.449  -12.758 1.00 20.00 ? 67  ARG A CZ   1 
ATOM   573  N  NH1  . ARG A 1 39 ? -3.109  10.382  -11.877 1.00 20.00 ? 67  ARG A NH1  1 
ATOM   574  N  NH2  . ARG A 1 39 ? -2.493  10.707  -13.988 1.00 20.00 ? 67  ARG A NH2  1 
ATOM   575  H  H    . ARG A 1 39 ? -0.662  8.285   -7.508  1.00 20.00 ? 67  ARG A H    1 
ATOM   576  H  HA   . ARG A 1 39 ? 0.058   10.312  -6.811  1.00 20.00 ? 67  ARG A HA   1 
ATOM   577  H  HB2  . ARG A 1 39 ? 0.932   11.700  -8.490  1.00 20.00 ? 67  ARG A HB2  1 
ATOM   578  H  HB3  . ARG A 1 39 ? 1.088   10.004  -8.937  1.00 20.00 ? 67  ARG A HB3  1 
ATOM   579  H  HG2  . ARG A 1 39 ? -1.219  11.589  -10.084 1.00 20.00 ? 67  ARG A HG2  1 
ATOM   580  H  HG3  . ARG A 1 39 ? 0.406   11.889  -10.685 1.00 20.00 ? 67  ARG A HG3  1 
ATOM   581  H  HD2  . ARG A 1 39 ? 0.705   9.539   -11.274 1.00 20.00 ? 67  ARG A HD2  1 
ATOM   582  H  HD3  . ARG A 1 39 ? -0.893  9.131   -10.679 1.00 20.00 ? 67  ARG A HD3  1 
ATOM   583  H  HE   . ARG A 1 39 ? -0.222  10.357  -13.213 1.00 20.00 ? 67  ARG A HE   1 
ATOM   584  H  HH11 . ARG A 1 39 ? -2.889  10.213  -10.902 1.00 20.00 ? 67  ARG A HH11 1 
ATOM   585  H  HH12 . ARG A 1 39 ? -4.065  10.529  -12.150 1.00 20.00 ? 67  ARG A HH12 1 
ATOM   586  H  HH21 . ARG A 1 39 ? -1.792  10.769  -14.708 1.00 20.00 ? 67  ARG A HH21 1 
ATOM   587  H  HH22 . ARG A 1 39 ? -3.461  10.842  -14.228 1.00 20.00 ? 67  ARG A HH22 1 
ATOM   588  N  N    . LEU A 1 40 ? -2.124  11.092  -6.042  1.00 20.00 ? 68  LEU A N    1 
ATOM   589  C  CA   . LEU A 1 40 ? -3.030  11.769  -5.118  1.00 20.00 ? 68  LEU A CA   1 
ATOM   590  C  C    . LEU A 1 40 ? -2.428  13.091  -4.584  1.00 20.00 ? 68  LEU A C    1 
ATOM   591  O  O    . LEU A 1 40 ? -1.267  13.434  -4.817  1.00 20.00 ? 68  LEU A O    1 
ATOM   592  C  CB   . LEU A 1 40 ? -3.279  10.786  -3.927  1.00 20.00 ? 68  LEU A CB   1 
ATOM   593  C  CG   . LEU A 1 40 ? -3.578  9.322   -4.331  1.00 20.00 ? 68  LEU A CG   1 
ATOM   594  C  CD1  . LEU A 1 40 ? -3.612  8.280   -3.219  1.00 20.00 ? 68  LEU A CD1  1 
ATOM   595  C  CD2  . LEU A 1 40 ? -4.932  9.291   -5.000  1.00 20.00 ? 68  LEU A CD2  1 
ATOM   596  H  H    . LEU A 1 40 ? -1.792  10.192  -5.736  1.00 20.00 ? 68  LEU A H    1 
ATOM   597  H  HA   . LEU A 1 40 ? -3.972  11.987  -5.622  1.00 20.00 ? 68  LEU A HA   1 
ATOM   598  H  HB2  . LEU A 1 40 ? -2.403  10.780  -3.282  1.00 20.00 ? 68  LEU A HB2  1 
ATOM   599  H  HB3  . LEU A 1 40 ? -4.102  11.163  -3.321  1.00 20.00 ? 68  LEU A HB3  1 
ATOM   600  H  HG   . LEU A 1 40 ? -2.825  8.962   -5.030  1.00 20.00 ? 68  LEU A HG   1 
ATOM   601  H  HD11 . LEU A 1 40 ? -4.514  8.377   -2.616  1.00 20.00 ? 68  LEU A HD11 1 
ATOM   602  H  HD12 . LEU A 1 40 ? -3.625  7.295   -3.695  1.00 20.00 ? 68  LEU A HD12 1 
ATOM   603  H  HD13 . LEU A 1 40 ? -2.719  8.356   -2.602  1.00 20.00 ? 68  LEU A HD13 1 
ATOM   604  H  HD21 . LEU A 1 40 ? -5.661  9.800   -4.374  1.00 20.00 ? 68  LEU A HD21 1 
ATOM   605  H  HD22 . LEU A 1 40 ? -4.841  9.761   -5.977  1.00 20.00 ? 68  LEU A HD22 1 
ATOM   606  H  HD23 . LEU A 1 40 ? -5.233  8.255   -5.110  1.00 20.00 ? 68  LEU A HD23 1 
ATOM   607  N  N    . THR A 1 41 ? -3.214  13.805  -3.781  1.00 20.00 ? 69  THR A N    1 
ATOM   608  C  CA   . THR A 1 41 ? -2.776  14.985  -3.008  1.00 20.00 ? 69  THR A CA   1 
ATOM   609  C  C    . THR A 1 41 ? -2.697  14.604  -1.534  1.00 20.00 ? 69  THR A C    1 
ATOM   610  O  O    . THR A 1 41 ? -3.230  13.564  -1.140  1.00 20.00 ? 69  THR A O    1 
ATOM   611  C  CB   . THR A 1 41 ? -3.738  16.164  -3.134  1.00 20.00 ? 69  THR A CB   1 
ATOM   612  O  OG1  . THR A 1 41 ? -5.024  15.803  -2.683  1.00 20.00 ? 69  THR A OG1  1 
ATOM   613  C  CG2  . THR A 1 41 ? -3.865  16.642  -4.577  1.00 20.00 ? 69  THR A CG2  1 
ATOM   614  H  H    . THR A 1 41 ? -4.147  13.469  -3.612  1.00 20.00 ? 69  THR A H    1 
ATOM   615  H  HA   . THR A 1 41 ? -1.787  15.314  -3.329  1.00 20.00 ? 69  THR A HA   1 
ATOM   616  H  HB   . THR A 1 41 ? -3.353  16.961  -2.494  1.00 20.00 ? 69  THR A HB   1 
ATOM   617  H  HG1  . THR A 1 41 ? -5.610  16.567  -2.820  1.00 20.00 ? 69  THR A HG1  1 
ATOM   618  H  HG21 . THR A 1 41 ? -4.502  17.525  -4.622  1.00 20.00 ? 69  THR A HG21 1 
ATOM   619  H  HG22 . THR A 1 41 ? -2.879  16.895  -4.968  1.00 20.00 ? 69  THR A HG22 1 
ATOM   620  H  HG23 . THR A 1 41 ? -4.300  15.848  -5.186  1.00 20.00 ? 69  THR A HG23 1 
ATOM   621  N  N    . SER A 1 42 ? -2.081  15.430  -0.682  1.00 20.00 ? 70  SER A N    1 
ATOM   622  C  CA   . SER A 1 42 ? -1.976  15.117  0.750   1.00 20.00 ? 70  SER A CA   1 
ATOM   623  C  C    . SER A 1 42 ? -3.311  15.015  1.515   1.00 20.00 ? 70  SER A C    1 
ATOM   624  O  O    . SER A 1 42 ? -3.341  14.519  2.642   1.00 20.00 ? 70  SER A O    1 
ATOM   625  C  CB   . SER A 1 42 ? -0.986  16.038  1.458   1.00 20.00 ? 70  SER A CB   1 
ATOM   626  O  OG   . SER A 1 42 ? -1.473  17.371  1.488   1.00 20.00 ? 70  SER A OG   1 
ATOM   627  H  H    . SER A 1 42 ? -1.672  16.293  -1.015  1.00 20.00 ? 70  SER A H    1 
ATOM   628  H  HA   . SER A 1 42 ? -1.553  14.121  0.777   1.00 20.00 ? 70  SER A HA   1 
ATOM   629  H  HB2  . SER A 1 42 ? -0.830  15.652  2.468   1.00 20.00 ? 70  SER A HB2  1 
ATOM   630  H  HB3  . SER A 1 42 ? -0.031  16.011  0.930   1.00 20.00 ? 70  SER A HB3  1 
ATOM   631  H  HG   . SER A 1 42 ? -0.822  17.928  1.960   1.00 20.00 ? 70  SER A HG   1 
ATOM   632  N  N    . ASP A 1 43 ? -4.424  15.426  0.901   1.00 20.00 ? 71  ASP A N    1 
ATOM   633  C  CA   . ASP A 1 43 ? -5.790  15.312  1.430   1.00 20.00 ? 71  ASP A CA   1 
ATOM   634  C  C    . ASP A 1 43 ? -6.689  14.430  0.533   1.00 20.00 ? 71  ASP A C    1 
ATOM   635  O  O    . ASP A 1 43 ? -7.814  14.094  0.908   1.00 20.00 ? 71  ASP A O    1 
ATOM   636  C  CB   . ASP A 1 43 ? -6.353  16.725  1.593   1.00 20.00 ? 71  ASP A CB   1 
ATOM   637  C  CG   . ASP A 1 43 ? -7.567  16.785  2.535   1.00 20.00 ? 71  ASP A CG   1 
ATOM   638  O  OD1  . ASP A 1 43 ? -7.433  16.422  3.729   1.00 20.00 ? 71  ASP A OD1  1 
ATOM   639  O  OD2  . ASP A 1 43 ? -8.660  17.219  2.098   1.00 20.00 ? 71  ASP A OD2  1 
ATOM   640  H  H    . ASP A 1 43 ? -4.323  15.854  -0.006  1.00 20.00 ? 71  ASP A H    1 
ATOM   641  H  HA   . ASP A 1 43 ? -5.757  14.841  2.414   1.00 20.00 ? 71  ASP A HA   1 
ATOM   642  H  HB2  . ASP A 1 43 ? -5.560  17.355  1.996   1.00 20.00 ? 71  ASP A HB2  1 
ATOM   643  H  HB3  . ASP A 1 43 ? -6.618  17.102  0.605   1.00 20.00 ? 71  ASP A HB3  1 
ATOM   644  N  N    . GLY A 1 44 ? -6.179  13.986  -0.624  1.00 20.00 ? 72  GLY A N    1 
ATOM   645  C  CA   . GLY A 1 44 ? -6.871  13.057  -1.528  1.00 20.00 ? 72  GLY A CA   1 
ATOM   646  C  C    . GLY A 1 44 ? -6.490  11.626  -1.153  1.00 20.00 ? 72  GLY A C    1 
ATOM   647  O  O    . GLY A 1 44 ? -7.302  10.712  -1.201  1.00 20.00 ? 72  GLY A O    1 
ATOM   648  H  H    . GLY A 1 44 ? -5.210  14.213  -0.852  1.00 20.00 ? 72  GLY A H    1 
ATOM   649  H  HA2  . GLY A 1 44 ? -7.953  13.176  -1.460  1.00 20.00 ? 72  GLY A HA2  1 
ATOM   650  H  HA3  . GLY A 1 44 ? -6.555  13.249  -2.554  1.00 20.00 ? 72  GLY A HA3  1 
ATOM   651  N  N    . LEU A 1 45 ? -5.253  11.483  -0.686  1.00 20.00 ? 73  LEU A N    1 
ATOM   652  C  CA   . LEU A 1 45 ? -4.561  10.342  -0.129  1.00 20.00 ? 73  LEU A CA   1 
ATOM   653  C  C    . LEU A 1 45 ? -5.386  9.514   0.830   1.00 20.00 ? 73  LEU A C    1 
ATOM   654  O  O    . LEU A 1 45 ? -5.590  8.336   0.572   1.00 20.00 ? 73  LEU A O    1 
ATOM   655  C  CB   . LEU A 1 45 ? -3.343  10.999  0.549   1.00 20.00 ? 73  LEU A CB   1 
ATOM   656  C  CG   . LEU A 1 45 ? -2.592  10.322  1.697   1.00 20.00 ? 73  LEU A CG   1 
ATOM   657  C  CD1  . LEU A 1 45 ? -1.639  9.274   1.178   1.00 20.00 ? 73  LEU A CD1  1 
ATOM   658  C  CD2  . LEU A 1 45 ? -1.761  11.379  2.418   1.00 20.00 ? 73  LEU A CD2  1 
ATOM   659  H  H    . LEU A 1 45 ? -4.686  12.317  -0.679  1.00 20.00 ? 73  LEU A H    1 
ATOM   660  H  HA   . LEU A 1 45 ? -4.278  9.674   -0.935  1.00 20.00 ? 73  LEU A HA   1 
ATOM   661  H  HB2  . LEU A 1 45 ? -2.639  11.216  -0.245  1.00 20.00 ? 73  LEU A HB2  1 
ATOM   662  H  HB3  . LEU A 1 45 ? -3.684  11.942  0.980   1.00 20.00 ? 73  LEU A HB3  1 
ATOM   663  H  HG   . LEU A 1 45 ? -3.278  9.878   2.411   1.00 20.00 ? 73  LEU A HG   1 
ATOM   664  H  HD11 . LEU A 1 45 ? -1.064  8.908   2.031   1.00 20.00 ? 73  LEU A HD11 1 
ATOM   665  H  HD12 . LEU A 1 45 ? -2.208  8.468   0.711   1.00 20.00 ? 73  LEU A HD12 1 
ATOM   666  H  HD13 . LEU A 1 45 ? -0.967  9.738   0.462   1.00 20.00 ? 73  LEU A HD13 1 
ATOM   667  H  HD21 . LEU A 1 45 ? -1.208  10.911  3.219   1.00 20.00 ? 73  LEU A HD21 1 
ATOM   668  H  HD22 . LEU A 1 45 ? -1.065  11.860  1.730   1.00 20.00 ? 73  LEU A HD22 1 
ATOM   669  H  HD23 . LEU A 1 45 ? -2.415  12.124  2.865   1.00 20.00 ? 73  LEU A HD23 1 
ATOM   670  N  N    . ALA A 1 46 ? -5.869  10.094  1.926   1.00 20.00 ? 74  ALA A N    1 
ATOM   671  C  CA   . ALA A 1 46 ? -6.606  9.295   2.888   1.00 20.00 ? 74  ALA A CA   1 
ATOM   672  C  C    . ALA A 1 46 ? -7.919  8.775   2.296   1.00 20.00 ? 74  ALA A C    1 
ATOM   673  O  O    . ALA A 1 46 ? -8.225  7.583   2.398   1.00 20.00 ? 74  ALA A O    1 
ATOM   674  C  CB   . ALA A 1 46 ? -6.793  10.124  4.165   1.00 20.00 ? 74  ALA A CB   1 
ATOM   675  H  H    . ALA A 1 46 ? -5.691  11.070  2.109   1.00 20.00 ? 74  ALA A H    1 
ATOM   676  H  HA   . ALA A 1 46 ? -6.002  8.412   3.086   1.00 20.00 ? 74  ALA A HA   1 
ATOM   677  H  HB1  . ALA A 1 46 ? -7.350  11.040  3.946   1.00 20.00 ? 74  ALA A HB1  1 
ATOM   678  H  HB2  . ALA A 1 46 ? -7.331  9.536   4.910   1.00 20.00 ? 74  ALA A HB2  1 
ATOM   679  H  HB3  . ALA A 1 46 ? -5.818  10.394  4.573   1.00 20.00 ? 74  ALA A HB3  1 
ATOM   680  N  N    . ARG A 1 47 ? -8.657  9.639   1.589   1.00 20.00 ? 75  ARG A N    1 
ATOM   681  C  CA   . ARG A 1 47 ? -9.918  9.264   0.948   1.00 20.00 ? 75  ARG A CA   1 
ATOM   682  C  C    . ARG A 1 47 ? -9.715  8.225   -0.149  1.00 20.00 ? 75  ARG A C    1 
ATOM   683  O  O    . ARG A 1 47 ? -10.532 7.314   -0.254  1.00 20.00 ? 75  ARG A O    1 
ATOM   684  C  CB   . ARG A 1 47 ? -10.639 10.487  0.369   1.00 20.00 ? 75  ARG A CB   1 
ATOM   685  C  CG   . ARG A 1 47 ? -11.004 11.553  1.415   1.00 20.00 ? 75  ARG A CG   1 
ATOM   686  C  CD   . ARG A 1 47 ? -11.769 12.698  0.737   1.00 20.00 ? 75  ARG A CD   1 
ATOM   687  N  NE   . ARG A 1 47 ? -12.199 13.731  1.702   1.00 20.00 ? 75  ARG A NE   1 
ATOM   688  C  CZ   . ARG A 1 47 ? -11.560 14.847  2.014   1.00 20.00 ? 75  ARG A CZ   1 
ATOM   689  N  NH1  . ARG A 1 47 ? -10.367 15.113  1.579   1.00 20.00 ? 75  ARG A NH1  1 
ATOM   690  N  NH2  . ARG A 1 47 ? -12.113 15.739  2.783   1.00 20.00 ? 75  ARG A NH2  1 
ATOM   691  H  H    . ARG A 1 47 ? -8.290  10.570  1.447   1.00 20.00 ? 75  ARG A H    1 
ATOM   692  H  HA   . ARG A 1 47 ? -10.568 8.802   1.695   1.00 20.00 ? 75  ARG A HA   1 
ATOM   693  H  HB2  . ARG A 1 47 ? -10.016 10.937  -0.406  1.00 20.00 ? 75  ARG A HB2  1 
ATOM   694  H  HB3  . ARG A 1 47 ? -11.559 10.124  -0.092  1.00 20.00 ? 75  ARG A HB3  1 
ATOM   695  H  HG2  . ARG A 1 47 ? -11.632 11.104  2.185   1.00 20.00 ? 75  ARG A HG2  1 
ATOM   696  H  HG3  . ARG A 1 47 ? -10.100 11.950  1.877   1.00 20.00 ? 75  ARG A HG3  1 
ATOM   697  H  HD2  . ARG A 1 47 ? -11.142 13.142  -0.039  1.00 20.00 ? 75  ARG A HD2  1 
ATOM   698  H  HD3  . ARG A 1 47 ? -12.655 12.287  0.249   1.00 20.00 ? 75  ARG A HD3  1 
ATOM   699  H  HE   . ARG A 1 47 ? -13.110 13.610  2.118   1.00 20.00 ? 75  ARG A HE   1 
ATOM   700  H  HH11 . ARG A 1 47 ? -9.825  14.415  1.093   1.00 20.00 ? 75  ARG A HH11 1 
ATOM   701  H  HH12 . ARG A 1 47 ? -9.893  15.975  1.846   1.00 20.00 ? 75  ARG A HH12 1 
ATOM   702  H  HH21 . ARG A 1 47 ? -13.040 15.596  3.149   1.00 20.00 ? 75  ARG A HH21 1 
ATOM   703  H  HH22 . ARG A 1 47 ? -11.607 16.580  3.006   1.00 20.00 ? 75  ARG A HH22 1 
ATOM   704  N  N    . HIS A 1 48 ? -8.643  8.319   -0.942  1.00 20.00 ? 76  HIS A N    1 
ATOM   705  C  CA   . HIS A 1 48 ? -8.409  7.359   -2.012  1.00 20.00 ? 76  HIS A CA   1 
ATOM   706  C  C    . HIS A 1 48 ? -7.804  6.074   -1.492  1.00 20.00 ? 76  HIS A C    1 
ATOM   707  O  O    . HIS A 1 48 ? -8.306  5.013   -1.858  1.00 20.00 ? 76  HIS A O    1 
ATOM   708  C  CB   . HIS A 1 48 ? -7.558  7.948   -3.123  1.00 20.00 ? 76  HIS A CB   1 
ATOM   709  C  CG   . HIS A 1 48 ? -7.228  6.921   -4.183  1.00 20.00 ? 76  HIS A CG   1 
ATOM   710  N  ND1  . HIS A 1 48 ? -7.951  6.670   -5.330  1.00 20.00 ? 76  HIS A ND1  1 
ATOM   711  C  CD2  . HIS A 1 48 ? -6.243  5.969   -4.119  1.00 20.00 ? 76  HIS A CD2  1 
ATOM   712  C  CE1  . HIS A 1 48 ? -7.431  5.584   -5.926  1.00 20.00 ? 76  HIS A CE1  1 
ATOM   713  N  NE2  . HIS A 1 48 ? -6.381  5.130   -5.225  1.00 20.00 ? 76  HIS A NE2  1 
ATOM   714  H  H    . HIS A 1 48 ? -7.959  9.066   -0.801  1.00 20.00 ? 76  HIS A H    1 
ATOM   715  H  HA   . HIS A 1 48 ? -9.354  7.094   -2.471  1.00 20.00 ? 76  HIS A HA   1 
ATOM   716  H  HB2  . HIS A 1 48 ? -8.138  8.741   -3.580  1.00 20.00 ? 76  HIS A HB2  1 
ATOM   717  H  HB3  . HIS A 1 48 ? -6.655  8.368   -2.691  1.00 20.00 ? 76  HIS A HB3  1 
ATOM   718  H  HD1  . HIS A 1 48 ? -8.768  7.178   -5.648  1.00 20.00 ? 76  HIS A HD1  1 
ATOM   719  H  HD2  . HIS A 1 48 ? -5.530  5.845   -3.315  1.00 20.00 ? 76  HIS A HD2  1 
ATOM   720  H  HE1  . HIS A 1 48 ? -7.824  5.112   -6.819  1.00 20.00 ? 76  HIS A HE1  1 
ATOM   721  N  N    . VAL A 1 49 ? -6.778  6.116   -0.631  1.00 20.00 ? 77  VAL A N    1 
ATOM   722  C  CA   . VAL A 1 49 ? -6.235  4.849   -0.134  1.00 20.00 ? 77  VAL A CA   1 
ATOM   723  C  C    . VAL A 1 49 ? -7.310  4.080   0.667   1.00 20.00 ? 77  VAL A C    1 
ATOM   724  O  O    . VAL A 1 49 ? -7.345  2.851   0.611   1.00 20.00 ? 77  VAL A O    1 
ATOM   725  C  CB   . VAL A 1 49 ? -4.872  5.005   0.564   1.00 20.00 ? 77  VAL A CB   1 
ATOM   726  C  CG1  . VAL A 1 49 ? -4.285  3.605   0.675   1.00 20.00 ? 77  VAL A CG1  1 
ATOM   727  C  CG2  . VAL A 1 49 ? -3.801  5.732   -0.270  1.00 20.00 ? 77  VAL A CG2  1 
ATOM   728  H  H    . VAL A 1 49 ? -6.387  7.005   -0.291  1.00 20.00 ? 77  VAL A H    1 
ATOM   729  H  HA   . VAL A 1 49 ? -6.039  4.224   -1.008  1.00 20.00 ? 77  VAL A HA   1 
ATOM   730  H  HB   . VAL A 1 49 ? -4.968  5.486   1.544   1.00 20.00 ? 77  VAL A HB   1 
ATOM   731  H  HG11 . VAL A 1 49 ? -4.299  3.143   -0.313  1.00 20.00 ? 77  VAL A HG11 1 
ATOM   732  H  HG12 . VAL A 1 49 ? -3.257  3.679   1.009   1.00 20.00 ? 77  VAL A HG12 1 
ATOM   733  H  HG13 . VAL A 1 49 ? -4.867  3.025   1.385   1.00 20.00 ? 77  VAL A HG13 1 
ATOM   734  H  HG21 . VAL A 1 49 ? -3.661  5.243   -1.235  1.00 20.00 ? 77  VAL A HG21 1 
ATOM   735  H  HG22 . VAL A 1 49 ? -4.064  6.767   -0.446  1.00 20.00 ? 77  VAL A HG22 1 
ATOM   736  H  HG23 . VAL A 1 49 ? -2.861  5.696   0.289   1.00 20.00 ? 77  VAL A HG23 1 
ATOM   737  N  N    . THR A 1 50 ? -8.275  4.773   1.295   1.00 20.00 ? 78  THR A N    1 
ATOM   738  C  CA   . THR A 1 50 ? -9.425  4.134   1.973   1.00 20.00 ? 78  THR A CA   1 
ATOM   739  C  C    . THR A 1 50 ? -10.444 3.505   0.999   1.00 20.00 ? 78  THR A C    1 
ATOM   740  O  O    . THR A 1 50 ? -11.244 2.661   1.409   1.00 20.00 ? 78  THR A O    1 
ATOM   741  C  CB   . THR A 1 50 ? -10.142 5.157   2.887   1.00 20.00 ? 78  THR A CB   1 
ATOM   742  O  OG1  . THR A 1 50 ? -9.259  5.626   3.880   1.00 20.00 ? 78  THR A OG1  1 
ATOM   743  C  CG2  . THR A 1 50 ? -11.316 4.587   3.683   1.00 20.00 ? 78  THR A CG2  1 
ATOM   744  H  H    . THR A 1 50 ? -8.244  5.788   1.272   1.00 20.00 ? 78  THR A H    1 
ATOM   745  H  HA   . THR A 1 50 ? -9.056  3.328   2.604   1.00 20.00 ? 78  THR A HA   1 
ATOM   746  H  HB   . THR A 1 50 ? -10.492 6.009   2.289   1.00 20.00 ? 78  THR A HB   1 
ATOM   747  H  HG1  . THR A 1 50 ? -8.711  6.308   3.443   1.00 20.00 ? 78  THR A HG1  1 
ATOM   748  H  HG21 . THR A 1 50 ? -12.164 4.411   3.023   1.00 20.00 ? 78  THR A HG21 1 
ATOM   749  H  HG22 . THR A 1 50 ? -11.015 3.651   4.155   1.00 20.00 ? 78  THR A HG22 1 
ATOM   750  H  HG23 . THR A 1 50 ? -11.627 5.297   4.450   1.00 20.00 ? 78  THR A HG23 1 
ATOM   751  N  N    . GLN A 1 51 ? -10.455 3.905   -0.279  1.00 20.00 ? 79  GLN A N    1 
ATOM   752  C  CA   . GLN A 1 51 ? -11.481 3.519   -1.267  1.00 20.00 ? 79  GLN A CA   1 
ATOM   753  C  C    . GLN A 1 51 ? -11.000 2.770   -2.527  1.00 20.00 ? 79  GLN A C    1 
ATOM   754  O  O    . GLN A 1 51 ? -11.835 2.178   -3.218  1.00 20.00 ? 79  GLN A O    1 
ATOM   755  C  CB   . GLN A 1 51 ? -12.224 4.803   -1.666  1.00 20.00 ? 79  GLN A CB   1 
ATOM   756  C  CG   . GLN A 1 51 ? -13.065 5.367   -0.508  1.00 20.00 ? 79  GLN A CG   1 
ATOM   757  C  CD   . GLN A 1 51 ? -13.915 6.566   -0.929  1.00 20.00 ? 79  GLN A CD   1 
ATOM   758  O  OE1  . GLN A 1 51 ? -14.674 6.530   -1.892  1.00 20.00 ? 79  GLN A OE1  1 
ATOM   759  N  NE2  . GLN A 1 51 ? -13.837 7.680   -0.228  1.00 20.00 ? 79  GLN A NE2  1 
ATOM   760  H  H    . GLN A 1 51 ? -9.770  4.592   -0.568  1.00 20.00 ? 79  GLN A H    1 
ATOM   761  H  HA   . GLN A 1 51 ? -12.206 2.855   -0.796  1.00 20.00 ? 79  GLN A HA   1 
ATOM   762  H  HB2  . GLN A 1 51 ? -11.490 5.550   -1.977  1.00 20.00 ? 79  GLN A HB2  1 
ATOM   763  H  HB3  . GLN A 1 51 ? -12.886 4.586   -2.506  1.00 20.00 ? 79  GLN A HB3  1 
ATOM   764  H  HG2  . GLN A 1 51 ? -13.719 4.586   -0.129  1.00 20.00 ? 79  GLN A HG2  1 
ATOM   765  H  HG3  . GLN A 1 51 ? -12.411 5.659   0.313   1.00 20.00 ? 79  GLN A HG3  1 
ATOM   766  H  HE21 . GLN A 1 51 ? -13.213 7.734   0.562   1.00 20.00 ? 79  GLN A HE21 1 
ATOM   767  H  HE22 . GLN A 1 51 ? -14.402 8.465   -0.510  1.00 20.00 ? 79  GLN A HE22 1 
ATOM   768  N  N    . CYS A 1 52 ? -9.702  2.770   -2.841  1.00 20.00 ? 80  CYS A N    1 
ATOM   769  C  CA   . CYS A 1 52 ? -9.102  2.092   -3.987  1.00 20.00 ? 80  CYS A CA   1 
ATOM   770  C  C    . CYS A 1 52 ? -9.531  0.615   -4.084  1.00 20.00 ? 80  CYS A C    1 
ATOM   771  O  O    . CYS A 1 52 ? -9.523  -0.081  -3.063  1.00 20.00 ? 80  CYS A O    1 
ATOM   772  C  CB   . CYS A 1 52 ? -7.582  2.211   -3.848  1.00 20.00 ? 80  CYS A CB   1 
ATOM   773  S  SG   . CYS A 1 52 ? -6.788  1.574   -5.352  1.00 20.00 ? 80  CYS A SG   1 
ATOM   774  H  H    . CYS A 1 52 ? -9.071  3.307   -2.267  1.00 20.00 ? 80  CYS A H    1 
ATOM   775  H  HA   . CYS A 1 52 ? -9.384  2.615   -4.893  1.00 20.00 ? 80  CYS A HA   1 
ATOM   776  H  HB2  . CYS A 1 52 ? -7.315  3.258   -3.713  1.00 20.00 ? 80  CYS A HB2  1 
ATOM   777  H  HB3  . CYS A 1 52 ? -7.237  1.654   -2.976  1.00 20.00 ? 80  CYS A HB3  1 
ATOM   778  N  N    . PRO A 1 53 ? -9.891  0.106   -5.277  1.00 20.00 ? 81  PRO A N    1 
ATOM   779  C  CA   . PRO A 1 53 ? -10.231 -1.298  -5.445  1.00 20.00 ? 81  PRO A CA   1 
ATOM   780  C  C    . PRO A 1 53 ? -9.022  -2.198  -5.760  1.00 20.00 ? 81  PRO A C    1 
ATOM   781  O  O    . PRO A 1 53 ? -9.073  -3.404  -5.512  1.00 20.00 ? 81  PRO A O    1 
ATOM   782  C  CB   . PRO A 1 53 ? -11.165 -1.304  -6.646  1.00 20.00 ? 81  PRO A CB   1 
ATOM   783  C  CG   . PRO A 1 53 ? -10.615 -0.184  -7.535  1.00 20.00 ? 81  PRO A CG   1 
ATOM   784  C  CD   . PRO A 1 53 ? -10.051 0.828   -6.536  1.00 20.00 ? 81  PRO A CD   1 
ATOM   785  H  HA   . PRO A 1 53 ? -10.729 -1.657  -4.542  1.00 20.00 ? 81  PRO A HA   1 
ATOM   786  H  HB2  . PRO A 1 53 ? -11.133 -2.267  -7.150  1.00 20.00 ? 81  PRO A HB2  1 
ATOM   787  H  HB3  . PRO A 1 53 ? -12.171 -1.057  -6.313  1.00 20.00 ? 81  PRO A HB3  1 
ATOM   788  H  HG2  . PRO A 1 53 ? -9.810  -0.569  -8.163  1.00 20.00 ? 81  PRO A HG2  1 
ATOM   789  H  HG3  . PRO A 1 53 ? -11.398 0.257   -8.154  1.00 20.00 ? 81  PRO A HG3  1 
ATOM   790  H  HD2  . PRO A 1 53 ? -9.105  1.229   -6.898  1.00 20.00 ? 81  PRO A HD2  1 
ATOM   791  H  HD3  . PRO A 1 53 ? -10.771 1.637   -6.399  1.00 20.00 ? 81  PRO A HD3  1 
ATOM   792  N  N    . LYS A 1 54 ? -7.907  -1.633  -6.253  1.00 20.00 ? 82  LYS A N    1 
ATOM   793  C  CA   . LYS A 1 54 ? -6.662  -2.381  -6.548  1.00 20.00 ? 82  LYS A CA   1 
ATOM   794  C  C    . LYS A 1 54 ? -5.966  -2.771  -5.253  1.00 20.00 ? 82  LYS A C    1 
ATOM   795  O  O    . LYS A 1 54 ? -5.195  -3.730  -5.214  1.00 20.00 ? 82  LYS A O    1 
ATOM   796  C  CB   . LYS A 1 54 ? -5.693  -1.549  -7.405  1.00 20.00 ? 82  LYS A CB   1 
ATOM   797  C  CG   . LYS A 1 54 ? -6.071  -1.496  -8.893  1.00 20.00 ? 82  LYS A CG   1 
ATOM   798  C  CD   . LYS A 1 54 ? -5.683  -2.797  -9.617  1.00 20.00 ? 82  LYS A CD   1 
ATOM   799  C  CE   . LYS A 1 54 ? -6.284  -2.906  -11.025 1.00 20.00 ? 82  LYS A CE   1 
ATOM   800  N  NZ   . LYS A 1 54 ? -7.740  -3.199  -10.980 1.00 20.00 ? 82  LYS A NZ   1 
ATOM   801  H  H    . LYS A 1 54 ? -7.887  -0.622  -6.304  1.00 20.00 ? 82  LYS A H    1 
ATOM   802  H  HA   . LYS A 1 54 ? -6.908  -3.312  -7.061  1.00 20.00 ? 82  LYS A HA   1 
ATOM   803  H  HB2  . LYS A 1 54 ? -5.648  -0.537  -7.006  1.00 20.00 ? 82  LYS A HB2  1 
ATOM   804  H  HB3  . LYS A 1 54 ? -4.695  -1.981  -7.321  1.00 20.00 ? 82  LYS A HB3  1 
ATOM   805  H  HG2  . LYS A 1 54 ? -7.139  -1.304  -8.986  1.00 20.00 ? 82  LYS A HG2  1 
ATOM   806  H  HG3  . LYS A 1 54 ? -5.526  -0.672  -9.361  1.00 20.00 ? 82  LYS A HG3  1 
ATOM   807  H  HD2  . LYS A 1 54 ? -4.595  -2.828  -9.704  1.00 20.00 ? 82  LYS A HD2  1 
ATOM   808  H  HD3  . LYS A 1 54 ? -5.988  -3.666  -9.035  1.00 20.00 ? 82  LYS A HD3  1 
ATOM   809  H  HE2  . LYS A 1 54 ? -6.092  -1.979  -11.575 1.00 20.00 ? 82  LYS A HE2  1 
ATOM   810  H  HE3  . LYS A 1 54 ? -5.771  -3.718  -11.549 1.00 20.00 ? 82  LYS A HE3  1 
ATOM   811  H  HZ1  . LYS A 1 54 ? -8.264  -2.429  -10.594 1.00 20.00 ? 82  LYS A HZ1  1 
ATOM   812  H  HZ2  . LYS A 1 54 ? -8.103  -3.396  -11.901 1.00 20.00 ? 82  LYS A HZ2  1 
ATOM   813  H  HZ3  . LYS A 1 54 ? -7.920  -4.018  -10.393 1.00 20.00 ? 82  LYS A HZ3  1 
ATOM   814  N  N    . ARG A 1 55 ? -6.316  -2.052  -4.187  1.00 20.00 ? 83  ARG A N    1 
ATOM   815  C  CA   . ARG A 1 55 ? -5.886  -2.273  -2.807  1.00 20.00 ? 83  ARG A CA   1 
ATOM   816  C  C    . ARG A 1 55 ? -6.188  -3.710  -2.403  1.00 20.00 ? 83  ARG A C    1 
ATOM   817  O  O    . ARG A 1 55 ? -5.286  -4.474  -2.103  1.00 20.00 ? 83  ARG A O    1 
ATOM   818  C  CB   . ARG A 1 55 ? -6.562  -1.162  -1.986  1.00 20.00 ? 83  ARG A CB   1 
ATOM   819  C  CG   . ARG A 1 55 ? -6.809  -1.422  -0.506  1.00 20.00 ? 83  ARG A CG   1 
ATOM   820  C  CD   . ARG A 1 55 ? -7.405  -0.173  0.159   1.00 20.00 ? 83  ARG A CD   1 
ATOM   821  N  NE   . ARG A 1 55 ? -8.461  -0.507  1.131   1.00 20.00 ? 83  ARG A NE   1 
ATOM   822  C  CZ   . ARG A 1 55 ? -9.765  -0.538  0.909   1.00 20.00 ? 83  ARG A CZ   1 
ATOM   823  N  NH1  . ARG A 1 55 ? -10.294 -0.352  -0.271  1.00 20.00 ? 83  ARG A NH1  1 
ATOM   824  N  NH2  . ARG A 1 55 ? -10.584 -0.775  1.893   1.00 20.00 ? 83  ARG A NH2  1 
ATOM   825  H  H    . ARG A 1 55 ? -7.018  -1.334  -4.360  1.00 20.00 ? 83  ARG A H    1 
ATOM   826  H  HA   . ARG A 1 55 ? -4.810  -2.188  -2.718  1.00 20.00 ? 83  ARG A HA   1 
ATOM   827  H  HB2  . ARG A 1 55 ? -6.038  -0.229  -2.120  1.00 20.00 ? 83  ARG A HB2  1 
ATOM   828  H  HB3  . ARG A 1 55 ? -7.509  -0.941  -2.428  1.00 20.00 ? 83  ARG A HB3  1 
ATOM   829  H  HG2  . ARG A 1 55 ? -7.518  -2.244  -0.440  1.00 20.00 ? 83  ARG A HG2  1 
ATOM   830  H  HG3  . ARG A 1 55 ? -5.871  -1.680  -0.022  1.00 20.00 ? 83  ARG A HG3  1 
ATOM   831  H  HD2  . ARG A 1 55 ? -6.602  0.361   0.671   1.00 20.00 ? 83  ARG A HD2  1 
ATOM   832  H  HD3  . ARG A 1 55 ? -7.809  0.502   -0.598  1.00 20.00 ? 83  ARG A HD3  1 
ATOM   833  H  HE   . ARG A 1 55 ? -8.164  -0.683  2.078   1.00 20.00 ? 83  ARG A HE   1 
ATOM   834  H  HH11 . ARG A 1 55 ? -9.709  -0.208  -1.085  1.00 20.00 ? 83  ARG A HH11 1 
ATOM   835  H  HH12 . ARG A 1 55 ? -11.290 -0.390  -0.386  1.00 20.00 ? 83  ARG A HH12 1 
ATOM   836  H  HH21 . ARG A 1 55 ? -10.230 -0.926  2.824   1.00 20.00 ? 83  ARG A HH21 1 
ATOM   837  H  HH22 . ARG A 1 55 ? -11.577 -0.771  1.738   1.00 20.00 ? 83  ARG A HH22 1 
ATOM   838  N  N    . LYS A 1 56 ? -7.444  -4.114  -2.534  1.00 20.00 ? 84  LYS A N    1 
ATOM   839  C  CA   . LYS A 1 56 ? -7.966  -5.458  -2.299  1.00 20.00 ? 84  LYS A CA   1 
ATOM   840  C  C    . LYS A 1 56 ? -7.246  -6.498  -3.156  1.00 20.00 ? 84  LYS A C    1 
ATOM   841  O  O    . LYS A 1 56 ? -6.876  -7.542  -2.643  1.00 20.00 ? 84  LYS A O    1 
ATOM   842  C  CB   . LYS A 1 56 ? -9.481  -5.426  -2.584  1.00 20.00 ? 84  LYS A CB   1 
ATOM   843  C  CG   . LYS A 1 56 ? -10.176 -6.769  -2.319  1.00 20.00 ? 84  LYS A CG   1 
ATOM   844  C  CD   . LYS A 1 56 ? -11.695 -6.717  -2.539  1.00 20.00 ? 84  LYS A CD   1 
ATOM   845  C  CE   . LYS A 1 56 ? -12.060 -6.507  -4.017  1.00 20.00 ? 84  LYS A CE   1 
ATOM   846  N  NZ   . LYS A 1 56 ? -13.533 -6.515  -4.223  1.00 20.00 ? 84  LYS A NZ   1 
ATOM   847  H  H    . LYS A 1 56 ? -8.062  -3.429  -2.895  1.00 20.00 ? 84  LYS A H    1 
ATOM   848  H  HA   . LYS A 1 56 ? -7.800  -5.731  -1.252  1.00 20.00 ? 84  LYS A HA   1 
ATOM   849  H  HB2  . LYS A 1 56 ? -9.941  -4.666  -1.949  1.00 20.00 ? 84  LYS A HB2  1 
ATOM   850  H  HB3  . LYS A 1 56 ? -9.640  -5.146  -3.624  1.00 20.00 ? 84  LYS A HB3  1 
ATOM   851  H  HG2  . LYS A 1 56 ? -9.756  -7.527  -2.977  1.00 20.00 ? 84  LYS A HG2  1 
ATOM   852  H  HG3  . LYS A 1 56 ? -9.986  -7.056  -1.285  1.00 20.00 ? 84  LYS A HG3  1 
ATOM   853  H  HD2  . LYS A 1 56 ? -12.121 -7.663  -2.201  1.00 20.00 ? 84  LYS A HD2  1 
ATOM   854  H  HD3  . LYS A 1 56 ? -12.121 -5.912  -1.935  1.00 20.00 ? 84  LYS A HD3  1 
ATOM   855  H  HE2  . LYS A 1 56 ? -11.643 -5.555  -4.358  1.00 20.00 ? 84  LYS A HE2  1 
ATOM   856  H  HE3  . LYS A 1 56 ? -11.599 -7.306  -4.607  1.00 20.00 ? 84  LYS A HE3  1 
ATOM   857  H  HZ1  . LYS A 1 56 ? -13.765 -6.385  -5.199  1.00 20.00 ? 84  LYS A HZ1  1 
ATOM   858  H  HZ2  . LYS A 1 56 ? -13.940 -7.392  -3.929  1.00 20.00 ? 84  LYS A HZ2  1 
ATOM   859  H  HZ3  . LYS A 1 56 ? -13.982 -5.774  -3.701  1.00 20.00 ? 84  LYS A HZ3  1 
ATOM   860  N  N    . GLU A 1 57 ? -6.996  -6.223  -4.436  1.00 20.00 ? 85  GLU A N    1 
ATOM   861  C  CA   . GLU A 1 57 ? -6.332  -7.204  -5.315  1.00 20.00 ? 85  GLU A CA   1 
ATOM   862  C  C    . GLU A 1 57 ? -4.864  -7.456  -4.926  1.00 20.00 ? 85  GLU A C    1 
ATOM   863  O  O    . GLU A 1 57 ? -4.440  -8.604  -4.726  1.00 20.00 ? 85  GLU A O    1 
ATOM   864  C  CB   . GLU A 1 57 ? -6.430  -6.762  -6.785  1.00 20.00 ? 85  GLU A CB   1 
ATOM   865  C  CG   . GLU A 1 57 ? -7.878  -6.749  -7.297  1.00 20.00 ? 85  GLU A CG   1 
ATOM   866  C  CD   . GLU A 1 57 ? -7.937  -6.463  -8.809  1.00 20.00 ? 85  GLU A CD   1 
ATOM   867  O  OE1  . GLU A 1 57 ? -7.770  -7.408  -9.618  1.00 20.00 ? 85  GLU A OE1  1 
ATOM   868  O  OE2  . GLU A 1 57 ? -8.156  -5.292  -9.203  1.00 20.00 ? 85  GLU A OE2  1 
ATOM   869  H  H    . GLU A 1 57 ? -7.262  -5.316  -4.800  1.00 20.00 ? 85  GLU A H    1 
ATOM   870  H  HA   . GLU A 1 57 ? -6.847  -8.164  -5.223  1.00 20.00 ? 85  GLU A HA   1 
ATOM   871  H  HB2  . GLU A 1 57 ? -5.995  -5.769  -6.905  1.00 20.00 ? 85  GLU A HB2  1 
ATOM   872  H  HB3  . GLU A 1 57 ? -5.855  -7.463  -7.393  1.00 20.00 ? 85  GLU A HB3  1 
ATOM   873  H  HG2  . GLU A 1 57 ? -8.337  -7.720  -7.090  1.00 20.00 ? 85  GLU A HG2  1 
ATOM   874  H  HG3  . GLU A 1 57 ? -8.447  -5.991  -6.755  1.00 20.00 ? 85  GLU A HG3  1 
ATOM   875  N  N    . LYS A 1 58 ? -4.090  -6.382  -4.726  1.00 20.00 ? 86  LYS A N    1 
ATOM   876  C  CA   . LYS A 1 58 ? -2.682  -6.487  -4.338  1.00 20.00 ? 86  LYS A CA   1 
ATOM   877  C  C    . LYS A 1 58 ? -2.573  -7.048  -2.941  1.00 20.00 ? 86  LYS A C    1 
ATOM   878  O  O    . LYS A 1 58 ? -1.625  -7.761  -2.626  1.00 20.00 ? 86  LYS A O    1 
ATOM   879  C  CB   . LYS A 1 58 ? -1.966  -5.130  -4.444  1.00 20.00 ? 86  LYS A CB   1 
ATOM   880  C  CG   . LYS A 1 58 ? -0.462  -5.263  -4.115  1.00 20.00 ? 86  LYS A CG   1 
ATOM   881  C  CD   . LYS A 1 58 ? -0.082  -4.887  -2.671  1.00 20.00 ? 86  LYS A CD   1 
ATOM   882  C  CE   . LYS A 1 58 ? 1.287   -5.431  -2.249  1.00 20.00 ? 86  LYS A CE   1 
ATOM   883  N  NZ   . LYS A 1 58 ? 2.414   -4.852  -3.032  1.00 20.00 ? 86  LYS A NZ   1 
ATOM   884  H  H    . LYS A 1 58 ? -4.518  -5.463  -4.742  1.00 20.00 ? 86  LYS A H    1 
ATOM   885  H  HA   . LYS A 1 58 ? -2.181  -7.190  -4.997  1.00 20.00 ? 86  LYS A HA   1 
ATOM   886  H  HB2  . LYS A 1 58 ? -2.065  -4.772  -5.471  1.00 20.00 ? 86  LYS A HB2  1 
ATOM   887  H  HB3  . LYS A 1 58 ? -2.443  -4.404  -3.783  1.00 20.00 ? 86  LYS A HB3  1 
ATOM   888  H  HG2  . LYS A 1 58 ? -0.158  -6.296  -4.293  1.00 20.00 ? 86  LYS A HG2  1 
ATOM   889  H  HG3  . LYS A 1 58 ? 0.097   -4.619  -4.791  1.00 20.00 ? 86  LYS A HG3  1 
ATOM   890  H  HD2  . LYS A 1 58 ? -0.072  -3.809  -2.568  1.00 20.00 ? 86  LYS A HD2  1 
ATOM   891  H  HD3  . LYS A 1 58 ? -0.823  -5.279  -1.976  1.00 20.00 ? 86  LYS A HD3  1 
ATOM   892  H  HE2  . LYS A 1 58 ? 1.408   -5.223  -1.179  1.00 20.00 ? 86  LYS A HE2  1 
ATOM   893  H  HE3  . LYS A 1 58 ? 1.270   -6.518  -2.367  1.00 20.00 ? 86  LYS A HE3  1 
ATOM   894  H  HZ1  . LYS A 1 58 ? 2.445   -3.843  -2.957  1.00 20.00 ? 86  LYS A HZ1  1 
ATOM   895  H  HZ2  . LYS A 1 58 ? 3.314   -5.199  -2.702  1.00 20.00 ? 86  LYS A HZ2  1 
ATOM   896  H  HZ3  . LYS A 1 58 ? 2.340   -5.098  -4.011  1.00 20.00 ? 86  LYS A HZ3  1 
ATOM   897  N  N    . VAL A 1 59 ? -3.530  -6.725  -2.086  1.00 20.00 ? 87  VAL A N    1 
ATOM   898  C  CA   . VAL A 1 59 ? -3.457  -7.164  -0.709  1.00 20.00 ? 87  VAL A CA   1 
ATOM   899  C  C    . VAL A 1 59 ? -3.929  -8.609  -0.540  1.00 20.00 ? 87  VAL A C    1 
ATOM   900  O  O    . VAL A 1 59 ? -3.393  -9.341  0.294   1.00 20.00 ? 87  VAL A O    1 
ATOM   901  C  CB   . VAL A 1 59 ? -4.021  -6.051  0.177   1.00 20.00 ? 87  VAL A CB   1 
ATOM   902  C  CG1  . VAL A 1 59 ? -3.859  -6.410  1.631   1.00 20.00 ? 87  VAL A CG1  1 
ATOM   903  C  CG2  . VAL A 1 59 ? -3.157  -4.781  0.021   1.00 20.00 ? 87  VAL A CG2  1 
ATOM   904  H  H    . VAL A 1 59 ? -4.306  -6.125  -2.367  1.00 20.00 ? 87  VAL A H    1 
ATOM   905  H  HA   . VAL A 1 59 ? -2.391  -7.257  -0.504  1.00 20.00 ? 87  VAL A HA   1 
ATOM   906  H  HB   . VAL A 1 59 ? -5.072  -5.836  -0.070  1.00 20.00 ? 87  VAL A HB   1 
ATOM   907  H  HG11 . VAL A 1 59 ? -4.403  -7.327  1.835   1.00 20.00 ? 87  VAL A HG11 1 
ATOM   908  H  HG12 . VAL A 1 59 ? -2.794  -6.537  1.832   1.00 20.00 ? 87  VAL A HG12 1 
ATOM   909  H  HG13 . VAL A 1 59 ? -4.250  -5.591  2.225   1.00 20.00 ? 87  VAL A HG13 1 
ATOM   910  H  HG21 . VAL A 1 59 ? -2.138  -4.968  0.364   1.00 20.00 ? 87  VAL A HG21 1 
ATOM   911  H  HG22 . VAL A 1 59 ? -3.100  -4.468  -1.020  1.00 20.00 ? 87  VAL A HG22 1 
ATOM   912  H  HG23 . VAL A 1 59 ? -3.588  -3.970  0.605   1.00 20.00 ? 87  VAL A HG23 1 
ATOM   913  N  N    . GLU A 1 60 ? -4.816  -9.092  -1.412  1.00 20.00 ? 88  GLU A N    1 
ATOM   914  C  CA   . GLU A 1 60 ? -5.120  -10.524 -1.475  1.00 20.00 ? 88  GLU A CA   1 
ATOM   915  C  C    . GLU A 1 60 ? -3.883  -11.242 -2.055  1.00 20.00 ? 88  GLU A C    1 
ATOM   916  O  O    . GLU A 1 60 ? -3.636  -12.404 -1.737  1.00 20.00 ? 88  GLU A O    1 
ATOM   917  C  CB   . GLU A 1 60 ? -6.382  -10.804 -2.302  1.00 20.00 ? 88  GLU A CB   1 
ATOM   918  C  CG   . GLU A 1 60 ? -7.621  -10.426 -1.479  1.00 20.00 ? 88  GLU A CG   1 
ATOM   919  C  CD   . GLU A 1 60 ? -8.943  -10.727 -2.217  1.00 20.00 ? 88  GLU A CD   1 
ATOM   920  O  OE1  . GLU A 1 60 ? -9.068  -10.443 -3.434  1.00 20.00 ? 88  GLU A OE1  1 
ATOM   921  O  OE2  . GLU A 1 60 ? -9.883  -11.258 -1.574  1.00 20.00 ? 88  GLU A OE2  1 
ATOM   922  H  H    . GLU A 1 60 ? -5.216  -8.481  -2.116  1.00 20.00 ? 88  GLU A H    1 
ATOM   923  H  HA   . GLU A 1 60 ? -5.270  -10.915 -0.468  1.00 20.00 ? 88  GLU A HA   1 
ATOM   924  H  HB2  . GLU A 1 60 ? -6.347  -10.242 -3.235  1.00 20.00 ? 88  GLU A HB2  1 
ATOM   925  H  HB3  . GLU A 1 60 ? -6.431  -11.868 -2.530  1.00 20.00 ? 88  GLU A HB3  1 
ATOM   926  H  HG2  . GLU A 1 60 ? -7.585  -10.992 -0.544  1.00 20.00 ? 88  GLU A HG2  1 
ATOM   927  H  HG3  . GLU A 1 60 ? -7.569  -9.370  -1.206  1.00 20.00 ? 88  GLU A HG3  1 
ATOM   928  N  N    . GLU A 1 61 ? -3.036  -10.542 -2.831  1.00 20.00 ? 89  GLU A N    1 
ATOM   929  C  CA   . GLU A 1 61 ? -1.739  -11.060 -3.250  1.00 20.00 ? 89  GLU A CA   1 
ATOM   930  C  C    . GLU A 1 61 ? -0.760  -11.109 -2.061  1.00 20.00 ? 89  GLU A C    1 
ATOM   931  O  O    . GLU A 1 61 ? 0.033   -12.045 -1.963  1.00 20.00 ? 89  GLU A O    1 
ATOM   932  C  CB   . GLU A 1 61 ? -1.168  -10.131 -4.313  1.00 20.00 ? 89  GLU A CB   1 
ATOM   933  C  CG   . GLU A 1 61 ? -0.530  -10.873 -5.490  1.00 20.00 ? 89  GLU A CG   1 
ATOM   934  C  CD   . GLU A 1 61 ? 0.034   -9.880  -6.522  1.00 20.00 ? 89  GLU A CD   1 
ATOM   935  O  OE1  . GLU A 1 61 ? 1.139   -9.326  -6.298  1.00 20.00 ? 89  GLU A OE1  1 
ATOM   936  O  OE2  . GLU A 1 61 ? -0.616  -9.654  -7.572  1.00 20.00 ? 89  GLU A OE2  1 
ATOM   937  H  H    . GLU A 1 61 ? -3.244  -9.580  -3.100  1.00 20.00 ? 89  GLU A H    1 
ATOM   938  H  HA   . GLU A 1 61 ? -1.858  -12.058 -3.669  1.00 20.00 ? 89  GLU A HA   1 
ATOM   939  H  HB2  . GLU A 1 61 ? -1.951  -9.460  -4.652  1.00 20.00 ? 89  GLU A HB2  1 
ATOM   940  H  HB3  . GLU A 1 61 ? -0.422  -9.520  -3.825  1.00 20.00 ? 89  GLU A HB3  1 
ATOM   941  H  HG2  . GLU A 1 61 ? 0.269   -11.518 -5.116  1.00 20.00 ? 89  GLU A HG2  1 
ATOM   942  H  HG3  . GLU A 1 61 ? -1.285  -11.513 -5.955  1.00 20.00 ? 89  GLU A HG3  1 
ATOM   943  N  N    . THR A 1 62 ? -0.806  -10.125 -1.139  1.00 20.00 ? 90  THR A N    1 
ATOM   944  C  CA   . THR A 1 62 ? 0.067   -10.117 0.058   1.00 20.00 ? 90  THR A CA   1 
ATOM   945  C  C    . THR A 1 62 ? -0.286  -11.222 1.050   1.00 20.00 ? 90  THR A C    1 
ATOM   946  O  O    . THR A 1 62 ? 0.565   -11.648 1.823   1.00 20.00 ? 90  THR A O    1 
ATOM   947  C  CB   . THR A 1 62 ? 0.195   -8.783  0.796   1.00 20.00 ? 90  THR A CB   1 
ATOM   948  O  OG1  . THR A 1 62 ? -1.028  -8.251  1.228   1.00 20.00 ? 90  THR A OG1  1 
ATOM   949  C  CG2  . THR A 1 62 ? 0.856   -7.718  -0.059  1.00 20.00 ? 90  THR A CG2  1 
ATOM   950  H  H    . THR A 1 62 ? -1.467  -9.367  -1.283  1.00 20.00 ? 90  THR A H    1 
ATOM   951  H  HA   . THR A 1 62 ? 1.067   -10.337 -0.297  1.00 20.00 ? 90  THR A HA   1 
ATOM   952  H  HB   . THR A 1 62 ? 0.828   -8.930  1.670   1.00 20.00 ? 90  THR A HB   1 
ATOM   953  H  HG1  . THR A 1 62 ? -1.737  -8.898  1.058   1.00 20.00 ? 90  THR A HG1  1 
ATOM   954  H  HG21 . THR A 1 62 ? 0.233   -7.536  -0.930  1.00 20.00 ? 90  THR A HG21 1 
ATOM   955  H  HG22 . THR A 1 62 ? 0.958   -6.801  0.519   1.00 20.00 ? 90  THR A HG22 1 
ATOM   956  H  HG23 . THR A 1 62 ? 1.844   -8.055  -0.374  1.00 20.00 ? 90  THR A HG23 1 
ATOM   957  N  N    . GLU A 1 63 ? -1.502  -11.768 0.985   1.00 20.00 ? 91  GLU A N    1 
ATOM   958  C  CA   . GLU A 1 63 ? -1.871  -12.977 1.735   1.00 20.00 ? 91  GLU A CA   1 
ATOM   959  C  C    . GLU A 1 63 ? -1.078  -14.193 1.202   1.00 20.00 ? 91  GLU A C    1 
ATOM   960  O  O    . GLU A 1 63 ? -0.925  -15.192 1.908   1.00 20.00 ? 91  GLU A O    1 
ATOM   961  C  CB   . GLU A 1 63 ? -3.389  -13.214 1.669   1.00 20.00 ? 91  GLU A CB   1 
ATOM   962  C  CG   . GLU A 1 63 ? -4.159  -12.399 2.715   1.00 20.00 ? 91  GLU A CG   1 
ATOM   963  C  CD   . GLU A 1 63 ? -3.893  -12.921 4.140   1.00 20.00 ? 91  GLU A CD   1 
ATOM   964  O  OE1  . GLU A 1 63 ? -4.401  -14.014 4.492   1.00 20.00 ? 91  GLU A OE1  1 
ATOM   965  O  OE2  . GLU A 1 63 ? -3.171  -12.248 4.914   1.00 20.00 ? 91  GLU A OE2  1 
ATOM   966  H  H    . GLU A 1 63 ? -2.159  -11.398 0.310   1.00 20.00 ? 91  GLU A H    1 
ATOM   967  H  HA   . GLU A 1 63 ? -1.576  -12.856 2.779   1.00 20.00 ? 91  GLU A HA   1 
ATOM   968  H  HB2  . GLU A 1 63 ? -3.752  -12.943 0.681   1.00 20.00 ? 91  GLU A HB2  1 
ATOM   969  H  HB3  . GLU A 1 63 ? -3.603  -14.271 1.824   1.00 20.00 ? 91  GLU A HB3  1 
ATOM   970  H  HG2  . GLU A 1 63 ? -3.883  -11.345 2.631   1.00 20.00 ? 91  GLU A HG2  1 
ATOM   971  H  HG3  . GLU A 1 63 ? -5.227  -12.478 2.499   1.00 20.00 ? 91  GLU A HG3  1 
ATOM   972  N  N    . LEU A 1 64 ? -0.528  -14.098 -0.022  1.00 20.00 ? 92  LEU A N    1 
ATOM   973  C  CA   . LEU A 1 64 ? 0.319   -15.094 -0.687  1.00 20.00 ? 92  LEU A CA   1 
ATOM   974  C  C    . LEU A 1 64 ? 1.711   -14.499 -0.963  1.00 20.00 ? 92  LEU A C    1 
ATOM   975  O  O    . LEU A 1 64 ? 2.309   -14.633 -2.034  1.00 20.00 ? 92  LEU A O    1 
ATOM   976  C  CB   . LEU A 1 64 ? -0.365  -15.657 -1.943  1.00 20.00 ? 92  LEU A CB   1 
ATOM   977  C  CG   . LEU A 1 64 ? -1.516  -16.661 -1.712  1.00 20.00 ? 92  LEU A CG   1 
ATOM   978  C  CD1  . LEU A 1 64 ? -2.840  -16.016 -1.293  1.00 20.00 ? 92  LEU A CD1  1 
ATOM   979  C  CD2  . LEU A 1 64 ? -1.784  -17.424 -3.011  1.00 20.00 ? 92  LEU A CD2  1 
ATOM   980  H  H    . LEU A 1 64 ? -0.654  -13.224 -0.535  1.00 20.00 ? 92  LEU A H    1 
ATOM   981  H  HA   . LEU A 1 64 ? 0.521   -15.909 0.002   1.00 20.00 ? 92  LEU A HA   1 
ATOM   982  H  HB2  . LEU A 1 64 ? -0.709  -14.824 -2.553  1.00 20.00 ? 92  LEU A HB2  1 
ATOM   983  H  HB3  . LEU A 1 64 ? 0.407   -16.188 -2.496  1.00 20.00 ? 92  LEU A HB3  1 
ATOM   984  H  HG   . LEU A 1 64 ? -1.216  -17.382 -0.951  1.00 20.00 ? 92  LEU A HG   1 
ATOM   985  H  HD11 . LEU A 1 64 ? -3.631  -16.766 -1.279  1.00 20.00 ? 92  LEU A HD11 1 
ATOM   986  H  HD12 . LEU A 1 64 ? -2.757  -15.605 -0.293  1.00 20.00 ? 92  LEU A HD12 1 
ATOM   987  H  HD13 . LEU A 1 64 ? -3.107  -15.221 -1.990  1.00 20.00 ? 92  LEU A HD13 1 
ATOM   988  H  HD21 . LEU A 1 64 ? -2.571  -18.164 -2.853  1.00 20.00 ? 92  LEU A HD21 1 
ATOM   989  H  HD22 . LEU A 1 64 ? -2.091  -16.733 -3.796  1.00 20.00 ? 92  LEU A HD22 1 
ATOM   990  H  HD23 . LEU A 1 64 ? -0.881  -17.948 -3.325  1.00 20.00 ? 92  LEU A HD23 1 
ATOM   991  N  N    . TYR A 1 65 ? 2.238   -13.853 0.073   1.00 20.00 ? 93  TYR A N    1 
ATOM   992  C  CA   . TYR A 1 65 ? 3.558   -13.225 0.179   1.00 20.00 ? 93  TYR A CA   1 
ATOM   993  C  C    . TYR A 1 65 ? 4.730   -14.159 -0.154  1.00 20.00 ? 93  TYR A C    1 
ATOM   994  O  O    . TYR A 1 65 ? 5.852   -13.699 -0.376  1.00 20.00 ? 93  TYR A O    1 
ATOM   995  C  CB   . TYR A 1 65 ? 3.736   -12.641 1.589   1.00 20.00 ? 93  TYR A CB   1 
ATOM   996  C  CG   . TYR A 1 65 ? 3.617   -13.652 2.724   1.00 20.00 ? 93  TYR A CG   1 
ATOM   997  C  CD1  . TYR A 1 65 ? 2.359   -14.173 3.098   1.00 20.00 ? 93  TYR A CD1  1 
ATOM   998  C  CD2  . TYR A 1 65 ? 4.775   -14.078 3.405   1.00 20.00 ? 93  TYR A CD2  1 
ATOM   999  C  CE1  . TYR A 1 65 ? 2.258   -15.098 4.154   1.00 20.00 ? 93  TYR A CE1  1 
ATOM   1000 C  CE2  . TYR A 1 65 ? 4.677   -15.002 4.465   1.00 20.00 ? 93  TYR A CE2  1 
ATOM   1001 C  CZ   . TYR A 1 65 ? 3.416   -15.509 4.847   1.00 20.00 ? 93  TYR A CZ   1 
ATOM   1002 O  OH   . TYR A 1 65 ? 3.304   -16.385 5.882   1.00 20.00 ? 93  TYR A OH   1 
ATOM   1003 H  H    . TYR A 1 65 ? 1.658   -13.818 0.890   1.00 20.00 ? 93  TYR A H    1 
ATOM   1004 H  HA   . TYR A 1 65 ? 3.566   -12.418 -0.547  1.00 20.00 ? 93  TYR A HA   1 
ATOM   1005 H  HB2  . TYR A 1 65 ? 4.713   -12.157 1.640   1.00 20.00 ? 93  TYR A HB2  1 
ATOM   1006 H  HB3  . TYR A 1 65 ? 3.010   -11.847 1.745   1.00 20.00 ? 93  TYR A HB3  1 
ATOM   1007 H  HD1  . TYR A 1 65 ? 1.460   -13.879 2.571   1.00 20.00 ? 93  TYR A HD1  1 
ATOM   1008 H  HD2  . TYR A 1 65 ? 5.745   -13.691 3.119   1.00 20.00 ? 93  TYR A HD2  1 
ATOM   1009 H  HE1  . TYR A 1 65 ? 1.295   -15.501 4.429   1.00 20.00 ? 93  TYR A HE1  1 
ATOM   1010 H  HE2  . TYR A 1 65 ? 5.566   -15.318 4.992   1.00 20.00 ? 93  TYR A HE2  1 
ATOM   1011 H  HH   . TYR A 1 65 ? 4.173   -16.611 6.261   1.00 20.00 ? 93  TYR A HH   1 
ATOM   1012 N  N    . LEU A 1 66 ? 4.464   -15.464 -0.234  1.00 20.00 ? 94  LEU A N    1 
ATOM   1013 C  CA   . LEU A 1 66 ? 5.405   -16.508 -0.644  1.00 20.00 ? 94  LEU A CA   1 
ATOM   1014 C  C    . LEU A 1 66 ? 5.916   -16.281 -2.088  1.00 20.00 ? 94  LEU A C    1 
ATOM   1015 O  O    . LEU A 1 66 ? 6.982   -16.786 -2.447  1.00 20.00 ? 94  LEU A O    1 
ATOM   1016 C  CB   . LEU A 1 66 ? 4.734   -17.893 -0.506  1.00 20.00 ? 94  LEU A CB   1 
ATOM   1017 C  CG   . LEU A 1 66 ? 4.325   -18.372 0.906   1.00 20.00 ? 94  LEU A CG   1 
ATOM   1018 C  CD1  . LEU A 1 66 ? 5.454   -18.233 1.928   1.00 20.00 ? 94  LEU A CD1  1 
ATOM   1019 C  CD2  . LEU A 1 66 ? 3.078   -17.682 1.467   1.00 20.00 ? 94  LEU A CD2  1 
ATOM   1020 H  H    . LEU A 1 66 ? 3.510   -15.732 -0.036  1.00 20.00 ? 94  LEU A H    1 
ATOM   1021 H  HA   . LEU A 1 66 ? 6.277   -16.469 0.008   1.00 20.00 ? 94  LEU A HA   1 
ATOM   1022 H  HB2  . LEU A 1 66 ? 3.856   -17.926 -1.153  1.00 20.00 ? 94  LEU A HB2  1 
ATOM   1023 H  HB3  . LEU A 1 66 ? 5.437   -18.631 -0.895  1.00 20.00 ? 94  LEU A HB3  1 
ATOM   1024 H  HG   . LEU A 1 66 ? 4.086   -19.432 0.820   1.00 20.00 ? 94  LEU A HG   1 
ATOM   1025 H  HD11 . LEU A 1 66 ? 5.160   -18.711 2.863   1.00 20.00 ? 94  LEU A HD11 1 
ATOM   1026 H  HD12 . LEU A 1 66 ? 6.352   -18.722 1.551   1.00 20.00 ? 94  LEU A HD12 1 
ATOM   1027 H  HD13 . LEU A 1 66 ? 5.665   -17.182 2.122   1.00 20.00 ? 94  LEU A HD13 1 
ATOM   1028 H  HD21 . LEU A 1 66 ? 2.277   -17.699 0.727   1.00 20.00 ? 94  LEU A HD21 1 
ATOM   1029 H  HD22 . LEU A 1 66 ? 2.740   -18.220 2.352   1.00 20.00 ? 94  LEU A HD22 1 
ATOM   1030 H  HD23 . LEU A 1 66 ? 3.296   -16.658 1.761   1.00 20.00 ? 94  LEU A HD23 1 
ATOM   1031 N  N    . ASN A 1 67 ? 5.182   -15.506 -2.902  1.00 20.00 ? 95  ASN A N    1 
ATOM   1032 C  CA   . ASN A 1 67 ? 5.569   -15.100 -4.257  1.00 20.00 ? 95  ASN A CA   1 
ATOM   1033 C  C    . ASN A 1 67 ? 6.797   -14.174 -4.278  1.00 20.00 ? 95  ASN A C    1 
ATOM   1034 O  O    . ASN A 1 67 ? 7.361   -13.765 -3.264  1.00 20.00 ? 95  ASN A O    1 
ATOM   1035 C  CB   . ASN A 1 67 ? 4.344   -14.535 -5.003  1.00 20.00 ? 95  ASN A CB   1 
ATOM   1036 C  CG   . ASN A 1 67 ? 4.093   -13.048 -4.805  1.00 20.00 ? 95  ASN A CG   1 
ATOM   1037 O  OD1  . ASN A 1 67 ? 4.581   -12.225 -5.562  1.00 20.00 ? 95  ASN A OD1  1 
ATOM   1038 N  ND2  . ASN A 1 67 ? 3.318   -12.658 -3.822  1.00 20.00 ? 95  ASN A ND2  1 
ATOM   1039 H  H    . ASN A 1 67 ? 4.315   -15.133 -2.539  1.00 20.00 ? 95  ASN A H    1 
ATOM   1040 H  HA   . ASN A 1 67 ? 5.908   -15.968 -4.832  1.00 20.00 ? 95  ASN A HA   1 
ATOM   1041 H  HB2  . ASN A 1 67 ? 4.490   -14.693 -6.068  1.00 20.00 ? 95  ASN A HB2  1 
ATOM   1042 H  HB3  . ASN A 1 67 ? 3.457   -15.100 -4.737  1.00 20.00 ? 95  ASN A HB3  1 
ATOM   1043 H  HD21 . ASN A 1 67 ? 2.876   -13.340 -3.214  1.00 20.00 ? 95  ASN A HD21 1 
ATOM   1044 H  HD22 . ASN A 1 67 ? 3.155   -11.671 -3.712  1.00 20.00 ? 95  ASN A HD22 1 
ATOM   1045 N  N    . LEU A 1 68 ? 7.219   -13.906 -5.504  1.00 20.00 ? 96  LEU A N    1 
ATOM   1046 C  CA   . LEU A 1 68 ? 8.423   -13.171 -5.878  1.00 20.00 ? 96  LEU A CA   1 
ATOM   1047 C  C    . LEU A 1 68 ? 8.372   -11.658 -5.615  1.00 20.00 ? 96  LEU A C    1 
ATOM   1048 O  O    . LEU A 1 68 ? 9.314   -11.072 -5.081  1.00 20.00 ? 96  LEU A O    1 
ATOM   1049 C  CB   . LEU A 1 68 ? 8.573   -13.507 -7.369  1.00 20.00 ? 96  LEU A CB   1 
ATOM   1050 C  CG   . LEU A 1 68 ? 9.894   -13.159 -8.089  1.00 20.00 ? 96  LEU A CG   1 
ATOM   1051 C  CD1  . LEU A 1 68 ? 10.011  -11.680 -8.459  1.00 20.00 ? 96  LEU A CD1  1 
ATOM   1052 C  CD2  . LEU A 1 68 ? 11.133  -13.570 -7.292  1.00 20.00 ? 96  LEU A CD2  1 
ATOM   1053 H  H    . LEU A 1 68 ? 6.662   -14.304 -6.248  1.00 20.00 ? 96  LEU A H    1 
ATOM   1054 H  HA   . LEU A 1 68 ? 9.265   -13.582 -5.322  1.00 20.00 ? 96  LEU A HA   1 
ATOM   1055 H  HB2  . LEU A 1 68 ? 8.415   -14.583 -7.442  1.00 20.00 ? 96  LEU A HB2  1 
ATOM   1056 H  HB3  . LEU A 1 68 ? 7.737   -13.068 -7.912  1.00 20.00 ? 96  LEU A HB3  1 
ATOM   1057 H  HG   . LEU A 1 68 ? 9.902   -13.722 -9.023  1.00 20.00 ? 96  LEU A HG   1 
ATOM   1058 H  HD11 . LEU A 1 68 ? 10.874  -11.539 -9.111  1.00 20.00 ? 96  LEU A HD11 1 
ATOM   1059 H  HD12 . LEU A 1 68 ? 9.116   -11.361 -8.994  1.00 20.00 ? 96  LEU A HD12 1 
ATOM   1060 H  HD13 . LEU A 1 68 ? 10.143  -11.064 -7.573  1.00 20.00 ? 96  LEU A HD13 1 
ATOM   1061 H  HD21 . LEU A 1 68 ? 11.227  -12.961 -6.392  1.00 20.00 ? 96  LEU A HD21 1 
ATOM   1062 H  HD22 . LEU A 1 68 ? 11.058  -14.621 -7.013  1.00 20.00 ? 96  LEU A HD22 1 
ATOM   1063 H  HD23 . LEU A 1 68 ? 12.023  -13.432 -7.905  1.00 20.00 ? 96  LEU A HD23 1 
ATOM   1064 N  N    . GLU A 1 69 ? 7.270   -11.026 -6.006  1.00 20.00 ? 97  GLU A N    1 
ATOM   1065 C  CA   . GLU A 1 69 ? 7.036   -9.582  -5.895  1.00 20.00 ? 97  GLU A CA   1 
ATOM   1066 C  C    . GLU A 1 69 ? 6.716   -9.115  -4.461  1.00 20.00 ? 97  GLU A C    1 
ATOM   1067 O  O    . GLU A 1 69 ? 6.188   -9.857  -3.627  1.00 20.00 ? 97  GLU A O    1 
ATOM   1068 C  CB   . GLU A 1 69 ? 5.923   -9.188  -6.891  1.00 20.00 ? 97  GLU A CB   1 
ATOM   1069 C  CG   . GLU A 1 69 ? 5.694   -7.679  -7.084  1.00 20.00 ? 97  GLU A CG   1 
ATOM   1070 C  CD   . GLU A 1 69 ? 6.983   -6.943  -7.489  1.00 20.00 ? 97  GLU A CD   1 
ATOM   1071 O  OE1  . GLU A 1 69 ? 7.265   -6.820  -8.704  1.00 20.00 ? 97  GLU A OE1  1 
ATOM   1072 O  OE2  . GLU A 1 69 ? 7.722   -6.509  -6.573  1.00 20.00 ? 97  GLU A OE2  1 
ATOM   1073 H  H    . GLU A 1 69 ? 6.547   -11.602 -6.409  1.00 20.00 ? 97  GLU A H    1 
ATOM   1074 H  HA   . GLU A 1 69 ? 7.956   -9.078  -6.195  1.00 20.00 ? 97  GLU A HA   1 
ATOM   1075 H  HB2  . GLU A 1 69 ? 6.173   -9.609  -7.866  1.00 20.00 ? 97  GLU A HB2  1 
ATOM   1076 H  HB3  . GLU A 1 69 ? 4.984   -9.637  -6.568  1.00 20.00 ? 97  GLU A HB3  1 
ATOM   1077 H  HG2  . GLU A 1 69 ? 4.932   -7.541  -7.853  1.00 20.00 ? 97  GLU A HG2  1 
ATOM   1078 H  HG3  . GLU A 1 69 ? 5.293   -7.252  -6.162  1.00 20.00 ? 97  GLU A HG3  1 
ATOM   1079 N  N    . ARG A 1 70 ? 7.032   -7.845  -4.185  1.00 20.00 ? 98  ARG A N    1 
ATOM   1080 C  CA   . ARG A 1 70 ? 6.788   -7.135  -2.918  1.00 20.00 ? 98  ARG A CA   1 
ATOM   1081 C  C    . ARG A 1 70 ? 6.259   -5.720  -3.160  1.00 20.00 ? 98  ARG A C    1 
ATOM   1082 O  O    . ARG A 1 70 ? 5.181   -5.374  -2.677  1.00 20.00 ? 98  ARG A O    1 
ATOM   1083 C  CB   . ARG A 1 70 ? 8.076   -7.069  -2.066  1.00 20.00 ? 98  ARG A CB   1 
ATOM   1084 C  CG   . ARG A 1 70 ? 8.359   -8.322  -1.226  1.00 20.00 ? 98  ARG A CG   1 
ATOM   1085 C  CD   . ARG A 1 70 ? 9.161   -9.402  -1.960  1.00 20.00 ? 98  ARG A CD   1 
ATOM   1086 N  NE   . ARG A 1 70 ? 9.270   -10.628 -1.147  1.00 20.00 ? 98  ARG A NE   1 
ATOM   1087 C  CZ   . ARG A 1 70 ? 8.316   -11.521 -0.948  1.00 20.00 ? 98  ARG A CZ   1 
ATOM   1088 N  NH1  . ARG A 1 70 ? 7.134   -11.428 -1.476  1.00 20.00 ? 98  ARG A NH1  1 
ATOM   1089 N  NH2  . ARG A 1 70 ? 8.511   -12.557 -0.187  1.00 20.00 ? 98  ARG A NH2  1 
ATOM   1090 H  H    . ARG A 1 70 ? 7.453   -7.327  -4.956  1.00 20.00 ? 98  ARG A H    1 
ATOM   1091 H  HA   . ARG A 1 70 ? 6.009   -7.647  -2.357  1.00 20.00 ? 98  ARG A HA   1 
ATOM   1092 H  HB2  . ARG A 1 70 ? 8.932   -6.840  -2.704  1.00 20.00 ? 98  ARG A HB2  1 
ATOM   1093 H  HB3  . ARG A 1 70 ? 7.967   -6.246  -1.358  1.00 20.00 ? 98  ARG A HB3  1 
ATOM   1094 H  HG2  . ARG A 1 70 ? 8.933   -8.022  -0.347  1.00 20.00 ? 98  ARG A HG2  1 
ATOM   1095 H  HG3  . ARG A 1 70 ? 7.412   -8.732  -0.879  1.00 20.00 ? 98  ARG A HG3  1 
ATOM   1096 H  HD2  . ARG A 1 70 ? 8.694   -9.641  -2.912  1.00 20.00 ? 98  ARG A HD2  1 
ATOM   1097 H  HD3  . ARG A 1 70 ? 10.161  -9.016  -2.170  1.00 20.00 ? 98  ARG A HD3  1 
ATOM   1098 H  HE   . ARG A 1 70 ? 10.155  -10.802 -0.695  1.00 20.00 ? 98  ARG A HE   1 
ATOM   1099 H  HH11 . ARG A 1 70 ? 6.936   -10.727 -2.180  1.00 20.00 ? 98  ARG A HH11 1 
ATOM   1100 H  HH12 . ARG A 1 70 ? 6.515   -12.218 -1.365  1.00 20.00 ? 98  ARG A HH12 1 
ATOM   1101 H  HH21 . ARG A 1 70 ? 9.399   -12.714 0.259   1.00 20.00 ? 98  ARG A HH21 1 
ATOM   1102 H  HH22 . ARG A 1 70 ? 7.751   -13.216 -0.082  1.00 20.00 ? 98  ARG A HH22 1 
ATOM   1103 N  N    . ILE A 1 71 ? 7.008   -4.921  -3.919  1.00 20.00 ? 99  ILE A N    1 
ATOM   1104 C  CA   . ILE A 1 71 ? 6.718   -3.517  -4.246  1.00 20.00 ? 99  ILE A CA   1 
ATOM   1105 C  C    . ILE A 1 71 ? 6.952   -3.300  -5.755  1.00 20.00 ? 99  ILE A C    1 
ATOM   1106 O  O    . ILE A 1 71 ? 8.086   -3.030  -6.166  1.00 20.00 ? 99  ILE A O    1 
ATOM   1107 C  CB   . ILE A 1 71 ? 7.574   -2.568  -3.365  1.00 20.00 ? 99  ILE A CB   1 
ATOM   1108 C  CG1  . ILE A 1 71 ? 7.383   -2.869  -1.858  1.00 20.00 ? 99  ILE A CG1  1 
ATOM   1109 C  CG2  . ILE A 1 71 ? 7.197   -1.106  -3.672  1.00 20.00 ? 99  ILE A CG2  1 
ATOM   1110 C  CD1  . ILE A 1 71 ? 8.106   -1.918  -0.892  1.00 20.00 ? 99  ILE A CD1  1 
ATOM   1111 H  H    . ILE A 1 71 ? 7.869   -5.305  -4.278  1.00 20.00 ? 99  ILE A H    1 
ATOM   1112 H  HA   . ILE A 1 71 ? 5.677   -3.301  -4.021  1.00 20.00 ? 99  ILE A HA   1 
ATOM   1113 H  HB   . ILE A 1 71 ? 8.625   -2.729  -3.610  1.00 20.00 ? 99  ILE A HB   1 
ATOM   1114 H  HG12 . ILE A 1 71 ? 6.318   -2.863  -1.627  1.00 20.00 ? 99  ILE A HG12 1 
ATOM   1115 H  HG13 . ILE A 1 71 ? 7.763   -3.867  -1.646  1.00 20.00 ? 99  ILE A HG13 1 
ATOM   1116 H  HG21 . ILE A 1 71 ? 7.316   -0.886  -4.731  1.00 20.00 ? 99  ILE A HG21 1 
ATOM   1117 H  HG22 . ILE A 1 71 ? 6.162   -0.927  -3.385  1.00 20.00 ? 99  ILE A HG22 1 
ATOM   1118 H  HG23 . ILE A 1 71 ? 7.847   -0.420  -3.130  1.00 20.00 ? 99  ILE A HG23 1 
ATOM   1119 H  HD11 . ILE A 1 71 ? 7.668   -0.922  -0.933  1.00 20.00 ? 99  ILE A HD11 1 
ATOM   1120 H  HD12 . ILE A 1 71 ? 8.005   -2.295  0.126   1.00 20.00 ? 99  ILE A HD12 1 
ATOM   1121 H  HD13 . ILE A 1 71 ? 9.165   -1.864  -1.148  1.00 20.00 ? 99  ILE A HD13 1 
ATOM   1122 N  N    . PRO A 1 72 ? 5.906   -3.402  -6.605  1.00 20.00 ? 100 PRO A N    1 
ATOM   1123 C  CA   . PRO A 1 72 ? 6.007   -3.270  -8.067  1.00 20.00 ? 100 PRO A CA   1 
ATOM   1124 C  C    . PRO A 1 72 ? 6.244   -1.842  -8.593  1.00 20.00 ? 100 PRO A C    1 
ATOM   1125 O  O    . PRO A 1 72 ? 5.896   -1.499  -9.725  1.00 20.00 ? 100 PRO A O    1 
ATOM   1126 C  CB   . PRO A 1 72 ? 4.726   -3.924  -8.605  1.00 20.00 ? 100 PRO A CB   1 
ATOM   1127 C  CG   . PRO A 1 72 ? 3.705   -3.596  -7.520  1.00 20.00 ? 100 PRO A CG   1 
ATOM   1128 C  CD   . PRO A 1 72 ? 4.528   -3.707  -6.237  1.00 20.00 ? 100 PRO A CD   1 
ATOM   1129 H  HA   . PRO A 1 72 ? 6.884   -3.828  -8.375  1.00 20.00 ? 100 PRO A HA   1 
ATOM   1130 H  HB2  . PRO A 1 72 ? 4.418   -3.545  -9.580  1.00 20.00 ? 100 PRO A HB2  1 
ATOM   1131 H  HB3  . PRO A 1 72 ? 4.863   -5.005  -8.655  1.00 20.00 ? 100 PRO A HB3  1 
ATOM   1132 H  HG2  . PRO A 1 72 ? 3.353   -2.570  -7.644  1.00 20.00 ? 100 PRO A HG2  1 
ATOM   1133 H  HG3  . PRO A 1 72 ? 2.867   -4.294  -7.526  1.00 20.00 ? 100 PRO A HG3  1 
ATOM   1134 H  HD2  . PRO A 1 72 ? 4.146   -3.001  -5.499  1.00 20.00 ? 100 PRO A HD2  1 
ATOM   1135 H  HD3  . PRO A 1 72 ? 4.475   -4.727  -5.854  1.00 20.00 ? 100 PRO A HD3  1 
ATOM   1136 N  N    . TRP A 1 73 ? 6.888   -1.021  -7.768  1.00 20.00 ? 101 TRP A N    1 
ATOM   1137 C  CA   . TRP A 1 73 ? 7.269   0.370   -8.018  1.00 20.00 ? 101 TRP A CA   1 
ATOM   1138 C  C    . TRP A 1 73 ? 8.796   0.571   -7.945  1.00 20.00 ? 101 TRP A C    1 
ATOM   1139 O  O    . TRP A 1 73 ? 9.293   1.632   -8.329  1.00 20.00 ? 101 TRP A O    1 
ATOM   1140 C  CB   . TRP A 1 73 ? 6.546   1.269   -7.000  1.00 20.00 ? 101 TRP A CB   1 
ATOM   1141 C  CG   . TRP A 1 73 ? 5.090   0.974   -6.764  1.00 20.00 ? 101 TRP A CG   1 
ATOM   1142 C  CD1  . TRP A 1 73 ? 4.533   0.706   -5.558  1.00 20.00 ? 101 TRP A CD1  1 
ATOM   1143 C  CD2  . TRP A 1 73 ? 3.995   0.880   -7.732  1.00 20.00 ? 101 TRP A CD2  1 
ATOM   1144 N  NE1  . TRP A 1 73 ? 3.190   0.426   -5.713  1.00 20.00 ? 101 TRP A NE1  1 
ATOM   1145 C  CE2  . TRP A 1 73 ? 2.806   0.516   -7.031  1.00 20.00 ? 101 TRP A CE2  1 
ATOM   1146 C  CE3  . TRP A 1 73 ? 3.879   1.052   -9.131  1.00 20.00 ? 101 TRP A CE3  1 
ATOM   1147 C  CZ2  . TRP A 1 73 ? 1.580   0.318   -7.676  1.00 20.00 ? 101 TRP A CZ2  1 
ATOM   1148 C  CZ3  . TRP A 1 73 ? 2.648   0.860   -9.790  1.00 20.00 ? 101 TRP A CZ3  1 
ATOM   1149 C  CH2  . TRP A 1 73 ? 1.499   0.491   -9.067  1.00 20.00 ? 101 TRP A CH2  1 
ATOM   1150 H  H    . TRP A 1 73 ? 7.153   -1.430  -6.887  1.00 20.00 ? 101 TRP A H    1 
ATOM   1151 H  HA   . TRP A 1 73 ? 6.953   0.652   -9.022  1.00 20.00 ? 101 TRP A HA   1 
ATOM   1152 H  HB2  . TRP A 1 73 ? 7.063   1.172   -6.045  1.00 20.00 ? 101 TRP A HB2  1 
ATOM   1153 H  HB3  . TRP A 1 73 ? 6.639   2.308   -7.319  1.00 20.00 ? 101 TRP A HB3  1 
ATOM   1154 H  HD1  . TRP A 1 73 ? 5.067   0.700   -4.615  1.00 20.00 ? 101 TRP A HD1  1 
ATOM   1155 H  HE1  . TRP A 1 73 ? 2.562   0.182   -4.946  1.00 20.00 ? 101 TRP A HE1  1 
ATOM   1156 H  HE3  . TRP A 1 73 ? 4.754   1.326   -9.703  1.00 20.00 ? 101 TRP A HE3  1 
ATOM   1157 H  HZ2  . TRP A 1 73 ? 0.716   0.030   -7.101  1.00 20.00 ? 101 TRP A HZ2  1 
ATOM   1158 H  HZ3  . TRP A 1 73 ? 2.584   0.993   -10.864 1.00 20.00 ? 101 TRP A HZ3  1 
ATOM   1159 H  HH2  . TRP A 1 73 ? 0.556   0.341   -9.580  1.00 20.00 ? 101 TRP A HH2  1 
ATOM   1160 N  N    . VAL A 1 74 ? 9.540   -0.441  -7.474  1.00 20.00 ? 102 VAL A N    1 
ATOM   1161 C  CA   . VAL A 1 74 ? 11.012  -0.427  -7.327  1.00 20.00 ? 102 VAL A CA   1 
ATOM   1162 C  C    . VAL A 1 74 ? 11.718  -1.054  -8.528  1.00 20.00 ? 102 VAL A C    1 
ATOM   1163 O  O    . VAL A 1 74 ? 12.814  -0.622  -8.890  1.00 20.00 ? 102 VAL A O    1 
ATOM   1164 C  CB   . VAL A 1 74 ? 11.418  -1.117  -6.003  1.00 20.00 ? 102 VAL A CB   1 
ATOM   1165 C  CG1  . VAL A 1 74 ? 12.936  -1.180  -5.785  1.00 20.00 ? 102 VAL A CG1  1 
ATOM   1166 C  CG2  . VAL A 1 74 ? 10.824  -0.370  -4.799  1.00 20.00 ? 102 VAL A CG2  1 
ATOM   1167 H  H    . VAL A 1 74 ? 9.053   -1.283  -7.186  1.00 20.00 ? 102 VAL A H    1 
ATOM   1168 H  HA   . VAL A 1 74 ? 11.369  0.596   -7.299  1.00 20.00 ? 102 VAL A HA   1 
ATOM   1169 H  HB   . VAL A 1 74 ? 11.030  -2.136  -6.003  1.00 20.00 ? 102 VAL A HB   1 
ATOM   1170 H  HG11 . VAL A 1 74 ? 13.365  -0.180  -5.845  1.00 20.00 ? 102 VAL A HG11 1 
ATOM   1171 H  HG12 . VAL A 1 74 ? 13.153  -1.605  -4.806  1.00 20.00 ? 102 VAL A HG12 1 
ATOM   1172 H  HG13 . VAL A 1 74 ? 13.399  -1.819  -6.537  1.00 20.00 ? 102 VAL A HG13 1 
ATOM   1173 H  HG21 . VAL A 1 74 ? 11.196  0.655   -4.773  1.00 20.00 ? 102 VAL A HG21 1 
ATOM   1174 H  HG22 . VAL A 1 74 ? 9.738   -0.351  -4.861  1.00 20.00 ? 102 VAL A HG22 1 
ATOM   1175 H  HG23 . VAL A 1 74 ? 11.101  -0.875  -3.874  1.00 20.00 ? 102 VAL A HG23 1 
ATOM   1176 N  N    . VAL A 1 75 ? 11.089  -2.028  -9.192  1.00 20.00 ? 103 VAL A N    1 
ATOM   1177 C  CA   . VAL A 1 75 ? 11.647  -2.656  -10.396 1.00 20.00 ? 103 VAL A CA   1 
ATOM   1178 C  C    . VAL A 1 75 ? 11.397  -1.744  -11.601 1.00 20.00 ? 103 VAL A C    1 
ATOM   1179 O  O    . VAL A 1 75 ? 10.245  -1.460  -11.938 1.00 20.00 ? 103 VAL A O    1 
ATOM   1180 C  CB   . VAL A 1 75 ? 11.061  -4.066  -10.628 1.00 20.00 ? 103 VAL A CB   1 
ATOM   1181 C  CG1  . VAL A 1 75 ? 11.670  -4.731  -11.871 1.00 20.00 ? 103 VAL A CG1  1 
ATOM   1182 C  CG2  . VAL A 1 75 ? 11.341  -4.985  -9.430  1.00 20.00 ? 103 VAL A CG2  1 
ATOM   1183 H  H    . VAL A 1 75 ? 10.174  -2.311  -8.878  1.00 20.00 ? 103 VAL A H    1 
ATOM   1184 H  HA   . VAL A 1 75 ? 12.722  -2.743  -10.241 1.00 20.00 ? 103 VAL A HA   1 
ATOM   1185 H  HB   . VAL A 1 75 ? 9.982   -3.994  -10.762 1.00 20.00 ? 103 VAL A HB   1 
ATOM   1186 H  HG11 . VAL A 1 75 ? 11.414  -4.166  -12.768 1.00 20.00 ? 103 VAL A HG11 1 
ATOM   1187 H  HG12 . VAL A 1 75 ? 12.755  -4.787  -11.778 1.00 20.00 ? 103 VAL A HG12 1 
ATOM   1188 H  HG13 . VAL A 1 75 ? 11.269  -5.739  -11.984 1.00 20.00 ? 103 VAL A HG13 1 
ATOM   1189 H  HG21 . VAL A 1 75 ? 10.942  -5.980  -9.627  1.00 20.00 ? 103 VAL A HG21 1 
ATOM   1190 H  HG22 . VAL A 1 75 ? 12.414  -5.057  -9.254  1.00 20.00 ? 103 VAL A HG22 1 
ATOM   1191 H  HG23 . VAL A 1 75 ? 10.855  -4.600  -8.534  1.00 20.00 ? 103 VAL A HG23 1 
ATOM   1192 N  N    . ARG A 1 76 ? 12.475  -1.270  -12.238 1.00 20.00 ? 104 ARG A N    1 
ATOM   1193 C  CA   . ARG A 1 76 ? 12.463  -0.343  -13.390 1.00 20.00 ? 104 ARG A CA   1 
ATOM   1194 C  C    . ARG A 1 76 ? 13.495  -0.758  -14.451 1.00 20.00 ? 104 ARG A C    1 
ATOM   1195 O  O    . ARG A 1 76 ? 14.496  -1.406  -14.124 1.00 20.00 ? 104 ARG A O    1 
ATOM   1196 C  CB   . ARG A 1 76 ? 12.783  1.086   -12.897 1.00 20.00 ? 104 ARG A CB   1 
ATOM   1197 C  CG   . ARG A 1 76 ? 11.859  1.660   -11.807 1.00 20.00 ? 104 ARG A CG   1 
ATOM   1198 C  CD   . ARG A 1 76 ? 10.421  1.907   -12.280 1.00 20.00 ? 104 ARG A CD   1 
ATOM   1199 N  NE   . ARG A 1 76 ? 9.582   2.378   -11.159 1.00 20.00 ? 104 ARG A NE   1 
ATOM   1200 C  CZ   . ARG A 1 76 ? 8.473   3.088   -11.223 1.00 20.00 ? 104 ARG A CZ   1 
ATOM   1201 N  NH1  . ARG A 1 76 ? 7.933   3.453   -12.351 1.00 20.00 ? 104 ARG A NH1  1 
ATOM   1202 N  NH2  . ARG A 1 76 ? 7.883   3.442   -10.119 1.00 20.00 ? 104 ARG A NH2  1 
ATOM   1203 H  H    . ARG A 1 76 ? 13.383  -1.544  -11.885 1.00 20.00 ? 104 ARG A H    1 
ATOM   1204 H  HA   . ARG A 1 76 ? 11.479  -0.355  -13.863 1.00 20.00 ? 104 ARG A HA   1 
ATOM   1205 H  HB2  . ARG A 1 76 ? 13.798  1.080   -12.494 1.00 20.00 ? 104 ARG A HB2  1 
ATOM   1206 H  HB3  . ARG A 1 76 ? 12.773  1.768   -13.749 1.00 20.00 ? 104 ARG A HB3  1 
ATOM   1207 H  HG2  . ARG A 1 76 ? 11.848  0.994   -10.946 1.00 20.00 ? 104 ARG A HG2  1 
ATOM   1208 H  HG3  . ARG A 1 76 ? 12.275  2.614   -11.478 1.00 20.00 ? 104 ARG A HG3  1 
ATOM   1209 H  HD2  . ARG A 1 76 ? 10.444  2.653   -13.077 1.00 20.00 ? 104 ARG A HD2  1 
ATOM   1210 H  HD3  . ARG A 1 76 ? 10.000  0.983   -12.676 1.00 20.00 ? 104 ARG A HD3  1 
ATOM   1211 H  HE   . ARG A 1 76 ? 9.874   2.121   -10.226 1.00 20.00 ? 104 ARG A HE   1 
ATOM   1212 H  HH11 . ARG A 1 76 ? 8.364   3.171   -13.215 1.00 20.00 ? 104 ARG A HH11 1 
ATOM   1213 H  HH12 . ARG A 1 76 ? 7.085   3.992   -12.365 1.00 20.00 ? 104 ARG A HH12 1 
ATOM   1214 H  HH21 . ARG A 1 76 ? 8.295   3.155   -9.240  1.00 20.00 ? 104 ARG A HH21 1 
ATOM   1215 H  HH22 . ARG A 1 76 ? 7.052   4.008   -10.136 1.00 20.00 ? 104 ARG A HH22 1 
ATOM   1216 N  N    . LYS A 1 77 ? 13.264  -0.362  -15.708 1.00 20.00 ? 105 LYS A N    1 
ATOM   1217 C  CA   . LYS A 1 77 ? 14.131  -0.620  -16.877 1.00 20.00 ? 105 LYS A CA   1 
ATOM   1218 C  C    . LYS A 1 77 ? 13.968  0.473   -17.944 1.00 20.00 ? 105 LYS A C    1 
ATOM   1219 O  O    . LYS A 1 77 ? 12.812  0.791   -18.309 1.00 20.00 ? 105 LYS A O    1 
ATOM   1220 C  CB   . LYS A 1 77 ? 13.831  -2.024  -17.439 1.00 20.00 ? 105 LYS A CB   1 
ATOM   1221 C  CG   . LYS A 1 77 ? 14.843  -2.446  -18.517 1.00 20.00 ? 105 LYS A CG   1 
ATOM   1222 C  CD   . LYS A 1 77 ? 14.580  -3.884  -18.992 1.00 20.00 ? 105 LYS A CD   1 
ATOM   1223 C  CE   . LYS A 1 77 ? 15.622  -4.368  -20.012 1.00 20.00 ? 105 LYS A CE   1 
ATOM   1224 N  NZ   . LYS A 1 77 ? 15.505  -3.676  -21.324 1.00 20.00 ? 105 LYS A NZ   1 
ATOM   1225 O  OXT  . LYS A 1 77 ? 14.999  1.029   -18.387 1.00 20.00 ? 105 LYS A OXT  1 
ATOM   1226 H  H    . LYS A 1 77 ? 12.426  0.179   -15.874 1.00 20.00 ? 105 LYS A H    1 
ATOM   1227 H  HA   . LYS A 1 77 ? 15.173  -0.594  -16.553 1.00 20.00 ? 105 LYS A HA   1 
ATOM   1228 H  HB2  . LYS A 1 77 ? 13.877  -2.749  -16.625 1.00 20.00 ? 105 LYS A HB2  1 
ATOM   1229 H  HB3  . LYS A 1 77 ? 12.824  -2.045  -17.859 1.00 20.00 ? 105 LYS A HB3  1 
ATOM   1230 H  HG2  . LYS A 1 77 ? 14.770  -1.765  -19.365 1.00 20.00 ? 105 LYS A HG2  1 
ATOM   1231 H  HG3  . LYS A 1 77 ? 15.851  -2.389  -18.102 1.00 20.00 ? 105 LYS A HG3  1 
ATOM   1232 H  HD2  . LYS A 1 77 ? 14.621  -4.548  -18.127 1.00 20.00 ? 105 LYS A HD2  1 
ATOM   1233 H  HD3  . LYS A 1 77 ? 13.580  -3.952  -19.425 1.00 20.00 ? 105 LYS A HD3  1 
ATOM   1234 H  HE2  . LYS A 1 77 ? 16.621  -4.219  -19.593 1.00 20.00 ? 105 LYS A HE2  1 
ATOM   1235 H  HE3  . LYS A 1 77 ? 15.484  -5.444  -20.156 1.00 20.00 ? 105 LYS A HE3  1 
ATOM   1236 H  HZ1  . LYS A 1 77 ? 15.664  -2.683  -21.235 1.00 20.00 ? 105 LYS A HZ1  1 
ATOM   1237 H  HZ2  . LYS A 1 77 ? 16.184  -4.034  -21.982 1.00 20.00 ? 105 LYS A HZ2  1 
ATOM   1238 H  HZ3  . LYS A 1 77 ? 14.589  -3.813  -21.730 1.00 20.00 ? 105 LYS A HZ3  1 
HETATM 1239 ZN ZN   . ZN  B 2 .  ? -0.804  4.783   3.685   1.00 20.00 ? 106 ZN  A ZN   1 
HETATM 1240 ZN ZN   . ZN  C 2 .  ? -5.428  3.366   -5.769  1.00 20.00 ? 107 ZN  A ZN   1 
# 
